data_6AT7
#
_entry.id   6AT7
#
_cell.length_a   126.304
_cell.length_b   126.304
_cell.length_c   337.477
_cell.angle_alpha   90.00
_cell.angle_beta   90.00
_cell.angle_gamma   90.00
#
_symmetry.space_group_name_H-M   'I 41 2 2'
#
loop_
_entity.id
_entity.type
_entity.pdbx_description
1 polymer 'Phenylalanine ammonia-lyase'
2 non-polymer 'AMMONIUM ION'
3 water water
#
_entity_poly.entity_id   1
_entity_poly.type   'polypeptide(L)'
_entity_poly.pdbx_seq_one_letter_code
;MAGNGAIVESDPLNWGAAAAELSGSHLDEVKRMVAQARQPVVKIEGSTLRVGQVAAVASAKDASGVAVELDEEARPRVKA
SSEWILDCIAHGGDIYGVTTGFGGTSHRRTKDGPALQVELLRHLNAGIFGTGSDGHTLPSEVVRAAMLVRINTLLQGYSG
IRFEILEAITKLLNTGVSPCLPLRGTIT(MDO)DLVPLSYIAGLITGRPNAQATTVDGRKVDAAEAFKIAGIEGGFFKLN
PKEGLAIVNGTSVGSALAATVMYDANVLAVLSEVLSAIFCEVMNGKPEYTDHLTHKLKHHPGSIEAAAIMEHILDGSAFM
KHAKKVNELDPLLKPKQDRYALRTSPQWLGPQIEVLRAATKSIEREVNSVNDNPVIDVHRGKALHGGNFQGTPIGVSMDN
ARLAIANIGKLMFAQFSELVNEFYNNGLTSNLAGSRNPSLDYGFKGTEIAMASYCSELQYLGNPITNHVQSAEQHNQDVN
SLGLVSARKTAEAIDILKLMSSTYIVALCQAIDLRHLEENIKTSVKNTVTQVAKKVLTMNPSGDLSSARFSEKELITAID
REGVFTYAEDPASASLPLMTKLRAVLVDHALSSGDAEREPSVFSKITKFEEELRAVLPREVEAARVAVAEGTAPVANRIA
DSRSFPLYRFVREELGCVFLTGEKLKSPGEECTKVFNGINQGKLVDPMLECLKEWDGKPLPINVVN
;
_entity_poly.pdbx_strand_id   A,B
#
# COMPACT_ATOMS: atom_id res chain seq x y z
N GLU A 9 -28.26 3.09 6.97
CA GLU A 9 -28.13 2.45 5.67
C GLU A 9 -27.77 0.97 5.83
N SER A 10 -28.01 0.18 4.79
CA SER A 10 -27.69 -1.24 4.80
C SER A 10 -26.27 -1.46 4.26
N ASP A 11 -25.69 -2.60 4.64
CA ASP A 11 -24.28 -2.90 4.36
C ASP A 11 -24.16 -4.34 3.90
N PRO A 12 -24.69 -4.65 2.71
CA PRO A 12 -24.76 -6.06 2.29
C PRO A 12 -23.42 -6.70 1.99
N LEU A 13 -22.39 -5.91 1.64
CA LEU A 13 -21.10 -6.46 1.28
C LEU A 13 -20.01 -6.14 2.31
N ASN A 14 -20.37 -5.51 3.43
CA ASN A 14 -19.49 -5.26 4.58
C ASN A 14 -18.54 -4.07 4.38
N TRP A 15 -18.70 -3.29 3.31
CA TRP A 15 -17.84 -2.12 3.14
C TRP A 15 -18.05 -1.08 4.24
N GLY A 16 -19.29 -0.94 4.73
CA GLY A 16 -19.55 0.07 5.75
C GLY A 16 -18.92 -0.26 7.08
N ALA A 17 -18.91 -1.54 7.45
CA ALA A 17 -18.28 -1.93 8.71
C ALA A 17 -16.76 -1.76 8.63
N ALA A 18 -16.18 -2.06 7.47
CA ALA A 18 -14.74 -1.83 7.30
C ALA A 18 -14.42 -0.33 7.32
N ALA A 19 -15.24 0.49 6.67
CA ALA A 19 -14.99 1.93 6.67
C ALA A 19 -15.11 2.52 8.07
N ALA A 20 -16.09 2.04 8.86
CA ALA A 20 -16.27 2.59 10.20
C ALA A 20 -15.06 2.32 11.08
N GLU A 21 -14.32 1.24 10.82
CA GLU A 21 -13.10 0.99 11.56
C GLU A 21 -12.06 2.08 11.33
N LEU A 22 -12.08 2.71 10.17
CA LEU A 22 -11.14 3.76 9.82
C LEU A 22 -11.65 5.14 10.18
N SER A 23 -12.83 5.24 10.77
CA SER A 23 -13.23 6.47 11.42
C SER A 23 -12.48 6.62 12.74
N GLY A 24 -12.63 7.79 13.35
CA GLY A 24 -11.89 8.07 14.56
C GLY A 24 -10.43 8.32 14.28
N SER A 25 -9.76 8.99 15.21
CA SER A 25 -8.37 9.38 15.00
C SER A 25 -7.44 8.19 15.18
N HIS A 26 -6.24 8.33 14.63
CA HIS A 26 -5.22 7.29 14.81
C HIS A 26 -4.74 7.24 16.25
N LEU A 27 -4.58 8.40 16.89
CA LEU A 27 -4.06 8.42 18.25
C LEU A 27 -5.01 7.73 19.22
N ASP A 28 -6.31 7.93 19.07
CA ASP A 28 -7.26 7.23 19.93
C ASP A 28 -7.23 5.74 19.65
N GLU A 29 -7.19 5.36 18.37
CA GLU A 29 -6.99 3.97 17.99
C GLU A 29 -5.74 3.40 18.65
N VAL A 30 -4.66 4.18 18.69
CA VAL A 30 -3.40 3.68 19.26
C VAL A 30 -3.51 3.60 20.77
N LYS A 31 -4.17 4.57 21.40
CA LYS A 31 -4.33 4.52 22.86
C LYS A 31 -5.11 3.29 23.29
N ARG A 32 -6.19 2.97 22.58
CA ARG A 32 -6.95 1.77 22.89
C ARG A 32 -6.09 0.53 22.71
N MET A 33 -5.26 0.52 21.67
CA MET A 33 -4.42 -0.64 21.38
C MET A 33 -3.41 -0.87 22.50
N VAL A 34 -2.78 0.21 22.99
CA VAL A 34 -1.81 0.08 24.06
C VAL A 34 -2.47 -0.37 25.35
N ALA A 35 -3.68 0.13 25.64
CA ALA A 35 -4.39 -0.29 26.83
C ALA A 35 -4.69 -1.79 26.80
N GLN A 36 -5.18 -2.28 25.65
CA GLN A 36 -5.47 -3.71 25.54
C GLN A 36 -4.21 -4.55 25.71
N ALA A 37 -3.07 -4.04 25.21
CA ALA A 37 -1.81 -4.76 25.37
C ALA A 37 -1.37 -4.89 26.82
N ARG A 38 -2.03 -4.20 27.75
CA ARG A 38 -1.65 -4.21 29.15
C ARG A 38 -2.67 -4.90 30.03
N GLN A 39 -3.74 -5.43 29.46
CA GLN A 39 -4.70 -6.20 30.24
C GLN A 39 -4.07 -7.54 30.62
N PRO A 40 -4.23 -7.98 31.87
CA PRO A 40 -3.61 -9.25 32.29
C PRO A 40 -4.36 -10.50 31.85
N VAL A 41 -5.59 -10.37 31.36
CA VAL A 41 -6.33 -11.50 30.82
C VAL A 41 -6.75 -11.16 29.40
N VAL A 42 -6.63 -12.13 28.51
CA VAL A 42 -7.13 -12.04 27.14
C VAL A 42 -8.18 -13.13 26.98
N LYS A 43 -9.43 -12.72 26.79
CA LYS A 43 -10.55 -13.64 26.67
C LYS A 43 -11.01 -13.66 25.22
N ILE A 44 -10.95 -14.84 24.60
CA ILE A 44 -11.18 -14.97 23.17
C ILE A 44 -12.47 -15.75 22.94
N GLU A 45 -13.22 -15.33 21.92
CA GLU A 45 -14.43 -16.03 21.50
C GLU A 45 -14.60 -16.01 19.99
N GLY A 46 -13.58 -15.63 19.24
CA GLY A 46 -13.57 -15.77 17.80
C GLY A 46 -14.00 -14.56 17.00
N SER A 47 -14.13 -13.38 17.63
CA SER A 47 -14.57 -12.23 16.87
C SER A 47 -14.12 -10.89 17.44
N THR A 48 -13.36 -10.86 18.54
CA THR A 48 -12.93 -9.59 19.13
C THR A 48 -11.43 -9.53 19.36
N LEU A 49 -10.66 -10.46 18.80
CA LEU A 49 -9.21 -10.46 19.01
C LEU A 49 -8.57 -9.31 18.26
N ARG A 50 -7.86 -8.45 18.97
CA ARG A 50 -7.21 -7.27 18.41
C ARG A 50 -5.71 -7.38 18.59
N VAL A 51 -4.97 -6.55 17.85
CA VAL A 51 -3.52 -6.76 17.76
C VAL A 51 -2.85 -6.48 19.09
N GLY A 52 -3.41 -5.59 19.91
CA GLY A 52 -2.85 -5.37 21.23
C GLY A 52 -2.87 -6.61 22.10
N GLN A 53 -3.91 -7.44 21.94
CA GLN A 53 -4.02 -8.66 22.73
C GLN A 53 -3.06 -9.73 22.22
N VAL A 54 -2.90 -9.82 20.89
CA VAL A 54 -1.95 -10.78 20.33
C VAL A 54 -0.54 -10.43 20.76
N ALA A 55 -0.20 -9.14 20.76
CA ALA A 55 1.12 -8.72 21.18
C ALA A 55 1.32 -8.93 22.68
N ALA A 56 0.26 -8.83 23.47
CA ALA A 56 0.38 -9.07 24.91
C ALA A 56 0.70 -10.54 25.18
N VAL A 57 -0.03 -11.45 24.55
CA VAL A 57 0.25 -12.88 24.73
C VAL A 57 1.63 -13.22 24.20
N ALA A 58 2.01 -12.64 23.06
CA ALA A 58 3.25 -13.02 22.42
C ALA A 58 4.47 -12.68 23.28
N SER A 59 4.45 -11.53 23.94
CA SER A 59 5.60 -11.07 24.71
C SER A 59 5.58 -11.56 26.15
N ALA A 60 4.46 -12.10 26.62
CA ALA A 60 4.41 -12.71 27.94
C ALA A 60 4.99 -14.12 27.89
N LYS A 61 5.67 -14.50 28.97
CA LYS A 61 6.21 -15.85 29.06
C LYS A 61 5.12 -16.87 29.35
N ASP A 62 4.13 -16.49 30.15
CA ASP A 62 3.07 -17.41 30.55
C ASP A 62 1.92 -16.64 31.20
N ALA A 63 1.04 -17.35 31.92
CA ALA A 63 -0.17 -16.73 32.45
C ALA A 63 0.13 -15.76 33.58
N SER A 64 1.31 -15.83 34.20
CA SER A 64 1.67 -14.86 35.23
C SER A 64 1.86 -13.46 34.65
N GLY A 65 2.10 -13.35 33.34
CA GLY A 65 2.12 -12.06 32.68
C GLY A 65 0.77 -11.76 32.04
N VAL A 66 0.27 -12.67 31.22
CA VAL A 66 -1.01 -12.52 30.55
C VAL A 66 -1.65 -13.90 30.42
N ALA A 67 -2.87 -14.04 30.92
CA ALA A 67 -3.59 -15.31 30.90
C ALA A 67 -4.57 -15.32 29.74
N VAL A 68 -4.61 -16.43 29.00
CA VAL A 68 -5.59 -16.63 27.96
C VAL A 68 -6.78 -17.38 28.55
N GLU A 69 -7.97 -17.02 28.10
CA GLU A 69 -9.20 -17.54 28.66
C GLU A 69 -10.17 -17.79 27.51
N LEU A 70 -10.71 -19.00 27.44
CA LEU A 70 -11.72 -19.31 26.45
C LEU A 70 -13.09 -18.91 26.97
N ASP A 71 -13.89 -18.31 26.10
CA ASP A 71 -15.28 -17.99 26.43
C ASP A 71 -16.11 -19.27 26.40
N GLU A 72 -16.67 -19.65 27.55
CA GLU A 72 -17.48 -20.85 27.63
C GLU A 72 -18.75 -20.74 26.79
N GLU A 73 -19.18 -19.51 26.45
CA GLU A 73 -20.37 -19.35 25.61
C GLU A 73 -20.19 -19.95 24.23
N ALA A 74 -18.96 -20.22 23.82
CA ALA A 74 -18.69 -20.80 22.51
C ALA A 74 -18.72 -22.33 22.52
N ARG A 75 -18.78 -22.95 23.70
CA ARG A 75 -18.73 -24.40 23.77
C ARG A 75 -19.86 -25.07 23.01
N PRO A 76 -21.10 -24.56 23.01
CA PRO A 76 -22.17 -25.28 22.29
C PRO A 76 -22.01 -25.27 20.78
N ARG A 77 -21.63 -24.14 20.17
CA ARG A 77 -21.49 -24.11 18.72
C ARG A 77 -20.23 -24.84 18.26
N VAL A 78 -19.19 -24.88 19.08
CA VAL A 78 -18.04 -25.72 18.78
C VAL A 78 -18.45 -27.19 18.80
N LYS A 79 -19.27 -27.57 19.79
CA LYS A 79 -19.67 -28.97 19.91
C LYS A 79 -20.60 -29.37 18.76
N ALA A 80 -21.48 -28.47 18.33
CA ALA A 80 -22.44 -28.80 17.28
C ALA A 80 -21.73 -29.20 15.98
N SER A 81 -20.79 -28.37 15.51
CA SER A 81 -20.10 -28.69 14.27
C SER A 81 -19.23 -29.93 14.42
N SER A 82 -18.64 -30.14 15.59
CA SER A 82 -17.88 -31.36 15.84
C SER A 82 -18.78 -32.59 15.73
N GLU A 83 -19.90 -32.59 16.46
CA GLU A 83 -20.80 -33.73 16.42
C GLU A 83 -21.43 -33.90 15.04
N TRP A 84 -21.63 -32.81 14.30
CA TRP A 84 -22.17 -32.91 12.95
C TRP A 84 -21.25 -33.74 12.06
N ILE A 85 -19.94 -33.53 12.18
CA ILE A 85 -18.99 -34.33 11.40
C ILE A 85 -19.12 -35.81 11.75
N LEU A 86 -19.22 -36.12 13.04
CA LEU A 86 -19.21 -37.51 13.47
C LEU A 86 -20.46 -38.25 12.99
N ASP A 87 -21.63 -37.62 13.09
CA ASP A 87 -22.85 -38.24 12.59
C ASP A 87 -22.77 -38.51 11.10
N CYS A 88 -22.29 -37.51 10.34
CA CYS A 88 -22.27 -37.64 8.88
C CYS A 88 -21.34 -38.74 8.42
N ILE A 89 -20.15 -38.84 9.01
CA ILE A 89 -19.19 -39.85 8.60
C ILE A 89 -19.68 -41.24 8.96
N ALA A 90 -20.34 -41.37 10.10
CA ALA A 90 -20.82 -42.68 10.52
C ALA A 90 -21.65 -43.36 9.43
N HIS A 91 -22.45 -42.57 8.71
CA HIS A 91 -23.32 -43.08 7.64
C HIS A 91 -23.23 -42.11 6.45
N GLY A 92 -22.05 -42.03 5.86
CA GLY A 92 -21.84 -41.16 4.71
C GLY A 92 -20.38 -40.88 4.42
N GLY A 93 -20.07 -39.66 4.00
CA GLY A 93 -18.71 -39.28 3.71
C GLY A 93 -18.67 -38.18 2.65
N ASP A 94 -17.67 -38.26 1.77
CA ASP A 94 -17.51 -37.37 0.62
C ASP A 94 -17.07 -35.96 1.05
N ILE A 95 -16.24 -35.87 2.08
CA ILE A 95 -15.68 -34.61 2.54
C ILE A 95 -14.19 -34.63 2.26
N TYR A 96 -13.70 -33.62 1.54
CA TYR A 96 -12.29 -33.52 1.23
C TYR A 96 -11.45 -33.57 2.50
N GLY A 97 -10.30 -34.25 2.41
CA GLY A 97 -9.39 -34.37 3.54
C GLY A 97 -9.99 -35.09 4.72
N VAL A 98 -11.13 -35.74 4.50
CA VAL A 98 -11.85 -36.46 5.55
C VAL A 98 -12.10 -37.88 5.04
N THR A 99 -12.71 -37.98 3.86
CA THR A 99 -12.88 -39.23 3.15
C THR A 99 -12.03 -39.27 1.89
N THR A 100 -11.27 -38.22 1.61
CA THR A 100 -10.57 -38.04 0.35
C THR A 100 -9.17 -37.52 0.65
N GLY A 101 -8.32 -37.52 -0.38
CA GLY A 101 -6.97 -37.02 -0.22
C GLY A 101 -6.90 -35.51 -0.11
N PHE A 102 -5.65 -35.02 -0.14
CA PHE A 102 -5.35 -33.61 0.00
C PHE A 102 -4.61 -33.11 -1.23
N GLY A 103 -4.76 -31.81 -1.50
CA GLY A 103 -4.00 -31.14 -2.54
C GLY A 103 -4.47 -31.40 -3.95
N GLY A 104 -3.52 -31.49 -4.88
CA GLY A 104 -3.85 -31.64 -6.28
C GLY A 104 -4.29 -33.05 -6.63
N THR A 105 -5.25 -33.13 -7.56
CA THR A 105 -5.81 -34.40 -8.02
C THR A 105 -5.95 -35.39 -6.87
N SER A 106 -6.66 -34.95 -5.83
CA SER A 106 -6.95 -35.79 -4.67
C SER A 106 -8.15 -36.69 -4.94
N HIS A 107 -8.03 -37.48 -6.00
CA HIS A 107 -9.05 -38.47 -6.32
C HIS A 107 -8.96 -39.70 -5.43
N ARG A 108 -7.82 -39.92 -4.79
CA ARG A 108 -7.66 -41.03 -3.87
C ARG A 108 -8.75 -41.01 -2.81
N ARG A 109 -9.45 -42.13 -2.67
CA ARG A 109 -10.45 -42.30 -1.62
C ARG A 109 -9.98 -43.36 -0.63
N THR A 110 -10.35 -43.18 0.63
CA THR A 110 -10.01 -44.12 1.68
C THR A 110 -11.14 -44.17 2.68
N LYS A 111 -11.18 -45.28 3.44
CA LYS A 111 -12.16 -45.45 4.50
C LYS A 111 -11.59 -45.29 5.90
N ASP A 112 -10.27 -45.32 6.05
CA ASP A 112 -9.64 -45.25 7.37
C ASP A 112 -9.45 -43.78 7.72
N GLY A 113 -10.46 -43.19 8.35
CA GLY A 113 -10.41 -41.80 8.73
C GLY A 113 -9.24 -41.50 9.63
N PRO A 114 -9.19 -42.18 10.79
CA PRO A 114 -8.09 -41.91 11.74
C PRO A 114 -6.72 -42.08 11.13
N ALA A 115 -6.51 -43.13 10.32
CA ALA A 115 -5.23 -43.30 9.66
C ALA A 115 -4.93 -42.15 8.71
N LEU A 116 -5.97 -41.55 8.13
CA LEU A 116 -5.76 -40.43 7.23
C LEU A 116 -5.25 -39.21 8.00
N GLN A 117 -5.78 -38.97 9.19
CA GLN A 117 -5.31 -37.87 10.01
C GLN A 117 -3.86 -38.08 10.43
N VAL A 118 -3.48 -39.32 10.72
CA VAL A 118 -2.10 -39.62 11.06
C VAL A 118 -1.19 -39.28 9.88
N GLU A 119 -1.62 -39.63 8.67
CA GLU A 119 -0.76 -39.42 7.50
C GLU A 119 -0.68 -37.95 7.14
N LEU A 120 -1.78 -37.20 7.33
CA LEU A 120 -1.75 -35.76 7.11
C LEU A 120 -0.60 -35.13 7.89
N LEU A 121 -0.49 -35.44 9.18
CA LEU A 121 0.51 -34.80 10.01
C LEU A 121 1.92 -35.28 9.64
N ARG A 122 2.06 -36.57 9.33
CA ARG A 122 3.39 -37.09 9.00
C ARG A 122 4.00 -36.35 7.82
N HIS A 123 3.24 -36.19 6.74
CA HIS A 123 3.82 -35.63 5.52
C HIS A 123 3.90 -34.11 5.56
N LEU A 124 3.11 -33.45 6.40
CA LEU A 124 3.27 -32.01 6.58
C LEU A 124 4.42 -31.66 7.51
N ASN A 125 4.89 -32.61 8.33
CA ASN A 125 6.11 -32.41 9.11
C ASN A 125 7.31 -32.37 8.16
N ALA A 126 7.43 -31.29 7.39
CA ALA A 126 8.46 -31.19 6.36
C ALA A 126 9.49 -30.10 6.65
N GLY A 127 9.46 -29.52 7.84
CA GLY A 127 10.35 -28.42 8.14
C GLY A 127 11.77 -28.88 8.44
N ILE A 128 12.72 -27.99 8.17
CA ILE A 128 14.11 -28.18 8.53
C ILE A 128 14.39 -27.30 9.74
N PHE A 129 14.80 -27.93 10.85
CA PHE A 129 15.06 -27.23 12.10
C PHE A 129 16.52 -26.87 12.31
N GLY A 130 17.42 -27.33 11.44
CA GLY A 130 18.83 -27.16 11.70
C GLY A 130 19.23 -27.87 12.98
N THR A 131 20.19 -27.27 13.69
CA THR A 131 20.57 -27.75 15.01
C THR A 131 19.60 -27.33 16.10
N GLY A 132 18.53 -26.62 15.77
CA GLY A 132 17.58 -26.13 16.74
C GLY A 132 17.89 -24.77 17.30
N SER A 133 19.13 -24.28 17.13
CA SER A 133 19.50 -22.97 17.66
C SER A 133 20.41 -22.19 16.73
N ASP A 134 20.44 -22.53 15.44
CA ASP A 134 21.26 -21.81 14.46
C ASP A 134 20.42 -21.03 13.46
N GLY A 135 19.21 -20.62 13.86
CA GLY A 135 18.44 -19.67 13.10
C GLY A 135 17.44 -20.25 12.12
N HIS A 136 16.94 -21.46 12.35
CA HIS A 136 16.00 -22.09 11.44
C HIS A 136 14.68 -22.46 12.10
N THR A 137 14.45 -21.97 13.32
CA THR A 137 13.23 -22.22 14.05
C THR A 137 12.44 -20.92 14.22
N LEU A 138 11.14 -21.06 14.36
CA LEU A 138 10.27 -19.92 14.60
C LEU A 138 10.41 -19.48 16.06
N PRO A 139 10.60 -18.18 16.33
CA PRO A 139 10.67 -17.73 17.73
C PRO A 139 9.45 -18.16 18.53
N SER A 140 9.67 -18.48 19.80
CA SER A 140 8.57 -18.95 20.63
C SER A 140 7.52 -17.87 20.85
N GLU A 141 7.91 -16.60 20.76
CA GLU A 141 6.92 -15.52 20.83
C GLU A 141 5.93 -15.63 19.68
N VAL A 142 6.42 -15.98 18.48
CA VAL A 142 5.53 -16.10 17.33
C VAL A 142 4.70 -17.38 17.43
N VAL A 143 5.27 -18.44 18.02
CA VAL A 143 4.50 -19.67 18.22
C VAL A 143 3.33 -19.41 19.15
N ARG A 144 3.57 -18.65 20.22
CA ARG A 144 2.49 -18.32 21.15
C ARG A 144 1.40 -17.51 20.46
N ALA A 145 1.79 -16.47 19.73
CA ALA A 145 0.81 -15.67 19.00
C ALA A 145 0.02 -16.53 18.02
N ALA A 146 0.68 -17.48 17.36
CA ALA A 146 0.01 -18.33 16.40
C ALA A 146 -0.98 -19.26 17.08
N MET A 147 -0.64 -19.74 18.27
CA MET A 147 -1.56 -20.61 19.00
C MET A 147 -2.80 -19.84 19.44
N LEU A 148 -2.62 -18.63 19.95
CA LEU A 148 -3.75 -17.78 20.29
C LEU A 148 -4.68 -17.61 19.11
N VAL A 149 -4.13 -17.22 17.96
CA VAL A 149 -4.95 -16.92 16.79
C VAL A 149 -5.62 -18.18 16.28
N ARG A 150 -4.89 -19.30 16.27
CA ARG A 150 -5.48 -20.55 15.83
C ARG A 150 -6.69 -20.91 16.67
N ILE A 151 -6.61 -20.76 17.99
CA ILE A 151 -7.76 -21.03 18.85
C ILE A 151 -8.90 -20.09 18.52
N ASN A 152 -8.61 -18.78 18.45
CA ASN A 152 -9.65 -17.80 18.20
C ASN A 152 -10.41 -18.12 16.91
N THR A 153 -9.71 -18.49 15.86
CA THR A 153 -10.35 -18.75 14.58
C THR A 153 -11.03 -20.12 14.51
N LEU A 154 -11.10 -20.84 15.63
CA LEU A 154 -11.84 -22.09 15.71
C LEU A 154 -13.04 -22.01 16.65
N LEU A 155 -13.26 -20.88 17.32
CA LEU A 155 -14.34 -20.74 18.29
C LEU A 155 -15.63 -20.21 17.67
N GLN A 156 -15.62 -19.85 16.38
CA GLN A 156 -16.87 -19.46 15.73
C GLN A 156 -17.81 -20.64 15.54
N GLY A 157 -17.31 -21.88 15.71
CA GLY A 157 -18.14 -23.06 15.61
C GLY A 157 -18.33 -23.60 14.22
N TYR A 158 -17.41 -23.32 13.30
CA TYR A 158 -17.55 -23.74 11.91
C TYR A 158 -16.48 -24.72 11.46
N SER A 159 -15.66 -25.23 12.38
CA SER A 159 -14.47 -25.98 11.99
C SER A 159 -14.50 -27.46 12.39
N GLY A 160 -15.45 -27.88 13.20
CA GLY A 160 -15.60 -29.29 13.49
C GLY A 160 -14.47 -29.89 14.31
N ILE A 161 -14.00 -29.17 15.33
CA ILE A 161 -12.97 -29.67 16.22
C ILE A 161 -13.53 -29.71 17.64
N ARG A 162 -12.97 -30.58 18.47
CA ARG A 162 -13.42 -30.73 19.85
C ARG A 162 -12.94 -29.56 20.69
N PHE A 163 -13.82 -29.10 21.60
CA PHE A 163 -13.44 -28.05 22.53
C PHE A 163 -12.27 -28.47 23.41
N GLU A 164 -12.15 -29.77 23.70
CA GLU A 164 -11.10 -30.24 24.59
C GLU A 164 -9.72 -30.03 23.98
N ILE A 165 -9.62 -29.99 22.66
CA ILE A 165 -8.35 -29.69 22.01
C ILE A 165 -7.99 -28.22 22.20
N LEU A 166 -8.98 -27.34 22.11
CA LEU A 166 -8.72 -25.92 22.31
C LEU A 166 -8.25 -25.65 23.74
N GLU A 167 -8.85 -26.34 24.70
CA GLU A 167 -8.44 -26.17 26.09
C GLU A 167 -7.02 -26.66 26.32
N ALA A 168 -6.60 -27.71 25.61
CA ALA A 168 -5.24 -28.19 25.75
C ALA A 168 -4.23 -27.19 25.19
N ILE A 169 -4.52 -26.61 24.03
CA ILE A 169 -3.64 -25.58 23.49
C ILE A 169 -3.62 -24.36 24.42
N THR A 170 -4.78 -24.00 24.97
CA THR A 170 -4.80 -22.94 25.97
C THR A 170 -3.86 -23.23 27.13
N LYS A 171 -3.84 -24.49 27.60
CA LYS A 171 -2.97 -24.85 28.71
C LYS A 171 -1.51 -24.67 28.32
N LEU A 172 -1.16 -24.97 27.07
CA LEU A 172 0.22 -24.76 26.62
C LEU A 172 0.59 -23.29 26.69
N LEU A 173 -0.32 -22.41 26.31
CA LEU A 173 -0.06 -20.98 26.38
C LEU A 173 0.14 -20.53 27.82
N ASN A 174 -0.77 -20.93 28.71
CA ASN A 174 -0.77 -20.39 30.07
C ASN A 174 0.35 -20.96 30.93
N THR A 175 0.89 -22.13 30.59
CA THR A 175 2.07 -22.65 31.27
C THR A 175 3.36 -22.34 30.54
N GLY A 176 3.29 -21.74 29.35
CA GLY A 176 4.49 -21.32 28.65
C GLY A 176 5.22 -22.43 27.93
N VAL A 177 4.54 -23.51 27.58
CA VAL A 177 5.13 -24.57 26.78
C VAL A 177 4.83 -24.27 25.31
N SER A 178 5.88 -24.11 24.52
CA SER A 178 5.75 -23.68 23.13
C SER A 178 6.31 -24.77 22.22
N PRO A 179 5.49 -25.40 21.37
CA PRO A 179 6.05 -26.38 20.42
C PRO A 179 7.09 -25.73 19.52
N CYS A 180 8.07 -26.54 19.13
CA CYS A 180 9.13 -26.07 18.25
C CYS A 180 8.63 -26.12 16.81
N LEU A 181 8.66 -24.98 16.13
CA LEU A 181 8.23 -24.90 14.74
C LEU A 181 9.39 -24.49 13.85
N PRO A 182 9.38 -24.89 12.59
CA PRO A 182 10.38 -24.37 11.64
C PRO A 182 10.08 -22.93 11.26
N LEU A 183 11.14 -22.19 10.92
CA LEU A 183 10.98 -20.80 10.52
C LEU A 183 10.40 -20.70 9.11
N ARG A 184 10.88 -21.52 8.18
CA ARG A 184 10.44 -21.51 6.81
C ARG A 184 9.68 -22.80 6.49
N GLY A 185 8.96 -22.77 5.37
CA GLY A 185 8.28 -23.94 4.87
C GLY A 185 6.83 -23.70 4.49
N THR A 186 6.37 -22.46 4.61
CA THR A 186 4.98 -22.12 4.35
C THR A 186 4.87 -21.03 3.30
N ILE A 187 3.88 -21.17 2.43
CA ILE A 187 3.49 -20.13 1.50
C ILE A 187 2.16 -19.50 1.91
N THR A 188 1.64 -19.89 3.07
CA THR A 188 0.44 -19.32 3.66
C THR A 188 -0.76 -19.42 2.71
N ASP A 190 -0.49 -21.95 6.00
CA ASP A 190 0.50 -22.38 6.99
C ASP A 190 0.48 -23.86 7.45
N LEU A 191 0.46 -24.77 6.48
CA LEU A 191 0.30 -26.19 6.77
C LEU A 191 1.50 -26.75 7.53
N VAL A 192 2.69 -26.58 6.98
CA VAL A 192 3.89 -27.20 7.54
C VAL A 192 4.06 -26.74 8.99
N PRO A 193 4.20 -25.43 9.26
CA PRO A 193 4.47 -25.02 10.65
C PRO A 193 3.35 -25.41 11.61
N LEU A 194 2.09 -25.32 11.20
CA LEU A 194 1.00 -25.68 12.11
C LEU A 194 0.92 -27.18 12.35
N SER A 195 1.45 -28.02 11.46
CA SER A 195 1.40 -29.45 11.69
C SER A 195 2.30 -29.87 12.85
N TYR A 196 3.22 -29.01 13.27
CA TYR A 196 4.05 -29.30 14.44
C TYR A 196 3.34 -28.95 15.74
N ILE A 197 2.31 -28.09 15.69
CA ILE A 197 1.42 -27.96 16.84
C ILE A 197 0.51 -29.17 16.95
N ALA A 198 -0.11 -29.56 15.83
CA ALA A 198 -0.93 -30.76 15.83
C ALA A 198 -0.11 -32.00 16.20
N GLY A 199 1.10 -32.10 15.65
CA GLY A 199 1.93 -33.26 15.93
C GLY A 199 2.28 -33.38 17.41
N LEU A 200 2.46 -32.25 18.10
CA LEU A 200 2.68 -32.30 19.53
C LEU A 200 1.41 -32.72 20.27
N ILE A 201 0.24 -32.29 19.77
CA ILE A 201 -1.02 -32.65 20.39
C ILE A 201 -1.33 -34.14 20.25
N THR A 202 -0.71 -34.82 19.30
CA THR A 202 -0.95 -36.24 19.05
C THR A 202 0.24 -37.09 19.43
N GLY A 203 1.28 -36.51 20.02
CA GLY A 203 2.41 -37.28 20.51
C GLY A 203 3.34 -37.82 19.44
N ARG A 204 3.50 -37.10 18.33
CA ARG A 204 4.38 -37.58 17.28
C ARG A 204 5.78 -37.80 17.84
N PRO A 205 6.50 -38.82 17.37
CA PRO A 205 7.82 -39.12 17.97
C PRO A 205 8.82 -37.99 17.84
N ASN A 206 8.72 -37.16 16.80
CA ASN A 206 9.67 -36.09 16.58
C ASN A 206 9.25 -34.77 17.21
N ALA A 207 8.02 -34.68 17.71
CA ALA A 207 7.53 -33.44 18.29
C ALA A 207 8.41 -33.00 19.45
N GLN A 208 8.65 -31.68 19.54
CA GLN A 208 9.36 -31.10 20.66
C GLN A 208 8.69 -29.80 21.06
N ALA A 209 9.19 -29.22 22.15
CA ALA A 209 8.68 -27.97 22.67
C ALA A 209 9.71 -27.41 23.65
N THR A 210 9.56 -26.13 23.98
CA THR A 210 10.40 -25.48 24.96
C THR A 210 9.55 -24.96 26.11
N THR A 211 10.12 -25.00 27.32
CA THR A 211 9.47 -24.52 28.52
C THR A 211 9.74 -23.03 28.70
N VAL A 212 9.14 -22.43 29.74
CA VAL A 212 9.35 -21.01 30.01
C VAL A 212 10.84 -20.70 30.14
N ASP A 213 11.60 -21.60 30.76
CA ASP A 213 13.02 -21.38 30.96
C ASP A 213 13.88 -21.85 29.80
N GLY A 214 13.27 -22.33 28.71
CA GLY A 214 14.01 -22.69 27.52
C GLY A 214 14.45 -24.14 27.45
N ARG A 215 13.86 -25.02 28.24
CA ARG A 215 14.23 -26.42 28.22
C ARG A 215 13.50 -27.15 27.09
N LYS A 216 14.26 -27.81 26.23
CA LYS A 216 13.67 -28.59 25.15
C LYS A 216 13.18 -29.92 25.69
N VAL A 217 11.92 -30.26 25.41
CA VAL A 217 11.29 -31.45 25.95
C VAL A 217 10.54 -32.17 24.82
N ASP A 218 10.17 -33.41 25.10
CA ASP A 218 9.39 -34.21 24.17
C ASP A 218 7.90 -34.02 24.43
N ALA A 219 7.06 -34.62 23.59
CA ALA A 219 5.62 -34.42 23.69
C ALA A 219 5.09 -34.84 25.05
N ALA A 220 5.52 -36.01 25.53
CA ALA A 220 5.02 -36.51 26.81
C ALA A 220 5.38 -35.55 27.94
N GLU A 221 6.62 -35.08 27.98
CA GLU A 221 7.04 -34.16 29.03
C GLU A 221 6.31 -32.82 28.92
N ALA A 222 5.86 -32.45 27.71
CA ALA A 222 5.16 -31.20 27.53
C ALA A 222 3.74 -31.27 28.05
N PHE A 223 3.05 -32.40 27.82
CA PHE A 223 1.75 -32.60 28.42
C PHE A 223 1.85 -32.61 29.94
N LYS A 224 2.93 -33.19 30.48
CA LYS A 224 3.13 -33.21 31.92
C LYS A 224 3.28 -31.79 32.46
N ILE A 225 4.23 -31.02 31.92
CA ILE A 225 4.50 -29.68 32.39
C ILE A 225 3.30 -28.77 32.20
N ALA A 226 2.47 -29.05 31.20
CA ALA A 226 1.32 -28.20 30.92
C ALA A 226 0.05 -28.65 31.63
N GLY A 227 0.09 -29.77 32.33
CA GLY A 227 -1.09 -30.23 33.05
C GLY A 227 -2.20 -30.75 32.17
N ILE A 228 -1.89 -31.16 30.95
CA ILE A 228 -2.89 -31.75 30.07
C ILE A 228 -3.09 -33.20 30.49
N GLU A 229 -4.34 -33.58 30.75
CA GLU A 229 -4.68 -34.91 31.21
C GLU A 229 -5.35 -35.70 30.08
N GLY A 230 -5.30 -37.02 30.22
CA GLY A 230 -5.94 -37.92 29.27
C GLY A 230 -5.03 -38.50 28.23
N GLY A 231 -3.76 -38.11 28.18
CA GLY A 231 -2.85 -38.59 27.16
C GLY A 231 -3.05 -37.86 25.84
N PHE A 232 -2.23 -38.26 24.88
CA PHE A 232 -2.26 -37.66 23.56
C PHE A 232 -3.65 -37.80 22.93
N PHE A 233 -3.95 -36.91 21.99
CA PHE A 233 -5.22 -36.94 21.28
C PHE A 233 -5.12 -37.81 20.03
N LYS A 234 -6.23 -38.48 19.73
CA LYS A 234 -6.41 -39.19 18.47
C LYS A 234 -7.42 -38.37 17.67
N LEU A 235 -6.97 -37.74 16.60
CA LEU A 235 -7.79 -36.75 15.92
C LEU A 235 -8.91 -37.41 15.14
N ASN A 236 -10.08 -36.79 15.19
CA ASN A 236 -11.23 -37.21 14.41
C ASN A 236 -11.08 -36.70 12.98
N PRO A 237 -11.88 -37.23 12.05
CA PRO A 237 -11.68 -36.93 10.63
C PRO A 237 -11.39 -35.48 10.28
N LYS A 238 -12.24 -34.54 10.71
CA LYS A 238 -12.05 -33.15 10.31
C LYS A 238 -11.02 -32.41 11.16
N GLU A 239 -10.59 -32.99 12.28
CA GLU A 239 -9.80 -32.24 13.25
C GLU A 239 -8.37 -31.99 12.79
N GLY A 240 -7.84 -32.80 11.88
CA GLY A 240 -6.53 -32.56 11.35
C GLY A 240 -6.48 -31.29 10.53
N LEU A 241 -7.35 -31.18 9.53
CA LEU A 241 -7.44 -29.96 8.73
C LEU A 241 -7.69 -28.74 9.62
N ALA A 242 -8.63 -28.87 10.56
CA ALA A 242 -9.02 -27.73 11.38
C ALA A 242 -7.82 -27.11 12.09
N ILE A 243 -6.77 -27.87 12.34
CA ILE A 243 -5.59 -27.34 13.02
C ILE A 243 -4.56 -26.79 12.02
N VAL A 244 -4.30 -27.51 10.94
CA VAL A 244 -3.22 -27.13 10.04
C VAL A 244 -3.68 -26.19 8.94
N ASN A 245 -4.96 -26.26 8.54
CA ASN A 245 -5.52 -25.37 7.53
C ASN A 245 -5.78 -24.02 8.18
N GLY A 246 -5.01 -23.00 7.81
CA GLY A 246 -5.25 -21.70 8.38
C GLY A 246 -4.09 -20.77 8.16
N THR A 247 -4.39 -19.48 8.30
CA THR A 247 -3.44 -18.40 8.12
C THR A 247 -2.88 -17.91 9.45
N SER A 248 -2.91 -18.77 10.47
CA SER A 248 -2.73 -18.33 11.85
C SER A 248 -1.31 -17.87 12.14
N VAL A 249 -0.31 -18.45 11.49
CA VAL A 249 1.06 -18.07 11.77
C VAL A 249 1.37 -16.73 11.12
N GLY A 250 1.11 -16.61 9.82
CA GLY A 250 1.34 -15.35 9.14
C GLY A 250 0.57 -14.21 9.75
N SER A 251 -0.71 -14.43 10.07
CA SER A 251 -1.54 -13.36 10.63
C SER A 251 -1.15 -13.02 12.06
N ALA A 252 -0.68 -14.01 12.83
CA ALA A 252 -0.25 -13.72 14.20
C ALA A 252 0.99 -12.84 14.20
N LEU A 253 1.95 -13.14 13.34
CA LEU A 253 3.14 -12.29 13.24
C LEU A 253 2.78 -10.93 12.68
N ALA A 254 1.90 -10.90 11.66
CA ALA A 254 1.45 -9.62 11.13
C ALA A 254 0.87 -8.75 12.23
N ALA A 255 0.12 -9.34 13.16
CA ALA A 255 -0.53 -8.56 14.21
C ALA A 255 0.48 -7.96 15.17
N THR A 256 1.47 -8.74 15.60
CA THR A 256 2.48 -8.21 16.51
C THR A 256 3.35 -7.19 15.82
N VAL A 257 3.54 -7.31 14.51
CA VAL A 257 4.28 -6.31 13.74
C VAL A 257 3.50 -5.01 13.68
N MET A 258 2.18 -5.09 13.51
CA MET A 258 1.35 -3.89 13.37
C MET A 258 1.14 -3.17 14.69
N TYR A 259 1.22 -3.88 15.82
CA TYR A 259 1.27 -3.18 17.09
C TYR A 259 2.49 -2.25 17.15
N ASP A 260 3.65 -2.77 16.78
CA ASP A 260 4.87 -1.96 16.79
C ASP A 260 4.80 -0.85 15.75
N ALA A 261 4.23 -1.14 14.58
CA ALA A 261 4.23 -0.15 13.51
C ALA A 261 3.37 1.04 13.87
N ASN A 262 2.27 0.82 14.58
CA ASN A 262 1.39 1.93 14.95
C ASN A 262 2.04 2.81 16.00
N VAL A 263 2.70 2.20 16.99
CA VAL A 263 3.39 2.98 18.01
C VAL A 263 4.48 3.83 17.37
N LEU A 264 5.28 3.23 16.49
CA LEU A 264 6.39 3.95 15.89
C LEU A 264 5.93 5.00 14.90
N ALA A 265 4.75 4.83 14.31
CA ALA A 265 4.20 5.89 13.46
C ALA A 265 3.88 7.13 14.28
N VAL A 266 3.31 6.97 15.48
CA VAL A 266 3.10 8.11 16.35
C VAL A 266 4.44 8.72 16.74
N LEU A 267 5.43 7.87 17.03
CA LEU A 267 6.74 8.37 17.43
C LEU A 267 7.31 9.30 16.37
N SER A 268 7.25 8.90 15.10
CA SER A 268 7.77 9.74 14.04
C SER A 268 7.08 11.10 14.02
N GLU A 269 5.79 11.14 14.35
CA GLU A 269 5.07 12.41 14.41
C GLU A 269 5.59 13.27 15.56
N VAL A 270 5.81 12.66 16.73
CA VAL A 270 6.26 13.41 17.89
C VAL A 270 7.70 13.87 17.71
N LEU A 271 8.58 12.96 17.29
CA LEU A 271 9.98 13.35 17.11
C LEU A 271 10.12 14.43 16.06
N SER A 272 9.26 14.43 15.03
CA SER A 272 9.30 15.49 14.03
C SER A 272 9.04 16.86 14.66
N ALA A 273 8.23 16.92 15.71
CA ALA A 273 7.99 18.19 16.39
C ALA A 273 9.16 18.58 17.27
N ILE A 274 9.77 17.60 17.95
CA ILE A 274 10.97 17.88 18.74
C ILE A 274 12.09 18.32 17.83
N PHE A 275 12.14 17.75 16.61
CA PHE A 275 13.11 18.18 15.62
C PHE A 275 12.96 19.66 15.31
N CYS A 276 11.72 20.13 15.14
CA CYS A 276 11.49 21.54 14.88
C CYS A 276 11.91 22.40 16.06
N GLU A 277 11.68 21.94 17.29
CA GLU A 277 12.05 22.71 18.47
C GLU A 277 13.55 22.96 18.51
N VAL A 278 14.36 21.90 18.48
CA VAL A 278 15.80 22.05 18.62
C VAL A 278 16.44 22.66 17.37
N MET A 279 15.78 22.56 16.21
CA MET A 279 16.28 23.20 15.00
C MET A 279 15.94 24.68 14.92
N ASN A 280 15.07 25.17 15.81
CA ASN A 280 14.52 26.53 15.69
C ASN A 280 13.82 26.71 14.35
N GLY A 281 13.05 25.71 13.96
CA GLY A 281 12.24 25.81 12.77
C GLY A 281 11.06 26.73 13.00
N LYS A 282 10.42 27.11 11.89
CA LYS A 282 9.22 27.93 11.95
C LYS A 282 8.00 27.04 12.14
N PRO A 283 7.23 27.20 13.22
CA PRO A 283 6.12 26.25 13.47
C PRO A 283 4.94 26.41 12.54
N GLU A 284 4.93 27.42 11.67
CA GLU A 284 3.77 27.65 10.81
C GLU A 284 3.52 26.50 9.85
N TYR A 285 4.50 25.62 9.65
CA TYR A 285 4.31 24.50 8.75
C TYR A 285 3.23 23.54 9.23
N THR A 286 2.81 23.64 10.50
CA THR A 286 1.75 22.81 11.06
C THR A 286 0.39 23.49 11.03
N ASP A 287 0.30 24.70 10.48
CA ASP A 287 -0.96 25.41 10.45
C ASP A 287 -2.03 24.58 9.74
N HIS A 288 -3.22 24.53 10.34
CA HIS A 288 -4.23 23.58 9.88
C HIS A 288 -4.68 23.89 8.45
N LEU A 289 -4.78 25.17 8.09
CA LEU A 289 -5.28 25.52 6.76
C LEU A 289 -4.48 24.83 5.66
N THR A 290 -3.15 24.78 5.80
CA THR A 290 -2.30 24.17 4.80
C THR A 290 -2.71 22.73 4.55
N HIS A 291 -3.04 22.00 5.61
CA HIS A 291 -3.33 20.58 5.50
C HIS A 291 -4.80 20.31 5.26
N LYS A 292 -5.69 21.16 5.78
CA LYS A 292 -7.11 21.03 5.44
C LYS A 292 -7.33 21.15 3.94
N LEU A 293 -6.61 22.06 3.28
CA LEU A 293 -6.81 22.29 1.86
C LEU A 293 -6.36 21.11 1.00
N LYS A 294 -5.68 20.11 1.57
CA LYS A 294 -5.34 18.91 0.82
C LYS A 294 -6.18 17.70 1.19
N HIS A 295 -7.04 17.82 2.21
CA HIS A 295 -8.07 16.83 2.52
C HIS A 295 -7.51 15.57 3.19
N HIS A 296 -6.26 15.22 2.95
CA HIS A 296 -5.71 13.97 3.45
C HIS A 296 -5.76 13.92 4.97
N PRO A 297 -6.45 12.96 5.59
CA PRO A 297 -6.58 12.99 7.05
C PRO A 297 -5.31 12.60 7.77
N GLY A 298 -4.48 11.73 7.20
CA GLY A 298 -3.21 11.38 7.84
C GLY A 298 -2.33 12.59 8.07
N SER A 299 -2.28 13.49 7.09
CA SER A 299 -1.48 14.70 7.22
C SER A 299 -2.12 15.71 8.16
N ILE A 300 -3.45 15.75 8.21
CA ILE A 300 -4.14 16.67 9.11
C ILE A 300 -3.90 16.27 10.56
N GLU A 301 -3.93 14.96 10.85
CA GLU A 301 -3.66 14.50 12.20
C GLU A 301 -2.19 14.68 12.55
N ALA A 302 -1.28 14.36 11.64
CA ALA A 302 0.13 14.55 11.90
C ALA A 302 0.43 16.01 12.20
N ALA A 303 -0.08 16.92 11.36
CA ALA A 303 0.14 18.35 11.58
C ALA A 303 -0.45 18.80 12.91
N ALA A 304 -1.67 18.37 13.22
CA ALA A 304 -2.29 18.78 14.48
C ALA A 304 -1.53 18.22 15.68
N ILE A 305 -0.93 17.04 15.55
CA ILE A 305 -0.13 16.49 16.63
C ILE A 305 1.15 17.31 16.83
N MET A 306 1.81 17.68 15.73
CA MET A 306 3.01 18.49 15.84
C MET A 306 2.68 19.92 16.29
N GLU A 307 1.58 20.46 15.81
CA GLU A 307 1.14 21.79 16.26
C GLU A 307 0.93 21.82 17.76
N HIS A 308 0.30 20.78 18.32
CA HIS A 308 0.06 20.74 19.75
C HIS A 308 1.37 20.77 20.54
N ILE A 309 2.33 19.94 20.14
CA ILE A 309 3.62 19.92 20.81
C ILE A 309 4.28 21.30 20.73
N LEU A 310 4.25 21.91 19.55
CA LEU A 310 4.91 23.19 19.34
C LEU A 310 4.15 24.35 19.99
N ASP A 311 2.84 24.20 20.20
CA ASP A 311 2.06 25.23 20.86
C ASP A 311 2.35 25.30 22.35
N GLY A 312 2.93 24.24 22.93
CA GLY A 312 3.31 24.24 24.32
C GLY A 312 4.80 24.05 24.51
N SER A 313 5.59 24.62 23.60
CA SER A 313 7.04 24.50 23.61
C SER A 313 7.67 25.82 24.01
N ALA A 314 8.51 25.78 25.05
CA ALA A 314 9.26 26.97 25.44
C ALA A 314 10.31 27.35 24.40
N PHE A 315 10.71 26.41 23.55
CA PHE A 315 11.65 26.73 22.48
C PHE A 315 11.01 27.67 21.45
N MET A 316 9.74 27.42 21.10
CA MET A 316 9.07 28.23 20.09
C MET A 316 8.63 29.58 20.65
N LYS A 317 8.06 29.59 21.85
CA LYS A 317 7.72 30.87 22.48
C LYS A 317 8.94 31.78 22.54
N HIS A 318 10.08 31.23 22.97
CA HIS A 318 11.30 32.02 23.01
C HIS A 318 11.72 32.48 21.63
N ALA A 319 11.51 31.63 20.61
CA ALA A 319 11.87 32.01 19.26
C ALA A 319 10.98 33.14 18.74
N LYS A 320 9.71 33.15 19.14
CA LYS A 320 8.84 34.28 18.79
C LYS A 320 9.35 35.56 19.43
N LYS A 321 9.55 35.54 20.75
CA LYS A 321 9.98 36.76 21.46
C LYS A 321 11.26 37.32 20.86
N VAL A 322 12.22 36.46 20.51
CA VAL A 322 13.44 36.92 19.86
C VAL A 322 13.11 37.65 18.56
N ASN A 323 12.36 37.00 17.68
CA ASN A 323 12.10 37.54 16.35
C ASN A 323 11.31 38.84 16.38
N GLU A 324 10.66 39.16 17.50
CA GLU A 324 9.97 40.45 17.61
C GLU A 324 10.96 41.60 17.74
N LEU A 325 12.10 41.36 18.40
CA LEU A 325 13.05 42.43 18.68
C LEU A 325 13.99 42.68 17.51
N ASP A 326 14.38 41.63 16.78
CA ASP A 326 15.22 41.75 15.60
C ASP A 326 14.42 41.27 14.39
N PRO A 327 13.46 42.07 13.92
CA PRO A 327 12.64 41.64 12.77
C PRO A 327 13.44 41.40 11.50
N LEU A 328 14.68 41.90 11.43
CA LEU A 328 15.55 41.58 10.33
C LEU A 328 16.19 40.20 10.55
N LEU A 329 16.62 39.59 9.45
CA LEU A 329 17.29 38.30 9.46
C LEU A 329 16.29 37.16 9.41
N LYS A 330 16.79 35.92 9.30
CA LYS A 330 16.00 34.70 9.22
C LYS A 330 15.28 34.56 7.89
N PRO A 331 15.93 34.82 6.74
CA PRO A 331 15.27 34.57 5.46
C PRO A 331 15.34 33.10 5.05
N LYS A 332 16.43 32.43 5.42
CA LYS A 332 16.61 31.03 5.07
C LYS A 332 15.40 30.20 5.50
N GLN A 333 14.91 29.39 4.57
CA GLN A 333 13.71 28.58 4.80
C GLN A 333 14.09 27.21 5.34
N ASP A 334 13.12 26.56 5.98
CA ASP A 334 13.32 25.22 6.52
C ASP A 334 13.30 24.19 5.39
N ARG A 335 14.19 23.21 5.49
CA ARG A 335 14.30 22.17 4.49
C ARG A 335 13.13 21.17 4.59
N TYR A 336 13.01 20.32 3.56
CA TYR A 336 11.79 19.53 3.39
C TYR A 336 11.56 18.58 4.57
N ALA A 337 12.64 17.95 5.07
CA ALA A 337 12.48 16.97 6.14
C ALA A 337 11.79 17.58 7.36
N LEU A 338 11.88 18.90 7.54
CA LEU A 338 11.14 19.59 8.58
C LEU A 338 9.80 20.10 8.08
N ARG A 339 9.81 20.75 6.92
CA ARG A 339 8.66 21.51 6.44
C ARG A 339 7.57 20.63 5.85
N THR A 340 7.93 19.48 5.25
CA THR A 340 6.93 18.59 4.65
C THR A 340 6.67 17.34 5.47
N SER A 341 7.10 17.30 6.73
CA SER A 341 7.00 16.06 7.49
C SER A 341 5.55 15.62 7.68
N PRO A 342 4.56 16.50 7.85
CA PRO A 342 3.18 16.00 7.93
C PRO A 342 2.67 15.45 6.61
N GLN A 343 3.05 16.06 5.50
CA GLN A 343 2.64 15.54 4.20
C GLN A 343 3.33 14.23 3.87
N TRP A 344 4.53 14.02 4.43
CA TRP A 344 5.27 12.79 4.20
C TRP A 344 4.70 11.63 5.01
N LEU A 345 4.41 11.87 6.30
CA LEU A 345 4.01 10.79 7.19
C LEU A 345 2.54 10.42 7.04
N GLY A 346 1.68 11.37 6.73
CA GLY A 346 0.25 11.16 6.72
C GLY A 346 -0.20 10.00 5.85
N PRO A 347 0.28 9.95 4.60
CA PRO A 347 -0.08 8.83 3.74
C PRO A 347 0.44 7.49 4.25
N GLN A 348 1.54 7.49 5.00
CA GLN A 348 2.02 6.25 5.59
C GLN A 348 1.08 5.78 6.70
N ILE A 349 0.58 6.73 7.50
CA ILE A 349 -0.32 6.36 8.59
C ILE A 349 -1.63 5.81 8.04
N GLU A 350 -2.18 6.46 7.00
CA GLU A 350 -3.37 5.93 6.37
C GLU A 350 -3.17 4.48 5.94
N VAL A 351 -2.04 4.20 5.28
CA VAL A 351 -1.77 2.84 4.83
C VAL A 351 -1.69 1.87 6.01
N LEU A 352 -0.99 2.27 7.07
CA LEU A 352 -0.81 1.36 8.20
C LEU A 352 -2.12 1.10 8.93
N ARG A 353 -3.01 2.08 8.99
CA ARG A 353 -4.32 1.86 9.61
C ARG A 353 -5.13 0.85 8.81
N ALA A 354 -5.17 1.00 7.49
CA ALA A 354 -5.87 0.02 6.66
C ALA A 354 -5.26 -1.37 6.81
N ALA A 355 -3.93 -1.44 6.84
CA ALA A 355 -3.27 -2.72 7.03
C ALA A 355 -3.66 -3.35 8.37
N THR A 356 -3.72 -2.54 9.42
CA THR A 356 -4.07 -3.07 10.74
C THR A 356 -5.49 -3.62 10.76
N LYS A 357 -6.43 -2.93 10.13
CA LYS A 357 -7.81 -3.41 10.13
C LYS A 357 -7.93 -4.69 9.32
N SER A 358 -7.15 -4.83 8.25
CA SER A 358 -7.20 -6.05 7.46
C SER A 358 -6.62 -7.23 8.23
N ILE A 359 -5.53 -7.01 8.98
CA ILE A 359 -4.97 -8.07 9.80
C ILE A 359 -5.92 -8.45 10.92
N GLU A 360 -6.66 -7.48 11.46
CA GLU A 360 -7.56 -7.78 12.56
C GLU A 360 -8.77 -8.59 12.12
N ARG A 361 -9.26 -8.35 10.89
CA ARG A 361 -10.29 -9.23 10.36
C ARG A 361 -9.75 -10.64 10.16
N GLU A 362 -8.50 -10.77 9.72
CA GLU A 362 -7.96 -12.10 9.43
C GLU A 362 -7.78 -12.93 10.69
N VAL A 363 -7.33 -12.32 11.79
CA VAL A 363 -7.18 -13.08 13.04
C VAL A 363 -8.50 -13.36 13.71
N ASN A 364 -9.62 -12.89 13.15
CA ASN A 364 -10.96 -13.26 13.61
C ASN A 364 -11.75 -13.96 12.50
N SER A 365 -11.07 -14.50 11.49
CA SER A 365 -11.72 -15.13 10.37
C SER A 365 -11.78 -16.64 10.56
N VAL A 366 -12.70 -17.27 9.83
CA VAL A 366 -12.70 -18.72 9.66
C VAL A 366 -11.85 -19.02 8.45
N ASN A 367 -10.65 -19.55 8.67
CA ASN A 367 -9.74 -19.82 7.56
C ASN A 367 -9.39 -21.30 7.50
N ASP A 368 -10.41 -22.16 7.52
CA ASP A 368 -10.21 -23.59 7.37
C ASP A 368 -11.20 -24.14 6.36
N ASN A 369 -10.88 -25.29 5.81
CA ASN A 369 -11.66 -25.87 4.72
C ASN A 369 -11.82 -27.37 4.89
N PRO A 370 -13.06 -27.88 4.71
CA PRO A 370 -14.30 -27.15 4.41
C PRO A 370 -14.94 -26.51 5.62
N VAL A 371 -15.77 -25.49 5.38
CA VAL A 371 -16.57 -24.89 6.43
C VAL A 371 -17.71 -25.84 6.79
N ILE A 372 -17.98 -25.97 8.08
CA ILE A 372 -19.06 -26.82 8.58
C ILE A 372 -20.24 -25.91 8.93
N ASP A 373 -21.27 -25.94 8.11
CA ASP A 373 -22.47 -25.13 8.28
C ASP A 373 -23.60 -26.04 8.77
N VAL A 374 -23.81 -26.05 10.09
CA VAL A 374 -24.81 -26.95 10.67
C VAL A 374 -26.22 -26.46 10.40
N HIS A 375 -26.41 -25.15 10.19
CA HIS A 375 -27.76 -24.62 10.01
C HIS A 375 -28.33 -25.00 8.66
N ARG A 376 -27.48 -25.25 7.67
CA ARG A 376 -27.90 -25.75 6.38
C ARG A 376 -27.50 -27.21 6.15
N GLY A 377 -26.69 -27.78 7.03
CA GLY A 377 -26.26 -29.16 6.87
C GLY A 377 -25.33 -29.39 5.71
N LYS A 378 -24.44 -28.43 5.43
CA LYS A 378 -23.52 -28.52 4.30
C LYS A 378 -22.09 -28.40 4.79
N ALA A 379 -21.18 -29.14 4.13
CA ALA A 379 -19.75 -28.92 4.25
C ALA A 379 -19.33 -28.09 3.04
N LEU A 380 -19.13 -26.80 3.24
CA LEU A 380 -18.78 -25.89 2.14
C LEU A 380 -17.28 -25.95 1.87
N HIS A 381 -16.92 -26.29 0.64
CA HIS A 381 -15.53 -26.19 0.22
C HIS A 381 -15.29 -24.83 -0.43
N GLY A 382 -14.09 -24.32 -0.23
CA GLY A 382 -13.76 -23.00 -0.73
C GLY A 382 -12.28 -22.68 -0.61
N GLY A 383 -11.94 -21.41 -0.51
CA GLY A 383 -10.56 -20.98 -0.45
C GLY A 383 -10.21 -20.05 0.69
N ASN A 384 -10.85 -20.24 1.85
CA ASN A 384 -10.64 -19.37 3.00
C ASN A 384 -9.27 -19.53 3.64
N PHE A 385 -8.44 -20.42 3.13
CA PHE A 385 -7.07 -20.58 3.58
C PHE A 385 -6.10 -19.68 2.84
N GLN A 386 -6.54 -19.00 1.78
CA GLN A 386 -5.69 -18.11 0.99
C GLN A 386 -5.46 -16.82 1.78
N GLY A 387 -4.24 -16.65 2.30
CA GLY A 387 -3.95 -15.56 3.20
C GLY A 387 -3.55 -14.27 2.52
N THR A 388 -4.20 -13.97 1.39
CA THR A 388 -3.86 -12.77 0.63
C THR A 388 -3.93 -11.49 1.47
N PRO A 389 -4.87 -11.31 2.39
CA PRO A 389 -4.87 -10.08 3.19
C PRO A 389 -3.58 -9.87 3.96
N ILE A 390 -2.90 -10.96 4.36
CA ILE A 390 -1.66 -10.84 5.12
C ILE A 390 -0.54 -10.35 4.22
N GLY A 391 -0.37 -10.98 3.06
CA GLY A 391 0.73 -10.63 2.18
C GLY A 391 0.62 -9.23 1.62
N VAL A 392 -0.61 -8.80 1.31
CA VAL A 392 -0.82 -7.44 0.81
C VAL A 392 -0.56 -6.42 1.91
N SER A 393 -1.10 -6.67 3.11
CA SER A 393 -0.95 -5.70 4.20
C SER A 393 0.51 -5.60 4.65
N MET A 394 1.24 -6.71 4.66
CA MET A 394 2.63 -6.67 5.08
C MET A 394 3.52 -6.04 4.02
N ASP A 395 3.23 -6.25 2.74
CA ASP A 395 4.00 -5.57 1.69
C ASP A 395 3.72 -4.07 1.70
N ASN A 396 2.46 -3.66 1.83
CA ASN A 396 2.15 -2.24 1.89
C ASN A 396 2.71 -1.63 3.16
N ALA A 397 2.54 -2.32 4.29
CA ALA A 397 3.02 -1.80 5.56
C ALA A 397 4.54 -1.66 5.56
N ARG A 398 5.24 -2.60 4.94
CA ARG A 398 6.69 -2.56 4.97
C ARG A 398 7.23 -1.38 4.17
N LEU A 399 6.57 -1.05 3.06
CA LEU A 399 6.97 0.11 2.27
C LEU A 399 6.71 1.41 3.03
N ALA A 400 5.61 1.46 3.78
CA ALA A 400 5.34 2.64 4.60
C ALA A 400 6.39 2.80 5.69
N ILE A 401 6.72 1.71 6.37
CA ILE A 401 7.80 1.72 7.36
C ILE A 401 9.09 2.25 6.76
N ALA A 402 9.40 1.84 5.53
CA ALA A 402 10.63 2.30 4.90
C ALA A 402 10.59 3.80 4.63
N ASN A 403 9.43 4.33 4.25
CA ASN A 403 9.34 5.77 4.00
C ASN A 403 9.43 6.55 5.31
N ILE A 404 8.88 6.01 6.40
CA ILE A 404 9.03 6.65 7.70
C ILE A 404 10.51 6.69 8.09
N GLY A 405 11.20 5.57 7.91
CA GLY A 405 12.62 5.52 8.25
C GLY A 405 13.45 6.49 7.44
N LYS A 406 13.11 6.66 6.16
CA LYS A 406 13.84 7.60 5.31
C LYS A 406 13.66 9.04 5.80
N LEU A 407 12.50 9.38 6.34
CA LEU A 407 12.34 10.71 6.91
C LEU A 407 13.22 10.89 8.13
N MET A 408 13.23 9.90 9.03
CA MET A 408 14.10 9.99 10.20
C MET A 408 15.55 10.20 9.80
N PHE A 409 15.99 9.52 8.74
CA PHE A 409 17.37 9.67 8.29
C PHE A 409 17.63 11.06 7.73
N ALA A 410 16.64 11.65 7.06
CA ALA A 410 16.82 13.00 6.53
C ALA A 410 16.84 14.03 7.65
N GLN A 411 15.96 13.88 8.65
CA GLN A 411 15.95 14.80 9.78
C GLN A 411 17.22 14.67 10.60
N PHE A 412 17.62 13.44 10.91
CA PHE A 412 18.90 13.19 11.57
C PHE A 412 20.05 13.81 10.81
N SER A 413 20.05 13.73 9.47
CA SER A 413 21.16 14.26 8.68
C SER A 413 21.22 15.78 8.75
N GLU A 414 20.07 16.45 8.78
CA GLU A 414 20.07 17.89 8.95
C GLU A 414 20.55 18.28 10.34
N LEU A 415 20.16 17.51 11.34
CA LEU A 415 20.40 17.88 12.73
C LEU A 415 21.88 17.87 13.07
N VAL A 416 22.64 16.91 12.53
CA VAL A 416 24.05 16.75 12.90
C VAL A 416 24.99 17.56 12.02
N ASN A 417 24.48 18.31 11.06
CA ASN A 417 25.30 19.06 10.12
C ASN A 417 25.27 20.53 10.49
N GLU A 418 26.44 21.13 10.73
CA GLU A 418 26.50 22.51 11.17
C GLU A 418 26.06 23.48 10.07
N PHE A 419 26.25 23.11 8.81
CA PHE A 419 25.72 23.93 7.72
C PHE A 419 24.21 24.06 7.80
N TYR A 420 23.53 23.08 8.41
CA TYR A 420 22.09 22.97 8.33
C TYR A 420 21.36 23.05 9.65
N ASN A 421 22.03 22.93 10.80
CA ASN A 421 21.33 22.78 12.07
C ASN A 421 21.22 24.09 12.86
N ASN A 422 21.51 25.23 12.23
CA ASN A 422 21.16 26.55 12.76
C ASN A 422 21.80 26.80 14.14
N GLY A 423 23.13 26.69 14.18
CA GLY A 423 23.88 27.12 15.34
C GLY A 423 24.23 26.05 16.35
N LEU A 424 23.91 24.78 16.08
CA LEU A 424 24.42 23.72 16.93
C LEU A 424 25.81 23.32 16.45
N THR A 425 26.50 22.57 17.30
CA THR A 425 27.87 22.19 16.99
C THR A 425 27.93 21.19 15.85
N SER A 426 29.12 21.10 15.24
CA SER A 426 29.36 20.08 14.24
C SER A 426 29.28 18.70 14.88
N ASN A 427 28.58 17.78 14.22
CA ASN A 427 28.40 16.42 14.72
C ASN A 427 27.74 16.37 16.08
N LEU A 428 27.12 17.48 16.51
CA LEU A 428 26.53 17.58 17.85
C LEU A 428 27.53 17.23 18.94
N ALA A 429 28.80 17.53 18.70
CA ALA A 429 29.83 17.34 19.72
C ALA A 429 29.57 18.25 20.90
N GLY A 430 29.86 17.75 22.10
CA GLY A 430 29.56 18.47 23.32
C GLY A 430 30.78 19.01 24.04
N SER A 431 31.96 18.60 23.60
CA SER A 431 33.20 18.99 24.28
C SER A 431 33.52 20.46 24.08
N ARG A 432 34.25 21.03 25.04
CA ARG A 432 34.77 22.38 24.88
C ARG A 432 35.70 22.48 23.68
N ASN A 433 36.39 21.39 23.34
CA ASN A 433 37.32 21.37 22.22
C ASN A 433 36.77 20.45 21.14
N PRO A 434 36.15 20.97 20.08
CA PRO A 434 35.65 20.09 19.03
C PRO A 434 36.74 19.27 18.36
N SER A 435 37.99 19.72 18.44
CA SER A 435 39.09 18.99 17.82
C SER A 435 39.21 17.59 18.39
N LEU A 436 38.80 17.38 19.63
CA LEU A 436 38.85 16.07 20.27
C LEU A 436 37.45 15.53 20.60
N ASP A 437 36.47 15.84 19.75
CA ASP A 437 35.12 15.29 19.93
C ASP A 437 34.44 15.27 18.56
N TYR A 438 34.44 14.08 17.94
CA TYR A 438 33.76 13.88 16.67
C TYR A 438 32.29 13.54 16.86
N GLY A 439 31.79 13.62 18.08
CA GLY A 439 30.36 13.66 18.33
C GLY A 439 29.64 12.46 17.78
N PHE A 440 28.70 12.73 16.87
CA PHE A 440 27.80 11.71 16.35
C PHE A 440 28.20 11.23 14.96
N LYS A 441 29.43 11.50 14.53
CA LYS A 441 29.85 11.09 13.19
C LYS A 441 29.66 9.59 13.00
N GLY A 442 29.99 8.79 14.01
CA GLY A 442 29.85 7.35 13.88
C GLY A 442 28.41 6.89 13.80
N THR A 443 27.55 7.45 14.67
CA THR A 443 26.11 7.14 14.59
C THR A 443 25.52 7.56 13.25
N GLU A 444 26.00 8.66 12.67
CA GLU A 444 25.50 9.10 11.37
C GLU A 444 25.80 8.06 10.30
N ILE A 445 27.02 7.53 10.28
CA ILE A 445 27.36 6.46 9.35
C ILE A 445 26.47 5.24 9.58
N ALA A 446 26.23 4.90 10.84
CA ALA A 446 25.34 3.78 11.13
C ALA A 446 23.90 4.07 10.70
N MET A 447 23.45 5.33 10.85
CA MET A 447 22.11 5.68 10.40
C MET A 447 21.95 5.48 8.90
N ALA A 448 23.00 5.74 8.12
CA ALA A 448 22.91 5.50 6.68
C ALA A 448 22.87 4.01 6.39
N SER A 449 23.61 3.20 7.15
CA SER A 449 23.56 1.76 6.94
C SER A 449 22.19 1.21 7.30
N TYR A 450 21.59 1.68 8.39
CA TYR A 450 20.23 1.29 8.71
C TYR A 450 19.27 1.66 7.58
N CYS A 451 19.34 2.91 7.10
CA CYS A 451 18.39 3.39 6.11
C CYS A 451 18.49 2.62 4.80
N SER A 452 19.73 2.39 4.33
CA SER A 452 19.91 1.66 3.08
C SER A 452 19.27 0.28 3.15
N GLU A 453 19.49 -0.45 4.24
CA GLU A 453 18.94 -1.80 4.37
C GLU A 453 17.43 -1.76 4.55
N LEU A 454 16.92 -0.71 5.19
CA LEU A 454 15.47 -0.56 5.31
C LEU A 454 14.82 -0.32 3.96
N GLN A 455 15.39 0.56 3.14
CA GLN A 455 14.85 0.79 1.81
C GLN A 455 14.83 -0.50 0.99
N TYR A 456 15.89 -1.29 1.09
CA TYR A 456 15.92 -2.59 0.44
C TYR A 456 14.74 -3.47 0.88
N LEU A 457 14.48 -3.53 2.19
CA LEU A 457 13.38 -4.33 2.70
C LEU A 457 12.02 -3.80 2.27
N GLY A 458 11.92 -2.53 1.90
CA GLY A 458 10.67 -2.00 1.37
C GLY A 458 10.17 -2.71 0.13
N ASN A 459 11.01 -3.49 -0.54
CA ASN A 459 10.56 -4.23 -1.70
C ASN A 459 9.56 -5.32 -1.29
N PRO A 460 8.60 -5.64 -2.15
CA PRO A 460 7.55 -6.59 -1.78
C PRO A 460 7.93 -8.04 -2.06
N ILE A 461 7.18 -8.94 -1.43
CA ILE A 461 7.35 -10.37 -1.62
C ILE A 461 6.28 -10.99 -2.51
N THR A 462 5.07 -10.43 -2.55
CA THR A 462 3.96 -11.09 -3.24
C THR A 462 4.10 -11.08 -4.76
N ASN A 463 5.03 -10.30 -5.31
CA ASN A 463 5.33 -10.40 -6.73
C ASN A 463 6.35 -11.49 -7.04
N HIS A 464 6.54 -12.44 -6.11
CA HIS A 464 7.44 -13.58 -6.32
C HIS A 464 6.72 -14.90 -6.09
N VAL A 465 5.40 -14.92 -6.29
CA VAL A 465 4.63 -16.16 -6.12
C VAL A 465 5.10 -17.20 -7.14
N GLN A 466 5.29 -18.42 -6.66
CA GLN A 466 5.62 -19.57 -7.50
C GLN A 466 4.41 -20.48 -7.60
N SER A 467 4.23 -21.08 -8.77
CA SER A 467 3.19 -22.09 -8.95
C SER A 467 3.59 -23.34 -8.17
N ALA A 468 2.84 -23.66 -7.12
CA ALA A 468 3.29 -24.62 -6.12
C ALA A 468 2.38 -25.85 -6.05
N GLU A 469 2.94 -26.90 -5.44
CA GLU A 469 2.23 -28.14 -5.10
C GLU A 469 1.46 -28.71 -6.28
N GLN A 470 2.14 -29.44 -7.17
CA GLN A 470 1.53 -30.03 -8.35
C GLN A 470 0.86 -28.97 -9.22
N HIS A 471 1.21 -27.71 -9.05
CA HIS A 471 0.52 -26.58 -9.69
C HIS A 471 -0.94 -26.48 -9.25
N ASN A 472 -1.29 -27.15 -8.15
CA ASN A 472 -2.60 -26.93 -7.55
C ASN A 472 -2.65 -25.60 -6.82
N GLN A 473 -1.52 -25.13 -6.30
CA GLN A 473 -1.44 -23.84 -5.62
C GLN A 473 -0.76 -22.82 -6.53
N ASP A 474 -1.38 -22.59 -7.69
CA ASP A 474 -0.79 -21.70 -8.69
C ASP A 474 -0.87 -20.22 -8.30
N VAL A 475 -1.62 -19.87 -7.25
CA VAL A 475 -1.45 -18.61 -6.54
C VAL A 475 -1.41 -18.90 -5.04
N ASN A 476 -0.52 -18.22 -4.34
CA ASN A 476 -0.42 -18.32 -2.88
C ASN A 476 0.05 -16.98 -2.32
N SER A 477 -0.32 -16.72 -1.07
CA SER A 477 -0.22 -15.37 -0.51
C SER A 477 1.19 -15.04 -0.01
N LEU A 478 1.95 -16.02 0.47
CA LEU A 478 3.25 -15.77 1.07
C LEU A 478 3.15 -14.83 2.27
N GLY A 479 2.06 -14.98 3.03
CA GLY A 479 1.78 -14.06 4.12
C GLY A 479 2.85 -14.05 5.19
N LEU A 480 3.29 -15.22 5.64
CA LEU A 480 4.24 -15.26 6.74
C LEU A 480 5.61 -14.75 6.32
N VAL A 481 6.04 -15.11 5.11
CA VAL A 481 7.32 -14.61 4.62
C VAL A 481 7.32 -13.09 4.62
N SER A 482 6.23 -12.49 4.16
CA SER A 482 6.13 -11.03 4.13
C SER A 482 6.12 -10.46 5.54
N ALA A 483 5.39 -11.10 6.45
CA ALA A 483 5.39 -10.63 7.83
C ALA A 483 6.79 -10.69 8.44
N ARG A 484 7.59 -11.70 8.07
CA ARG A 484 8.93 -11.80 8.61
C ARG A 484 9.82 -10.66 8.12
N LYS A 485 9.64 -10.23 6.88
CA LYS A 485 10.42 -9.11 6.36
C LYS A 485 9.96 -7.79 6.97
N THR A 486 8.65 -7.62 7.18
CA THR A 486 8.17 -6.42 7.86
C THR A 486 8.65 -6.39 9.30
N ALA A 487 8.77 -7.56 9.94
CA ALA A 487 9.30 -7.60 11.30
C ALA A 487 10.75 -7.17 11.34
N GLU A 488 11.51 -7.50 10.30
CA GLU A 488 12.89 -7.05 10.23
C GLU A 488 12.98 -5.56 9.95
N ALA A 489 12.06 -5.04 9.14
CA ALA A 489 12.02 -3.59 8.89
C ALA A 489 11.69 -2.83 10.16
N ILE A 490 10.78 -3.37 10.99
CA ILE A 490 10.48 -2.74 12.27
C ILE A 490 11.72 -2.71 13.17
N ASP A 491 12.47 -3.81 13.20
CA ASP A 491 13.69 -3.85 14.00
C ASP A 491 14.64 -2.73 13.59
N ILE A 492 14.82 -2.54 12.28
CA ILE A 492 15.72 -1.50 11.82
C ILE A 492 15.16 -0.13 12.14
N LEU A 493 13.84 0.04 12.01
CA LEU A 493 13.24 1.32 12.36
C LEU A 493 13.39 1.60 13.85
N LYS A 494 13.46 0.57 14.68
CA LYS A 494 13.75 0.77 16.09
C LYS A 494 15.20 1.17 16.29
N LEU A 495 16.11 0.59 15.51
CA LEU A 495 17.51 1.02 15.54
C LEU A 495 17.63 2.50 15.18
N MET A 496 16.92 2.93 14.15
CA MET A 496 16.99 4.32 13.73
C MET A 496 16.31 5.23 14.74
N SER A 497 15.19 4.79 15.32
CA SER A 497 14.49 5.60 16.32
C SER A 497 15.35 5.81 17.55
N SER A 498 16.07 4.78 17.97
CA SER A 498 16.90 4.87 19.16
C SER A 498 18.01 5.89 18.98
N THR A 499 18.75 5.77 17.87
CA THR A 499 19.88 6.67 17.63
C THR A 499 19.40 8.10 17.47
N TYR A 500 18.26 8.28 16.80
CA TYR A 500 17.70 9.62 16.59
C TYR A 500 17.32 10.26 17.93
N ILE A 501 16.70 9.49 18.81
CA ILE A 501 16.28 10.01 20.11
C ILE A 501 17.48 10.49 20.91
N VAL A 502 18.58 9.72 20.89
CA VAL A 502 19.78 10.13 21.60
C VAL A 502 20.31 11.45 21.03
N ALA A 503 20.32 11.58 19.71
CA ALA A 503 20.80 12.81 19.09
C ALA A 503 19.90 13.99 19.43
N LEU A 504 18.59 13.77 19.55
CA LEU A 504 17.68 14.86 19.85
C LEU A 504 17.82 15.34 21.28
N CYS A 505 18.05 14.42 22.22
CA CYS A 505 18.36 14.84 23.58
C CYS A 505 19.72 15.52 23.66
N GLN A 506 20.67 15.11 22.82
CA GLN A 506 21.94 15.81 22.73
C GLN A 506 21.72 17.26 22.27
N ALA A 507 20.88 17.44 21.24
CA ALA A 507 20.64 18.78 20.72
C ALA A 507 19.90 19.65 21.73
N ILE A 508 19.02 19.06 22.53
CA ILE A 508 18.34 19.81 23.58
C ILE A 508 19.36 20.37 24.57
N ASP A 509 20.29 19.53 25.01
CA ASP A 509 21.31 19.98 25.96
C ASP A 509 22.24 21.01 25.33
N LEU A 510 22.51 20.91 24.02
CA LEU A 510 23.37 21.89 23.37
C LEU A 510 22.69 23.24 23.24
N ARG A 511 21.36 23.26 23.07
CA ARG A 511 20.64 24.53 23.11
C ARG A 511 20.68 25.14 24.51
N HIS A 512 20.51 24.30 25.53
CA HIS A 512 20.64 24.76 26.91
C HIS A 512 22.02 25.39 27.13
N LEU A 513 23.06 24.66 26.78
CA LEU A 513 24.42 25.19 26.92
C LEU A 513 24.59 26.47 26.11
N GLU A 514 24.04 26.51 24.89
CA GLU A 514 24.20 27.68 24.04
C GLU A 514 23.63 28.93 24.71
N GLU A 515 22.40 28.86 25.21
CA GLU A 515 21.76 30.06 25.74
C GLU A 515 22.48 30.57 26.98
N ASN A 516 22.96 29.66 27.83
CA ASN A 516 23.68 30.08 29.03
C ASN A 516 25.04 30.69 28.69
N ILE A 517 25.70 30.18 27.66
CA ILE A 517 26.94 30.81 27.21
C ILE A 517 26.64 32.19 26.65
N LYS A 518 25.67 32.29 25.74
CA LYS A 518 25.38 33.56 25.09
C LYS A 518 24.99 34.61 26.11
N THR A 519 24.14 34.26 27.08
CA THR A 519 23.80 35.18 28.16
C THR A 519 25.04 35.69 28.86
N SER A 520 26.00 34.80 29.12
CA SER A 520 27.20 35.20 29.83
C SER A 520 28.08 36.10 28.99
N VAL A 521 28.13 35.87 27.67
CA VAL A 521 28.91 36.73 26.79
C VAL A 521 28.33 38.14 26.78
N LYS A 522 27.01 38.24 26.59
CA LYS A 522 26.37 39.55 26.55
C LYS A 522 26.60 40.32 27.86
N ASN A 523 26.33 39.68 29.00
CA ASN A 523 26.51 40.37 30.27
C ASN A 523 27.94 40.85 30.44
N THR A 524 28.92 40.03 30.06
CA THR A 524 30.32 40.42 30.23
C THR A 524 30.71 41.51 29.25
N VAL A 525 30.17 41.48 28.03
CA VAL A 525 30.54 42.47 27.03
C VAL A 525 30.00 43.84 27.41
N THR A 526 28.75 43.91 27.86
CA THR A 526 28.17 45.20 28.24
C THR A 526 28.85 45.77 29.47
N GLN A 527 29.18 44.91 30.44
CA GLN A 527 29.86 45.37 31.64
C GLN A 527 31.21 45.99 31.31
N VAL A 528 31.99 45.34 30.44
CA VAL A 528 33.31 45.86 30.11
C VAL A 528 33.20 47.07 29.20
N ALA A 529 32.11 47.19 28.45
CA ALA A 529 31.92 48.33 27.57
C ALA A 529 31.47 49.57 28.32
N LYS A 530 30.86 49.40 29.50
CA LYS A 530 30.55 50.55 30.35
C LYS A 530 31.80 51.07 31.04
N LYS A 531 32.65 50.18 31.56
CA LYS A 531 33.84 50.61 32.28
C LYS A 531 34.82 51.35 31.36
N VAL A 532 34.90 50.97 30.10
CA VAL A 532 35.93 51.47 29.20
C VAL A 532 35.39 52.51 28.22
N LEU A 533 34.34 52.15 27.47
CA LEU A 533 33.84 53.05 26.43
C LEU A 533 32.96 54.16 26.99
N THR A 534 32.41 53.99 28.20
CA THR A 534 31.59 55.02 28.84
C THR A 534 32.34 55.81 29.91
N MET A 535 33.43 55.26 30.46
CA MET A 535 34.32 56.10 31.27
C MET A 535 34.89 57.23 30.44
N ASN A 536 34.99 57.03 29.12
CA ASN A 536 35.38 58.08 28.19
C ASN A 536 34.22 59.01 27.85
N PRO A 537 33.06 58.84 28.50
CA PRO A 537 31.95 59.76 28.32
C PRO A 537 32.18 61.11 28.99
N SER A 538 33.26 61.26 29.76
CA SER A 538 33.63 62.57 30.28
C SER A 538 34.08 63.50 29.16
N GLY A 539 34.45 62.95 27.99
CA GLY A 539 34.78 63.78 26.84
C GLY A 539 34.35 63.14 25.52
N ASP A 540 33.49 62.12 25.57
CA ASP A 540 32.89 61.57 24.35
C ASP A 540 31.67 60.74 24.78
N LEU A 541 30.51 61.40 24.87
CA LEU A 541 29.31 60.75 25.38
C LEU A 541 28.70 59.83 24.34
N SER A 542 28.45 60.32 23.12
CA SER A 542 27.77 59.58 22.09
C SER A 542 28.71 59.03 21.03
N SER A 543 29.95 58.72 21.40
CA SER A 543 30.87 58.07 20.48
C SER A 543 30.41 56.64 20.25
N ALA A 544 30.76 55.74 21.17
CA ALA A 544 30.37 54.34 21.09
C ALA A 544 29.19 54.01 22.00
N ARG A 545 28.42 55.01 22.41
CA ARG A 545 27.31 54.78 23.34
C ARG A 545 26.18 54.02 22.64
N PHE A 546 25.66 54.59 21.54
CA PHE A 546 24.62 53.92 20.78
C PHE A 546 25.05 52.54 20.29
N SER A 547 26.34 52.21 20.39
CA SER A 547 26.82 50.91 19.95
C SER A 547 26.53 49.80 20.95
N GLU A 548 26.21 50.13 22.20
CA GLU A 548 25.91 49.09 23.19
C GLU A 548 24.84 48.14 22.66
N LYS A 549 23.72 48.69 22.20
CA LYS A 549 22.72 47.87 21.51
C LYS A 549 23.32 47.20 20.29
N GLU A 550 24.29 47.85 19.63
CA GLU A 550 24.89 47.28 18.43
C GLU A 550 25.85 46.14 18.78
N LEU A 551 26.52 46.21 19.92
CA LEU A 551 27.35 45.08 20.34
C LEU A 551 26.50 43.86 20.62
N ILE A 552 25.38 44.04 21.33
CA ILE A 552 24.45 42.95 21.54
C ILE A 552 23.92 42.45 20.20
N THR A 553 23.57 43.36 19.31
CA THR A 553 23.11 42.96 17.99
C THR A 553 24.18 42.13 17.29
N ALA A 554 25.45 42.48 17.46
CA ALA A 554 26.52 41.74 16.80
C ALA A 554 26.74 40.37 17.46
N ILE A 555 26.47 40.27 18.76
CA ILE A 555 26.64 38.99 19.45
C ILE A 555 25.54 38.02 19.03
N ASP A 556 24.31 38.52 18.88
CA ASP A 556 23.19 37.65 18.53
C ASP A 556 23.36 37.05 17.14
N ARG A 557 23.91 37.81 16.20
CA ARG A 557 24.03 37.35 14.83
C ARG A 557 25.13 36.34 14.62
N GLU A 558 25.89 36.00 15.67
CA GLU A 558 27.02 35.10 15.54
C GLU A 558 26.75 33.81 16.33
N GLY A 559 27.14 32.69 15.73
CA GLY A 559 26.90 31.40 16.37
C GLY A 559 27.82 31.21 17.56
N VAL A 560 27.24 30.91 18.72
CA VAL A 560 28.01 30.75 19.95
C VAL A 560 29.17 29.79 19.72
N PHE A 561 28.87 28.60 19.19
CA PHE A 561 29.87 27.54 19.12
C PHE A 561 30.94 27.80 18.07
N THR A 562 30.81 28.85 17.27
CA THR A 562 31.92 29.24 16.40
C THR A 562 33.04 29.95 17.16
N TYR A 563 32.79 30.37 18.40
CA TYR A 563 33.81 30.97 19.23
C TYR A 563 33.83 30.46 20.66
N ALA A 564 32.89 29.61 21.06
CA ALA A 564 32.77 29.21 22.47
C ALA A 564 34.06 28.60 23.00
N GLU A 565 34.86 27.97 22.14
CA GLU A 565 36.22 27.57 22.52
C GLU A 565 37.14 28.75 22.24
N ASP A 566 37.88 29.18 23.26
CA ASP A 566 38.76 30.33 23.10
C ASP A 566 37.95 31.57 22.76
N PRO A 567 36.95 31.93 23.58
CA PRO A 567 36.02 32.99 23.18
C PRO A 567 36.67 34.35 22.96
N ALA A 568 37.84 34.60 23.54
CA ALA A 568 38.51 35.89 23.42
C ALA A 568 39.59 35.88 22.35
N SER A 569 39.73 34.80 21.60
CA SER A 569 40.68 34.77 20.49
C SER A 569 40.32 35.84 19.47
N ALA A 570 41.35 36.55 19.00
CA ALA A 570 41.15 37.59 17.99
C ALA A 570 40.94 37.04 16.60
N SER A 571 41.17 35.74 16.39
CA SER A 571 40.93 35.12 15.09
C SER A 571 39.54 34.53 14.95
N LEU A 572 38.78 34.42 16.04
CA LEU A 572 37.44 33.88 16.00
C LEU A 572 36.41 34.98 15.85
N PRO A 573 35.16 34.64 15.53
CA PRO A 573 34.20 35.66 15.09
C PRO A 573 33.81 36.68 16.16
N LEU A 574 33.75 36.30 17.43
CA LEU A 574 33.27 37.24 18.44
C LEU A 574 34.15 38.48 18.51
N MET A 575 35.43 38.31 18.83
CA MET A 575 36.34 39.45 18.89
C MET A 575 36.49 40.12 17.53
N THR A 576 36.44 39.35 16.45
CA THR A 576 36.55 39.92 15.11
C THR A 576 35.38 40.87 14.84
N LYS A 577 34.16 40.43 15.15
CA LYS A 577 33.00 41.26 14.88
C LYS A 577 32.93 42.46 15.83
N LEU A 578 33.23 42.24 17.11
CA LEU A 578 33.17 43.34 18.07
C LEU A 578 34.10 44.48 17.65
N ARG A 579 35.33 44.15 17.29
CA ARG A 579 36.25 45.18 16.78
C ARG A 579 35.64 45.90 15.60
N ALA A 580 35.20 45.15 14.59
CA ALA A 580 34.65 45.77 13.38
C ALA A 580 33.52 46.73 13.71
N VAL A 581 32.71 46.40 14.72
CA VAL A 581 31.64 47.30 15.14
C VAL A 581 32.23 48.59 15.70
N LEU A 582 33.20 48.47 16.60
CA LEU A 582 33.81 49.65 17.19
C LEU A 582 34.57 50.46 16.14
N VAL A 583 35.41 49.80 15.35
CA VAL A 583 36.20 50.49 14.35
C VAL A 583 35.29 51.19 13.35
N ASP A 584 34.29 50.48 12.84
CA ASP A 584 33.38 51.07 11.86
C ASP A 584 32.80 52.38 12.38
N HIS A 585 32.30 52.36 13.63
CA HIS A 585 31.69 53.56 14.21
C HIS A 585 32.74 54.66 14.42
N ALA A 586 33.97 54.29 14.72
CA ALA A 586 35.02 55.28 14.95
C ALA A 586 35.29 56.10 13.70
N LEU A 587 35.67 55.43 12.61
CA LEU A 587 36.03 56.12 11.37
C LEU A 587 34.82 56.49 10.52
N SER A 588 33.61 56.18 10.97
CA SER A 588 32.39 56.65 10.33
C SER A 588 31.77 57.83 11.05
N SER A 589 31.74 57.82 12.38
CA SER A 589 31.27 58.94 13.16
C SER A 589 32.37 59.98 13.31
N GLY A 590 33.04 60.31 12.22
CA GLY A 590 34.10 61.31 12.23
C GLY A 590 35.19 61.01 13.24
N ASP A 591 36.24 60.31 12.80
CA ASP A 591 37.38 60.07 13.68
C ASP A 591 38.10 61.36 14.01
N ALA A 592 38.06 62.35 13.12
CA ALA A 592 38.75 63.61 13.38
C ALA A 592 38.19 64.33 14.59
N GLU A 593 36.90 64.15 14.88
CA GLU A 593 36.29 64.81 16.03
C GLU A 593 36.93 64.34 17.33
N ARG A 594 37.38 63.09 17.39
CA ARG A 594 38.07 62.56 18.55
C ARG A 594 38.97 61.41 18.14
N GLU A 595 40.04 61.72 17.39
CA GLU A 595 40.87 60.67 16.79
C GLU A 595 41.76 59.98 17.81
N PRO A 596 42.57 60.68 18.61
CA PRO A 596 43.60 59.98 19.39
C PRO A 596 43.05 59.03 20.44
N SER A 597 41.96 59.40 21.12
CA SER A 597 41.48 58.61 22.25
C SER A 597 40.63 57.42 21.82
N VAL A 598 39.86 57.56 20.74
CA VAL A 598 38.90 56.51 20.38
C VAL A 598 39.59 55.16 20.19
N PHE A 599 40.65 55.13 19.38
CA PHE A 599 41.26 53.85 19.02
C PHE A 599 42.03 53.22 20.17
N SER A 600 42.58 54.04 21.08
CA SER A 600 43.25 53.48 22.24
C SER A 600 42.25 52.84 23.19
N LYS A 601 41.02 53.36 23.23
CA LYS A 601 39.98 52.73 24.04
C LYS A 601 39.65 51.32 23.54
N ILE A 602 39.53 51.17 22.23
CA ILE A 602 39.23 49.86 21.65
C ILE A 602 40.22 48.82 22.17
N THR A 603 41.51 49.14 22.13
CA THR A 603 42.52 48.20 22.58
C THR A 603 42.34 47.86 24.06
N LYS A 604 41.98 48.85 24.87
CA LYS A 604 41.75 48.59 26.29
C LYS A 604 40.49 47.76 26.50
N PHE A 605 39.47 47.98 25.66
CA PHE A 605 38.26 47.18 25.74
C PHE A 605 38.56 45.70 25.49
N GLU A 606 39.36 45.41 24.45
CA GLU A 606 39.67 44.02 24.13
C GLU A 606 40.44 43.35 25.27
N GLU A 607 41.46 44.04 25.80
CA GLU A 607 42.29 43.43 26.82
C GLU A 607 41.52 43.23 28.12
N GLU A 608 40.62 44.16 28.45
CA GLU A 608 39.76 43.96 29.61
C GLU A 608 38.87 42.75 29.42
N LEU A 609 38.20 42.66 28.26
CA LEU A 609 37.35 41.53 27.97
C LEU A 609 38.15 40.23 27.99
N ARG A 610 39.32 40.24 27.36
CA ARG A 610 40.14 39.04 27.31
C ARG A 610 40.56 38.56 28.69
N ALA A 611 40.51 39.44 29.69
CA ALA A 611 40.92 39.06 31.04
C ALA A 611 39.84 38.31 31.80
N VAL A 612 38.57 38.49 31.45
CA VAL A 612 37.48 37.90 32.23
C VAL A 612 36.49 37.11 31.38
N LEU A 613 36.38 37.32 30.08
CA LEU A 613 35.40 36.57 29.31
C LEU A 613 35.67 35.06 29.36
N PRO A 614 36.90 34.57 29.11
CA PRO A 614 37.12 33.13 29.19
C PRO A 614 36.67 32.51 30.50
N ARG A 615 36.89 33.19 31.62
CA ARG A 615 36.46 32.66 32.91
C ARG A 615 34.94 32.65 33.02
N GLU A 616 34.27 33.66 32.44
CA GLU A 616 32.81 33.71 32.52
C GLU A 616 32.17 32.62 31.66
N VAL A 617 32.66 32.43 30.44
CA VAL A 617 32.14 31.36 29.59
C VAL A 617 32.35 30.01 30.26
N GLU A 618 33.56 29.77 30.77
CA GLU A 618 33.85 28.51 31.41
C GLU A 618 32.94 28.28 32.61
N ALA A 619 32.66 29.34 33.38
CA ALA A 619 31.78 29.21 34.53
C ALA A 619 30.35 28.94 34.10
N ALA A 620 29.95 29.40 32.92
CA ALA A 620 28.64 29.07 32.40
C ALA A 620 28.56 27.60 32.02
N ARG A 621 29.58 27.07 31.34
CA ARG A 621 29.61 25.64 31.04
C ARG A 621 29.50 24.81 32.31
N VAL A 622 30.23 25.20 33.35
CA VAL A 622 30.23 24.42 34.59
C VAL A 622 28.86 24.44 35.24
N ALA A 623 28.21 25.61 35.28
CA ALA A 623 26.90 25.71 35.89
C ALA A 623 25.88 24.85 35.15
N VAL A 624 25.96 24.82 33.82
CA VAL A 624 25.10 23.93 33.04
C VAL A 624 25.29 22.49 33.49
N ALA A 625 26.54 22.05 33.58
CA ALA A 625 26.81 20.63 33.84
C ALA A 625 26.43 20.25 35.25
N GLU A 626 26.42 21.19 36.19
CA GLU A 626 26.02 20.92 37.56
C GLU A 626 24.52 21.02 37.77
N GLY A 627 23.76 21.47 36.78
CA GLY A 627 22.34 21.63 36.93
C GLY A 627 21.93 22.88 37.68
N THR A 628 22.78 23.89 37.72
CA THR A 628 22.51 25.15 38.41
C THR A 628 22.69 26.32 37.45
N ALA A 629 22.26 26.16 36.22
CA ALA A 629 22.48 27.18 35.21
C ALA A 629 21.58 28.38 35.46
N PRO A 630 22.07 29.61 35.22
CA PRO A 630 21.18 30.78 35.38
C PRO A 630 19.93 30.71 34.52
N VAL A 631 20.06 30.37 33.24
CA VAL A 631 18.92 30.23 32.35
C VAL A 631 18.48 28.77 32.34
N ALA A 632 17.23 28.53 32.69
CA ALA A 632 16.74 27.16 32.81
C ALA A 632 16.67 26.48 31.45
N ASN A 633 16.75 25.15 31.48
CA ASN A 633 16.57 24.35 30.26
C ASN A 633 15.11 24.46 29.83
N ARG A 634 14.89 24.86 28.58
CA ARG A 634 13.53 25.08 28.11
C ARG A 634 12.76 23.78 27.91
N ILE A 635 13.43 22.63 27.93
CA ILE A 635 12.72 21.36 27.79
C ILE A 635 11.79 21.14 28.98
N ALA A 636 12.13 21.68 30.15
CA ALA A 636 11.34 21.45 31.35
C ALA A 636 9.98 22.15 31.26
N ASP A 637 9.87 23.21 30.46
CA ASP A 637 8.62 23.94 30.30
C ASP A 637 7.93 23.62 28.97
N SER A 638 8.20 22.44 28.42
CA SER A 638 7.73 22.05 27.10
C SER A 638 6.93 20.76 27.18
N ARG A 639 6.00 20.59 26.23
CA ARG A 639 5.16 19.39 26.22
C ARG A 639 5.95 18.14 25.87
N SER A 640 7.10 18.27 25.22
CA SER A 640 7.94 17.13 24.89
C SER A 640 8.81 16.66 26.05
N PHE A 641 8.73 17.32 27.20
CA PHE A 641 9.59 16.95 28.33
C PHE A 641 9.56 15.47 28.68
N PRO A 642 8.43 14.76 28.63
CA PRO A 642 8.43 13.34 29.04
C PRO A 642 9.44 12.49 28.29
N LEU A 643 9.73 12.78 27.02
CA LEU A 643 10.70 11.97 26.29
C LEU A 643 12.12 12.27 26.75
N TYR A 644 12.46 13.54 26.92
CA TYR A 644 13.77 13.89 27.46
C TYR A 644 13.94 13.34 28.87
N ARG A 645 12.93 13.52 29.72
CA ARG A 645 12.99 12.97 31.07
C ARG A 645 13.19 11.46 31.03
N PHE A 646 12.54 10.79 30.08
CA PHE A 646 12.65 9.34 29.99
C PHE A 646 14.05 8.89 29.64
N VAL A 647 14.71 9.59 28.72
CA VAL A 647 16.06 9.21 28.29
C VAL A 647 17.07 9.50 29.39
N ARG A 648 16.97 10.67 30.02
CA ARG A 648 18.01 11.16 30.92
C ARG A 648 17.86 10.65 32.34
N GLU A 649 16.63 10.65 32.87
CA GLU A 649 16.40 10.23 34.25
C GLU A 649 16.15 8.74 34.36
N GLU A 650 15.20 8.21 33.59
CA GLU A 650 14.77 6.82 33.75
C GLU A 650 15.78 5.83 33.20
N LEU A 651 16.35 6.09 32.02
CA LEU A 651 17.31 5.18 31.42
C LEU A 651 18.76 5.52 31.77
N GLY A 652 19.02 6.73 32.24
CA GLY A 652 20.36 7.09 32.64
C GLY A 652 21.31 7.45 31.52
N CYS A 653 20.80 7.90 30.37
CA CYS A 653 21.67 8.36 29.29
C CYS A 653 22.17 9.76 29.60
N VAL A 654 23.45 10.00 29.34
CA VAL A 654 24.09 11.25 29.71
C VAL A 654 24.48 12.01 28.45
N PHE A 655 24.68 13.31 28.63
CA PHE A 655 25.24 14.15 27.58
C PHE A 655 26.59 13.57 27.15
N LEU A 656 26.77 13.44 25.84
CA LEU A 656 27.97 12.83 25.27
C LEU A 656 29.02 13.89 24.96
N THR A 657 30.25 13.60 25.33
CA THR A 657 31.35 14.53 25.12
C THR A 657 32.66 13.75 25.08
N GLY A 658 33.63 14.30 24.34
CA GLY A 658 34.95 13.70 24.30
C GLY A 658 35.73 13.83 25.58
N GLU A 659 35.26 14.65 26.52
CA GLU A 659 35.92 14.78 27.81
C GLU A 659 35.61 13.62 28.75
N LYS A 660 34.67 12.75 28.38
CA LYS A 660 34.27 11.61 29.18
C LYS A 660 34.49 10.33 28.37
N LEU A 661 34.14 9.20 28.98
CA LEU A 661 34.48 7.90 28.41
C LEU A 661 33.32 7.22 27.68
N LYS A 662 32.09 7.66 27.88
CA LYS A 662 30.94 6.97 27.28
C LYS A 662 30.96 7.11 25.76
N SER A 663 30.64 6.03 25.08
CA SER A 663 30.50 6.02 23.64
C SER A 663 29.03 6.12 23.25
N PRO A 664 28.73 6.71 22.08
CA PRO A 664 27.32 6.88 21.71
C PRO A 664 26.55 5.57 21.62
N GLY A 665 27.19 4.49 21.18
CA GLY A 665 26.48 3.23 21.05
C GLY A 665 25.92 2.74 22.37
N GLU A 666 26.63 2.97 23.47
CA GLU A 666 26.15 2.55 24.78
C GLU A 666 24.81 3.21 25.09
N GLU A 667 24.65 4.49 24.76
CA GLU A 667 23.40 5.19 25.02
C GLU A 667 22.33 4.78 24.01
N CYS A 668 22.72 4.56 22.74
CA CYS A 668 21.78 4.05 21.76
C CYS A 668 21.23 2.70 22.18
N THR A 669 22.08 1.84 22.74
CA THR A 669 21.62 0.51 23.14
C THR A 669 20.62 0.59 24.29
N LYS A 670 20.85 1.47 25.25
CA LYS A 670 19.91 1.59 26.37
C LYS A 670 18.54 2.02 25.89
N VAL A 671 18.50 2.97 24.95
CA VAL A 671 17.22 3.41 24.39
C VAL A 671 16.58 2.30 23.57
N PHE A 672 17.38 1.61 22.75
CA PHE A 672 16.84 0.52 21.94
C PHE A 672 16.22 -0.56 22.80
N ASN A 673 16.87 -0.92 23.91
CA ASN A 673 16.31 -1.94 24.79
C ASN A 673 15.07 -1.43 25.51
N GLY A 674 15.08 -0.15 25.91
CA GLY A 674 13.89 0.43 26.49
C GLY A 674 12.70 0.37 25.55
N ILE A 675 12.92 0.72 24.27
CA ILE A 675 11.85 0.65 23.28
C ILE A 675 11.30 -0.76 23.18
N ASN A 676 12.19 -1.75 23.08
CA ASN A 676 11.77 -3.14 22.99
C ASN A 676 11.02 -3.59 24.23
N GLN A 677 11.38 -3.06 25.39
CA GLN A 677 10.72 -3.46 26.63
C GLN A 677 9.41 -2.73 26.88
N GLY A 678 8.98 -1.87 25.95
CA GLY A 678 7.72 -1.18 26.08
C GLY A 678 7.75 0.09 26.90
N LYS A 679 8.93 0.60 27.24
CA LYS A 679 9.05 1.73 28.15
C LYS A 679 8.84 3.10 27.49
N LEU A 680 8.78 3.17 26.17
CA LEU A 680 8.67 4.45 25.48
C LEU A 680 7.24 4.84 25.14
N VAL A 681 6.30 3.91 25.22
CA VAL A 681 4.92 4.22 24.84
C VAL A 681 4.36 5.33 25.72
N ASP A 682 4.53 5.20 27.04
CA ASP A 682 3.90 6.17 27.95
C ASP A 682 4.52 7.55 27.83
N PRO A 683 5.85 7.71 27.87
CA PRO A 683 6.42 9.05 27.66
C PRO A 683 6.01 9.66 26.33
N MET A 684 6.01 8.88 25.25
CA MET A 684 5.59 9.38 23.95
C MET A 684 4.18 9.93 24.01
N LEU A 685 3.26 9.17 24.61
CA LEU A 685 1.87 9.62 24.71
C LEU A 685 1.72 10.76 25.70
N GLU A 686 2.50 10.75 26.78
CA GLU A 686 2.43 11.83 27.76
C GLU A 686 2.74 13.18 27.15
N CYS A 687 3.47 13.22 26.03
CA CYS A 687 3.65 14.47 25.30
C CYS A 687 2.33 15.01 24.77
N LEU A 688 1.32 14.17 24.61
CA LEU A 688 0.04 14.55 24.03
C LEU A 688 -1.10 14.49 25.04
N LYS A 689 -0.77 14.42 26.34
CA LYS A 689 -1.81 14.25 27.35
C LYS A 689 -2.83 15.39 27.30
N GLU A 690 -2.45 16.57 26.85
CA GLU A 690 -3.31 17.74 26.88
C GLU A 690 -4.04 18.00 25.56
N TRP A 691 -3.93 17.11 24.58
CA TRP A 691 -4.50 17.34 23.26
C TRP A 691 -5.93 16.84 23.20
N ASP A 692 -6.82 17.67 22.66
CA ASP A 692 -8.24 17.35 22.57
C ASP A 692 -8.62 16.69 21.25
N GLY A 693 -7.64 16.38 20.41
CA GLY A 693 -7.91 15.76 19.13
C GLY A 693 -8.27 16.71 18.01
N LYS A 694 -8.25 18.01 18.26
CA LYS A 694 -8.59 19.01 17.27
C LYS A 694 -7.36 19.79 16.84
N PRO A 695 -7.32 20.27 15.60
CA PRO A 695 -6.33 21.29 15.25
C PRO A 695 -6.74 22.63 15.85
N LEU A 696 -5.80 23.57 15.83
CA LEU A 696 -6.11 24.88 16.36
C LEU A 696 -6.94 25.70 15.36
N PRO A 697 -7.84 26.54 15.84
CA PRO A 697 -8.71 27.30 14.93
C PRO A 697 -7.92 28.10 13.90
N ILE A 698 -8.52 28.26 12.72
CA ILE A 698 -7.94 29.00 11.61
C ILE A 698 -8.82 30.16 11.16
N ASN A 699 -9.87 30.48 11.92
CA ASN A 699 -10.84 31.49 11.53
C ASN A 699 -10.74 32.73 12.43
N VAL A 700 -9.53 33.16 12.74
CA VAL A 700 -9.31 34.37 13.52
C VAL A 700 -8.24 35.22 12.87
N ASN B 4 -12.04 31.04 5.55
CA ASN B 4 -11.75 29.75 6.15
C ASN B 4 -12.88 29.37 7.10
N GLY B 5 -13.23 28.09 7.11
CA GLY B 5 -14.31 27.62 7.95
C GLY B 5 -13.85 27.26 9.35
N ALA B 6 -14.81 26.80 10.15
CA ALA B 6 -14.54 26.39 11.52
C ALA B 6 -14.16 24.91 11.57
N ILE B 7 -13.53 24.53 12.68
CA ILE B 7 -13.20 23.13 12.90
C ILE B 7 -14.48 22.31 12.96
N VAL B 8 -14.50 21.19 12.24
CA VAL B 8 -15.66 20.30 12.21
C VAL B 8 -15.65 19.45 13.49
N GLU B 9 -16.61 19.71 14.38
CA GLU B 9 -16.57 19.10 15.70
C GLU B 9 -16.71 17.58 15.64
N SER B 10 -17.58 17.08 14.76
CA SER B 10 -17.83 15.65 14.68
C SER B 10 -16.75 14.91 13.90
N ASP B 11 -15.86 15.62 13.22
CA ASP B 11 -14.85 15.00 12.37
C ASP B 11 -13.68 15.96 12.22
N PRO B 12 -13.00 16.31 13.31
CA PRO B 12 -12.05 17.43 13.25
C PRO B 12 -10.85 17.17 12.38
N LEU B 13 -10.43 15.92 12.23
CA LEU B 13 -9.26 15.58 11.43
C LEU B 13 -9.61 15.02 10.06
N ASN B 14 -10.90 14.87 9.75
CA ASN B 14 -11.39 14.47 8.43
C ASN B 14 -11.26 12.97 8.18
N TRP B 15 -11.08 12.16 9.21
CA TRP B 15 -11.04 10.71 9.01
C TRP B 15 -12.40 10.18 8.57
N GLY B 16 -13.48 10.74 9.13
CA GLY B 16 -14.80 10.21 8.86
C GLY B 16 -15.29 10.48 7.46
N ALA B 17 -14.92 11.63 6.89
CA ALA B 17 -15.33 11.94 5.53
C ALA B 17 -14.55 11.09 4.51
N ALA B 18 -13.29 10.79 4.79
CA ALA B 18 -12.52 9.91 3.92
C ALA B 18 -13.02 8.48 4.01
N ALA B 19 -13.38 8.03 5.22
CA ALA B 19 -13.94 6.70 5.37
C ALA B 19 -15.28 6.57 4.67
N ALA B 20 -16.06 7.66 4.65
CA ALA B 20 -17.37 7.62 4.01
C ALA B 20 -17.25 7.37 2.51
N GLU B 21 -16.18 7.89 1.89
CA GLU B 21 -15.94 7.61 0.48
C GLU B 21 -15.86 6.11 0.20
N LEU B 22 -15.49 5.31 1.20
CA LEU B 22 -15.24 3.89 1.01
C LEU B 22 -16.40 3.01 1.49
N SER B 23 -17.56 3.62 1.80
CA SER B 23 -18.64 2.89 2.43
C SER B 23 -19.50 2.13 1.43
N GLY B 24 -19.56 2.58 0.18
CA GLY B 24 -20.37 1.93 -0.81
C GLY B 24 -19.65 0.75 -1.44
N SER B 25 -20.37 0.09 -2.35
CA SER B 25 -19.80 -1.02 -3.08
C SER B 25 -18.84 -0.52 -4.15
N HIS B 26 -17.88 -1.36 -4.51
CA HIS B 26 -16.93 -1.02 -5.56
C HIS B 26 -17.62 -0.90 -6.91
N LEU B 27 -18.56 -1.80 -7.21
CA LEU B 27 -19.20 -1.78 -8.52
C LEU B 27 -19.98 -0.49 -8.74
N ASP B 28 -20.77 -0.05 -7.76
CA ASP B 28 -21.48 1.22 -7.90
C ASP B 28 -20.50 2.36 -8.13
N GLU B 29 -19.35 2.30 -7.46
CA GLU B 29 -18.34 3.33 -7.63
C GLU B 29 -17.74 3.30 -9.04
N VAL B 30 -17.54 2.10 -9.59
CA VAL B 30 -17.06 1.98 -10.97
C VAL B 30 -18.12 2.47 -11.95
N LYS B 31 -19.40 2.14 -11.69
CA LYS B 31 -20.47 2.58 -12.59
C LYS B 31 -20.58 4.10 -12.61
N ARG B 32 -20.49 4.75 -11.44
CA ARG B 32 -20.46 6.21 -11.42
C ARG B 32 -19.26 6.74 -12.18
N MET B 33 -18.10 6.09 -11.99
CA MET B 33 -16.87 6.54 -12.62
C MET B 33 -16.97 6.52 -14.13
N VAL B 34 -17.47 5.41 -14.71
CA VAL B 34 -17.51 5.32 -16.17
C VAL B 34 -18.57 6.24 -16.74
N ALA B 35 -19.69 6.43 -16.02
CA ALA B 35 -20.69 7.38 -16.49
C ALA B 35 -20.11 8.78 -16.60
N GLN B 36 -19.26 9.17 -15.65
CA GLN B 36 -18.63 10.49 -15.72
C GLN B 36 -17.67 10.59 -16.89
N ALA B 37 -16.93 9.52 -17.17
CA ALA B 37 -16.03 9.50 -18.30
C ALA B 37 -16.75 9.54 -19.64
N ARG B 38 -18.05 9.28 -19.66
CA ARG B 38 -18.85 9.39 -20.89
C ARG B 38 -19.53 10.74 -21.04
N GLN B 39 -19.47 11.60 -20.03
CA GLN B 39 -20.11 12.90 -20.13
C GLN B 39 -19.33 13.78 -21.11
N PRO B 40 -20.02 14.55 -21.97
CA PRO B 40 -19.31 15.43 -22.91
C PRO B 40 -18.86 16.75 -22.32
N VAL B 41 -19.07 16.99 -21.02
CA VAL B 41 -18.69 18.23 -20.38
C VAL B 41 -18.07 17.90 -19.02
N VAL B 42 -16.94 18.53 -18.72
CA VAL B 42 -16.31 18.46 -17.41
C VAL B 42 -16.28 19.87 -16.86
N LYS B 43 -17.09 20.14 -15.84
CA LYS B 43 -17.13 21.43 -15.17
C LYS B 43 -16.37 21.31 -13.86
N ILE B 44 -15.36 22.15 -13.68
CA ILE B 44 -14.48 22.09 -12.52
C ILE B 44 -14.62 23.37 -11.71
N GLU B 45 -14.57 23.23 -10.39
CA GLU B 45 -14.59 24.39 -9.50
C GLU B 45 -13.61 24.24 -8.33
N GLY B 46 -12.80 23.19 -8.31
CA GLY B 46 -11.75 23.03 -7.32
C GLY B 46 -12.01 21.99 -6.26
N SER B 47 -13.12 21.25 -6.32
CA SER B 47 -13.44 20.35 -5.22
C SER B 47 -14.21 19.09 -5.63
N THR B 48 -14.59 18.92 -6.90
CA THR B 48 -15.42 17.78 -7.28
C THR B 48 -14.84 16.99 -8.46
N LEU B 49 -13.56 17.18 -8.77
CA LEU B 49 -12.95 16.48 -9.89
C LEU B 49 -12.68 15.03 -9.52
N ARG B 50 -13.08 14.11 -10.40
CA ARG B 50 -12.96 12.67 -10.17
C ARG B 50 -12.19 12.03 -11.31
N VAL B 51 -11.70 10.80 -11.09
CA VAL B 51 -10.74 10.22 -12.02
C VAL B 51 -11.39 9.91 -13.36
N GLY B 52 -12.70 9.64 -13.37
CA GLY B 52 -13.38 9.46 -14.64
C GLY B 52 -13.34 10.71 -15.50
N GLN B 53 -13.47 11.87 -14.88
CA GLN B 53 -13.44 13.13 -15.63
C GLN B 53 -12.04 13.41 -16.16
N VAL B 54 -11.00 13.11 -15.37
CA VAL B 54 -9.64 13.28 -15.85
C VAL B 54 -9.37 12.34 -17.02
N ALA B 55 -9.89 11.11 -16.94
CA ALA B 55 -9.73 10.16 -18.04
C ALA B 55 -10.47 10.63 -19.29
N ALA B 56 -11.65 11.22 -19.10
CA ALA B 56 -12.39 11.74 -20.25
C ALA B 56 -11.59 12.80 -21.00
N VAL B 57 -10.96 13.72 -20.27
CA VAL B 57 -10.22 14.80 -20.91
C VAL B 57 -8.92 14.27 -21.51
N ALA B 58 -8.26 13.33 -20.83
CA ALA B 58 -6.98 12.83 -21.32
C ALA B 58 -7.14 12.10 -22.64
N SER B 59 -8.16 11.26 -22.78
CA SER B 59 -8.34 10.49 -24.02
C SER B 59 -9.02 11.28 -25.12
N ALA B 60 -9.59 12.45 -24.83
CA ALA B 60 -10.19 13.26 -25.86
C ALA B 60 -9.14 14.14 -26.53
N LYS B 61 -9.41 14.50 -27.79
CA LYS B 61 -8.50 15.35 -28.55
C LYS B 61 -8.76 16.82 -28.34
N ASP B 62 -10.02 17.21 -28.15
CA ASP B 62 -10.39 18.61 -27.95
C ASP B 62 -11.81 18.67 -27.40
N ALA B 63 -12.46 19.82 -27.51
CA ALA B 63 -13.80 19.98 -26.94
C ALA B 63 -14.82 19.08 -27.61
N SER B 64 -14.59 18.63 -28.85
CA SER B 64 -15.57 17.80 -29.53
C SER B 64 -15.77 16.46 -28.82
N GLY B 65 -14.74 15.97 -28.13
CA GLY B 65 -14.88 14.77 -27.33
C GLY B 65 -15.35 15.08 -25.92
N VAL B 66 -14.67 16.03 -25.27
CA VAL B 66 -15.04 16.48 -23.94
C VAL B 66 -14.67 17.95 -23.80
N ALA B 67 -15.62 18.76 -23.35
CA ALA B 67 -15.43 20.19 -23.21
C ALA B 67 -15.19 20.53 -21.74
N VAL B 68 -14.19 21.38 -21.49
CA VAL B 68 -13.81 21.78 -20.14
C VAL B 68 -14.45 23.14 -19.87
N GLU B 69 -15.14 23.24 -18.73
CA GLU B 69 -15.89 24.44 -18.36
C GLU B 69 -15.45 24.90 -16.98
N LEU B 70 -15.15 26.18 -16.85
CA LEU B 70 -14.83 26.78 -15.56
C LEU B 70 -16.10 27.30 -14.92
N ASP B 71 -16.27 26.99 -13.63
CA ASP B 71 -17.45 27.43 -12.89
C ASP B 71 -17.26 28.89 -12.48
N GLU B 72 -18.17 29.75 -12.95
CA GLU B 72 -18.02 31.19 -12.73
C GLU B 72 -18.21 31.59 -11.28
N GLU B 73 -18.82 30.74 -10.45
CA GLU B 73 -18.93 31.06 -9.04
C GLU B 73 -17.59 30.98 -8.31
N ALA B 74 -16.53 30.51 -8.96
CA ALA B 74 -15.20 30.52 -8.37
C ALA B 74 -14.45 31.82 -8.61
N ARG B 75 -14.96 32.68 -9.49
CA ARG B 75 -14.22 33.88 -9.87
C ARG B 75 -13.94 34.82 -8.69
N PRO B 76 -14.88 35.07 -7.77
CA PRO B 76 -14.60 36.06 -6.72
C PRO B 76 -13.43 35.68 -5.82
N ARG B 77 -13.36 34.42 -5.36
CA ARG B 77 -12.30 34.04 -4.45
C ARG B 77 -10.95 33.99 -5.17
N VAL B 78 -10.95 33.53 -6.43
CA VAL B 78 -9.73 33.57 -7.23
C VAL B 78 -9.23 35.01 -7.35
N LYS B 79 -10.11 35.93 -7.75
CA LYS B 79 -9.70 37.33 -7.88
C LYS B 79 -9.26 37.90 -6.54
N ALA B 80 -9.95 37.54 -5.46
CA ALA B 80 -9.67 38.14 -4.16
C ALA B 80 -8.22 37.91 -3.75
N SER B 81 -7.71 36.69 -3.91
CA SER B 81 -6.32 36.42 -3.53
C SER B 81 -5.33 36.98 -4.54
N SER B 82 -5.74 37.14 -5.80
CA SER B 82 -4.91 37.86 -6.77
C SER B 82 -4.77 39.33 -6.37
N GLU B 83 -5.89 39.99 -6.06
CA GLU B 83 -5.84 41.39 -5.67
C GLU B 83 -5.08 41.59 -4.36
N TRP B 84 -5.20 40.65 -3.43
CA TRP B 84 -4.51 40.77 -2.15
C TRP B 84 -3.00 40.85 -2.35
N ILE B 85 -2.46 40.06 -3.27
CA ILE B 85 -1.04 40.19 -3.61
C ILE B 85 -0.77 41.60 -4.13
N LEU B 86 -1.61 42.07 -5.05
CA LEU B 86 -1.33 43.33 -5.74
C LEU B 86 -1.43 44.51 -4.78
N ASP B 87 -2.42 44.51 -3.89
CA ASP B 87 -2.55 45.61 -2.94
C ASP B 87 -1.36 45.63 -1.99
N CYS B 88 -1.02 44.48 -1.40
CA CYS B 88 0.09 44.41 -0.47
C CYS B 88 1.38 44.92 -1.12
N ILE B 89 1.55 44.71 -2.42
CA ILE B 89 2.73 45.23 -3.12
C ILE B 89 2.68 46.74 -3.17
N ALA B 90 1.55 47.30 -3.63
CA ALA B 90 1.45 48.74 -3.85
C ALA B 90 1.74 49.51 -2.56
N HIS B 91 1.27 49.02 -1.43
CA HIS B 91 1.43 49.71 -0.14
C HIS B 91 2.65 49.20 0.62
N GLY B 92 3.79 49.11 -0.06
CA GLY B 92 5.01 48.71 0.61
C GLY B 92 5.57 47.39 0.12
N GLY B 93 5.17 46.31 0.76
CA GLY B 93 5.67 44.99 0.44
C GLY B 93 5.67 44.11 1.67
N ASP B 94 5.74 42.81 1.44
CA ASP B 94 5.61 41.85 2.53
C ASP B 94 6.00 40.45 2.08
N ILE B 95 5.11 39.80 1.35
CA ILE B 95 5.16 38.37 1.02
C ILE B 95 6.60 37.86 1.01
N TYR B 96 6.94 37.02 2.00
CA TYR B 96 8.31 36.58 2.18
C TYR B 96 8.79 35.70 1.02
N GLY B 97 7.91 34.90 0.43
CA GLY B 97 8.33 34.00 -0.61
C GLY B 97 8.16 34.53 -2.03
N VAL B 98 7.40 35.60 -2.19
CA VAL B 98 7.09 36.13 -3.51
C VAL B 98 7.88 37.40 -3.82
N THR B 99 8.06 38.28 -2.84
CA THR B 99 8.82 39.50 -3.05
C THR B 99 10.24 39.38 -2.52
N THR B 110 12.04 42.58 -3.82
CA THR B 110 13.40 43.06 -4.03
C THR B 110 13.40 44.39 -4.79
N LYS B 111 14.01 44.40 -5.97
CA LYS B 111 14.10 45.60 -6.79
C LYS B 111 13.49 45.45 -8.18
N ASP B 112 13.45 44.24 -8.74
CA ASP B 112 12.90 43.99 -10.07
C ASP B 112 12.02 42.75 -9.98
N GLY B 113 10.70 42.95 -9.93
CA GLY B 113 9.76 41.87 -9.79
C GLY B 113 9.54 41.10 -11.07
N PRO B 114 9.26 41.81 -12.16
CA PRO B 114 9.07 41.12 -13.45
C PRO B 114 10.25 40.28 -13.88
N ALA B 115 11.48 40.71 -13.54
CA ALA B 115 12.65 39.93 -13.92
C ALA B 115 12.71 38.61 -13.15
N LEU B 116 12.12 38.57 -11.95
CA LEU B 116 12.17 37.36 -11.14
C LEU B 116 11.27 36.27 -11.71
N GLN B 117 10.10 36.64 -12.22
CA GLN B 117 9.23 35.65 -12.85
C GLN B 117 9.84 35.13 -14.14
N VAL B 118 10.60 35.96 -14.85
CA VAL B 118 11.26 35.52 -16.07
C VAL B 118 12.37 34.54 -15.73
N GLU B 119 13.12 34.81 -14.67
CA GLU B 119 14.23 33.93 -14.31
C GLU B 119 13.72 32.62 -13.73
N LEU B 120 12.63 32.67 -12.98
CA LEU B 120 12.03 31.46 -12.44
C LEU B 120 11.79 30.43 -13.54
N LEU B 121 11.19 30.85 -14.64
CA LEU B 121 10.86 29.93 -15.71
C LEU B 121 12.08 29.54 -16.54
N ARG B 122 13.05 30.45 -16.69
CA ARG B 122 14.21 30.15 -17.52
C ARG B 122 14.99 28.96 -16.95
N HIS B 123 15.18 28.93 -15.63
CA HIS B 123 16.05 27.91 -15.06
C HIS B 123 15.31 26.60 -14.81
N LEU B 124 13.98 26.64 -14.69
CA LEU B 124 13.22 25.39 -14.60
C LEU B 124 12.98 24.74 -15.95
N ASN B 125 13.18 25.47 -17.05
CA ASN B 125 13.23 24.87 -18.38
C ASN B 125 14.53 24.09 -18.47
N ALA B 126 14.54 22.93 -17.81
CA ALA B 126 15.73 22.09 -17.71
C ALA B 126 15.52 20.72 -18.33
N GLY B 127 14.47 20.55 -19.12
CA GLY B 127 14.16 19.24 -19.65
C GLY B 127 14.95 18.92 -20.90
N ILE B 128 15.12 17.61 -21.12
CA ILE B 128 15.71 17.09 -22.33
C ILE B 128 14.57 16.52 -23.17
N PHE B 129 14.41 17.04 -24.39
CA PHE B 129 13.34 16.63 -25.30
C PHE B 129 13.82 15.63 -26.35
N GLY B 130 15.10 15.33 -26.41
CA GLY B 130 15.60 14.53 -27.51
C GLY B 130 15.31 15.23 -28.82
N THR B 131 14.95 14.44 -29.83
CA THR B 131 14.54 15.00 -31.11
C THR B 131 13.07 15.43 -31.12
N GLY B 132 12.36 15.26 -30.02
CA GLY B 132 10.94 15.50 -29.98
C GLY B 132 10.08 14.28 -30.27
N SER B 133 10.66 13.21 -30.83
CA SER B 133 9.88 12.05 -31.22
C SER B 133 10.61 10.73 -30.96
N ASP B 134 11.66 10.73 -30.13
CA ASP B 134 12.39 9.50 -29.81
C ASP B 134 12.21 9.11 -28.35
N GLY B 135 11.06 9.43 -27.76
CA GLY B 135 10.67 8.87 -26.49
C GLY B 135 10.96 9.71 -25.25
N HIS B 136 11.24 11.00 -25.40
CA HIS B 136 11.64 11.82 -24.26
C HIS B 136 10.69 12.98 -24.01
N THR B 137 9.50 12.96 -24.62
CA THR B 137 8.48 13.96 -24.36
C THR B 137 7.30 13.32 -23.63
N LEU B 138 6.64 14.12 -22.82
CA LEU B 138 5.45 13.66 -22.13
C LEU B 138 4.32 13.52 -23.15
N PRO B 139 3.60 12.40 -23.17
CA PRO B 139 2.48 12.28 -24.11
C PRO B 139 1.48 13.42 -23.95
N SER B 140 0.93 13.87 -25.08
CA SER B 140 -0.03 14.97 -25.04
C SER B 140 -1.25 14.60 -24.19
N GLU B 141 -1.63 13.32 -24.17
CA GLU B 141 -2.74 12.89 -23.32
C GLU B 141 -2.48 13.26 -21.86
N VAL B 142 -1.23 13.10 -21.41
CA VAL B 142 -0.90 13.39 -20.02
C VAL B 142 -0.70 14.90 -19.83
N VAL B 143 -0.19 15.60 -20.84
CA VAL B 143 -0.12 17.05 -20.77
C VAL B 143 -1.51 17.63 -20.54
N ARG B 144 -2.50 17.14 -21.29
CA ARG B 144 -3.87 17.62 -21.16
C ARG B 144 -4.42 17.34 -19.76
N ALA B 145 -4.28 16.11 -19.29
CA ALA B 145 -4.71 15.79 -17.94
C ALA B 145 -4.07 16.72 -16.92
N ALA B 146 -2.78 17.00 -17.08
CA ALA B 146 -2.09 17.87 -16.13
C ALA B 146 -2.67 19.28 -16.17
N MET B 147 -2.95 19.80 -17.36
CA MET B 147 -3.52 21.15 -17.45
C MET B 147 -4.87 21.22 -16.76
N LEU B 148 -5.68 20.16 -16.89
CA LEU B 148 -6.98 20.12 -16.21
C LEU B 148 -6.83 20.14 -14.70
N VAL B 149 -6.01 19.23 -14.16
CA VAL B 149 -5.79 19.19 -12.71
C VAL B 149 -5.18 20.50 -12.25
N ARG B 150 -4.27 21.06 -13.03
CA ARG B 150 -3.61 22.31 -12.65
C ARG B 150 -4.62 23.44 -12.51
N ILE B 151 -5.60 23.51 -13.42
CA ILE B 151 -6.64 24.53 -13.30
C ILE B 151 -7.51 24.26 -12.09
N ASN B 152 -7.98 23.01 -11.94
CA ASN B 152 -8.85 22.68 -10.81
C ASN B 152 -8.22 23.07 -9.49
N THR B 153 -6.93 22.81 -9.32
CA THR B 153 -6.25 23.08 -8.06
C THR B 153 -5.84 24.55 -7.91
N LEU B 154 -6.36 25.44 -8.74
CA LEU B 154 -6.17 26.88 -8.56
C LEU B 154 -7.49 27.61 -8.36
N LEU B 155 -8.63 26.91 -8.33
CA LEU B 155 -9.93 27.55 -8.26
C LEU B 155 -10.47 27.67 -6.84
N GLN B 156 -9.77 27.12 -5.84
CA GLN B 156 -10.21 27.28 -4.46
C GLN B 156 -9.99 28.70 -3.97
N GLY B 157 -9.16 29.48 -4.63
CA GLY B 157 -8.95 30.87 -4.29
C GLY B 157 -7.79 31.14 -3.36
N TYR B 158 -6.93 30.17 -3.10
CA TYR B 158 -5.83 30.32 -2.16
C TYR B 158 -4.47 30.46 -2.84
N SER B 159 -4.45 30.75 -4.14
CA SER B 159 -3.20 30.69 -4.90
C SER B 159 -2.70 32.04 -5.40
N GLY B 160 -3.57 33.04 -5.52
CA GLY B 160 -3.14 34.35 -5.96
C GLY B 160 -2.77 34.42 -7.42
N ILE B 161 -3.64 33.92 -8.29
CA ILE B 161 -3.40 33.94 -9.73
C ILE B 161 -4.64 34.47 -10.43
N ARG B 162 -4.42 35.13 -11.57
CA ARG B 162 -5.52 35.75 -12.30
C ARG B 162 -6.38 34.69 -12.97
N PHE B 163 -7.69 34.81 -12.78
CA PHE B 163 -8.63 33.93 -13.47
C PHE B 163 -8.36 33.89 -14.97
N GLU B 164 -7.86 34.99 -15.53
CA GLU B 164 -7.66 35.04 -16.98
C GLU B 164 -6.62 34.03 -17.44
N ILE B 165 -5.61 33.76 -16.61
CA ILE B 165 -4.65 32.70 -16.96
C ILE B 165 -5.35 31.35 -16.99
N LEU B 166 -6.23 31.11 -16.02
CA LEU B 166 -6.99 29.85 -16.01
C LEU B 166 -7.85 29.71 -17.26
N GLU B 167 -8.42 30.83 -17.72
CA GLU B 167 -9.25 30.79 -18.93
C GLU B 167 -8.43 30.49 -20.17
N ALA B 168 -7.18 30.94 -20.22
CA ALA B 168 -6.35 30.71 -21.39
C ALA B 168 -5.89 29.26 -21.46
N ILE B 169 -5.54 28.66 -20.31
CA ILE B 169 -5.21 27.24 -20.31
C ILE B 169 -6.43 26.42 -20.71
N THR B 170 -7.62 26.88 -20.34
CA THR B 170 -8.84 26.19 -20.75
C THR B 170 -8.99 26.20 -22.27
N LYS B 171 -8.65 27.31 -22.92
CA LYS B 171 -8.71 27.36 -24.38
C LYS B 171 -7.73 26.38 -25.00
N LEU B 172 -6.58 26.17 -24.37
CA LEU B 172 -5.63 25.18 -24.87
C LEU B 172 -6.24 23.78 -24.84
N LEU B 173 -6.94 23.45 -23.75
CA LEU B 173 -7.58 22.15 -23.64
C LEU B 173 -8.67 21.98 -24.68
N ASN B 174 -9.52 23.00 -24.84
CA ASN B 174 -10.69 22.85 -25.69
C ASN B 174 -10.37 22.92 -27.18
N THR B 175 -9.24 23.49 -27.56
CA THR B 175 -8.81 23.48 -28.96
C THR B 175 -7.77 22.40 -29.23
N GLY B 176 -7.33 21.69 -28.20
CA GLY B 176 -6.37 20.61 -28.40
C GLY B 176 -4.96 21.07 -28.69
N VAL B 177 -4.60 22.28 -28.26
CA VAL B 177 -3.23 22.76 -28.31
C VAL B 177 -2.54 22.32 -27.02
N SER B 178 -1.61 21.37 -27.13
CA SER B 178 -0.94 20.81 -25.97
C SER B 178 0.50 21.30 -25.93
N PRO B 179 0.94 22.02 -24.89
CA PRO B 179 2.36 22.36 -24.81
C PRO B 179 3.23 21.12 -24.77
N CYS B 180 4.48 21.27 -25.22
CA CYS B 180 5.43 20.17 -25.27
C CYS B 180 6.20 20.13 -23.95
N LEU B 181 6.10 19.01 -23.24
CA LEU B 181 6.77 18.83 -21.96
C LEU B 181 7.74 17.65 -22.02
N PRO B 182 8.84 17.72 -21.27
CA PRO B 182 9.76 16.58 -21.21
C PRO B 182 9.17 15.43 -20.42
N LEU B 183 9.56 14.21 -20.79
CA LEU B 183 9.08 13.02 -20.09
C LEU B 183 9.60 12.96 -18.66
N ARG B 184 10.87 13.27 -18.47
CA ARG B 184 11.53 13.18 -17.18
C ARG B 184 12.01 14.55 -16.72
N GLY B 185 12.36 14.63 -15.44
CA GLY B 185 12.91 15.83 -14.85
C GLY B 185 12.25 16.28 -13.57
N THR B 186 11.36 15.47 -13.01
CA THR B 186 10.61 15.86 -11.82
C THR B 186 10.64 14.79 -10.76
N ILE B 187 10.79 15.22 -9.51
CA ILE B 187 10.68 14.37 -8.33
C ILE B 187 9.40 14.66 -7.57
N THR B 188 8.51 15.47 -8.14
CA THR B 188 7.18 15.73 -7.61
C THR B 188 7.21 16.24 -6.16
N ASP B 190 6.46 18.91 -9.23
CA ASP B 190 6.56 18.99 -10.70
C ASP B 190 6.99 20.34 -11.32
N LEU B 191 8.07 20.93 -10.79
CA LEU B 191 8.51 22.26 -11.20
C LEU B 191 8.87 22.30 -12.68
N VAL B 192 9.68 21.34 -13.12
CA VAL B 192 10.30 21.40 -14.44
C VAL B 192 9.25 21.24 -15.53
N PRO B 193 8.47 20.15 -15.56
CA PRO B 193 7.46 20.02 -16.62
C PRO B 193 6.44 21.15 -16.61
N LEU B 194 6.03 21.62 -15.44
CA LEU B 194 5.04 22.69 -15.39
C LEU B 194 5.58 24.01 -15.90
N SER B 195 6.89 24.23 -15.79
CA SER B 195 7.48 25.46 -16.30
C SER B 195 7.34 25.59 -17.80
N TYR B 196 7.17 24.48 -18.53
CA TYR B 196 6.95 24.55 -19.96
C TYR B 196 5.51 24.89 -20.32
N ILE B 197 4.58 24.75 -19.38
CA ILE B 197 3.24 25.31 -19.56
C ILE B 197 3.25 26.80 -19.27
N ALA B 198 3.91 27.21 -18.18
CA ALA B 198 4.08 28.62 -17.89
C ALA B 198 4.88 29.31 -19.00
N GLY B 199 5.82 28.59 -19.61
CA GLY B 199 6.67 29.21 -20.62
C GLY B 199 5.95 29.45 -21.93
N LEU B 200 4.96 28.61 -22.25
CA LEU B 200 4.09 28.90 -23.38
C LEU B 200 3.18 30.09 -23.07
N ILE B 201 2.64 30.14 -21.87
CA ILE B 201 1.75 31.23 -21.45
C ILE B 201 2.46 32.57 -21.48
N THR B 202 3.78 32.58 -21.29
CA THR B 202 4.54 33.82 -21.27
C THR B 202 5.31 34.07 -22.56
N GLY B 203 5.21 33.16 -23.53
CA GLY B 203 5.88 33.36 -24.80
C GLY B 203 7.38 33.20 -24.78
N ARG B 204 7.92 32.32 -23.94
CA ARG B 204 9.34 32.05 -23.98
C ARG B 204 9.74 31.62 -25.40
N PRO B 205 10.94 31.98 -25.87
CA PRO B 205 11.29 31.69 -27.27
C PRO B 205 11.46 30.21 -27.58
N ASN B 206 11.72 29.38 -26.57
CA ASN B 206 11.88 27.95 -26.80
C ASN B 206 10.59 27.16 -26.57
N ALA B 207 9.51 27.81 -26.18
CA ALA B 207 8.27 27.11 -25.92
C ALA B 207 7.66 26.57 -27.21
N GLN B 208 7.07 25.39 -27.13
CA GLN B 208 6.44 24.74 -28.27
C GLN B 208 5.17 24.04 -27.83
N ALA B 209 4.36 23.66 -28.81
CA ALA B 209 3.11 22.96 -28.57
C ALA B 209 2.73 22.20 -29.83
N THR B 210 1.79 21.28 -29.68
CA THR B 210 1.25 20.52 -30.79
C THR B 210 -0.26 20.72 -30.85
N THR B 211 -0.78 20.77 -32.07
CA THR B 211 -2.20 20.93 -32.35
C THR B 211 -2.90 19.58 -32.30
N VAL B 212 -4.24 19.60 -32.43
CA VAL B 212 -5.00 18.34 -32.48
C VAL B 212 -4.42 17.39 -33.51
N ASP B 213 -4.01 17.93 -34.66
CA ASP B 213 -3.50 17.10 -35.74
C ASP B 213 -2.03 16.76 -35.61
N GLY B 214 -1.37 17.16 -34.53
CA GLY B 214 0.00 16.77 -34.27
C GLY B 214 1.05 17.71 -34.80
N ARG B 215 0.67 18.88 -35.32
CA ARG B 215 1.62 19.82 -35.90
C ARG B 215 2.29 20.64 -34.81
N LYS B 216 3.61 20.80 -34.93
CA LYS B 216 4.41 21.52 -33.96
C LYS B 216 4.42 23.01 -34.29
N VAL B 217 4.22 23.84 -33.27
CA VAL B 217 4.07 25.28 -33.44
C VAL B 217 4.77 26.01 -32.29
N ASP B 218 5.07 27.29 -32.53
CA ASP B 218 5.70 28.13 -31.53
C ASP B 218 4.63 28.82 -30.68
N ALA B 219 5.08 29.64 -29.73
CA ALA B 219 4.16 30.18 -28.73
C ALA B 219 3.10 31.09 -29.35
N ALA B 220 3.51 31.98 -30.26
CA ALA B 220 2.55 32.92 -30.84
C ALA B 220 1.55 32.21 -31.74
N GLU B 221 2.03 31.27 -32.56
CA GLU B 221 1.11 30.46 -33.37
C GLU B 221 0.16 29.65 -32.49
N ALA B 222 0.61 29.26 -31.29
CA ALA B 222 -0.25 28.50 -30.39
C ALA B 222 -1.39 29.36 -29.86
N PHE B 223 -1.11 30.63 -29.54
CA PHE B 223 -2.16 31.54 -29.08
C PHE B 223 -3.18 31.80 -30.18
N LYS B 224 -2.72 32.04 -31.40
CA LYS B 224 -3.64 32.25 -32.51
C LYS B 224 -4.54 31.04 -32.71
N ILE B 225 -3.97 29.84 -32.70
CA ILE B 225 -4.76 28.63 -32.95
C ILE B 225 -5.76 28.39 -31.83
N ALA B 226 -5.37 28.68 -30.59
CA ALA B 226 -6.26 28.45 -29.45
C ALA B 226 -7.24 29.59 -29.24
N GLY B 227 -7.07 30.71 -29.93
CA GLY B 227 -7.97 31.83 -29.76
C GLY B 227 -7.72 32.65 -28.52
N ILE B 228 -6.50 32.64 -28.00
CA ILE B 228 -6.16 33.46 -26.83
C ILE B 228 -5.82 34.86 -27.31
N GLU B 229 -6.50 35.86 -26.76
CA GLU B 229 -6.30 37.24 -27.16
C GLU B 229 -5.55 38.01 -26.08
N GLY B 230 -5.02 39.16 -26.46
CA GLY B 230 -4.33 40.03 -25.53
C GLY B 230 -2.83 39.83 -25.46
N GLY B 231 -2.28 38.88 -26.20
CA GLY B 231 -0.85 38.62 -26.17
C GLY B 231 -0.42 37.75 -25.01
N PHE B 232 0.90 37.59 -24.89
CA PHE B 232 1.48 36.79 -23.83
C PHE B 232 1.22 37.43 -22.47
N PHE B 233 1.11 36.58 -21.46
CA PHE B 233 0.94 37.06 -20.09
C PHE B 233 2.28 37.48 -19.50
N LYS B 234 2.25 38.59 -18.76
CA LYS B 234 3.33 39.01 -17.89
C LYS B 234 2.91 38.69 -16.46
N LEU B 235 3.64 37.78 -15.81
CA LEU B 235 3.17 37.21 -14.56
C LEU B 235 3.40 38.17 -13.39
N ASN B 236 2.43 38.21 -12.49
CA ASN B 236 2.55 38.96 -11.24
C ASN B 236 3.40 38.17 -10.26
N PRO B 237 3.78 38.76 -9.13
CA PRO B 237 4.79 38.14 -8.26
C PRO B 237 4.53 36.69 -7.86
N LYS B 238 3.29 36.32 -7.56
CA LYS B 238 3.01 34.96 -7.09
C LYS B 238 2.58 34.03 -8.21
N GLU B 239 2.26 34.55 -9.39
CA GLU B 239 1.63 33.72 -10.42
C GLU B 239 2.60 32.71 -11.00
N GLY B 240 3.90 33.02 -11.01
CA GLY B 240 4.87 32.03 -11.44
C GLY B 240 4.86 30.79 -10.58
N LEU B 241 4.94 30.99 -9.26
CA LEU B 241 4.89 29.86 -8.32
C LEU B 241 3.55 29.14 -8.41
N ALA B 242 2.46 29.89 -8.64
CA ALA B 242 1.15 29.27 -8.68
C ALA B 242 1.07 28.23 -9.79
N ILE B 243 1.72 28.50 -10.92
CA ILE B 243 1.67 27.58 -12.05
C ILE B 243 2.61 26.40 -11.84
N VAL B 244 3.89 26.67 -11.60
CA VAL B 244 4.89 25.62 -11.65
C VAL B 244 4.98 24.83 -10.35
N ASN B 245 4.59 25.41 -9.23
CA ASN B 245 4.70 24.76 -7.93
C ASN B 245 3.43 23.94 -7.69
N GLY B 246 3.54 22.62 -7.80
CA GLY B 246 2.38 21.78 -7.60
C GLY B 246 2.61 20.37 -8.10
N THR B 247 1.67 19.50 -7.74
CA THR B 247 1.73 18.07 -8.01
C THR B 247 0.85 17.66 -9.17
N SER B 248 0.57 18.59 -10.09
CA SER B 248 -0.48 18.40 -11.08
C SER B 248 -0.15 17.29 -12.08
N VAL B 249 1.12 17.15 -12.45
CA VAL B 249 1.46 16.16 -13.47
C VAL B 249 1.36 14.75 -12.91
N GLY B 250 2.00 14.51 -11.76
CA GLY B 250 1.91 13.19 -11.15
C GLY B 250 0.49 12.77 -10.83
N SER B 251 -0.28 13.69 -10.23
CA SER B 251 -1.63 13.32 -9.80
C SER B 251 -2.53 13.06 -11.00
N ALA B 252 -2.34 13.81 -12.08
CA ALA B 252 -3.18 13.66 -13.25
C ALA B 252 -2.96 12.32 -13.94
N LEU B 253 -1.69 11.93 -14.12
CA LEU B 253 -1.42 10.60 -14.66
C LEU B 253 -1.93 9.51 -13.72
N ALA B 254 -1.66 9.67 -12.42
CA ALA B 254 -2.19 8.72 -11.45
C ALA B 254 -3.69 8.55 -11.62
N ALA B 255 -4.40 9.64 -11.90
CA ALA B 255 -5.85 9.61 -11.98
C ALA B 255 -6.33 8.80 -13.17
N THR B 256 -5.71 9.00 -14.35
CA THR B 256 -6.10 8.24 -15.52
C THR B 256 -5.72 6.77 -15.37
N VAL B 257 -4.64 6.48 -14.65
CA VAL B 257 -4.24 5.11 -14.36
C VAL B 257 -5.27 4.44 -13.45
N MET B 258 -5.74 5.14 -12.42
CA MET B 258 -6.70 4.55 -11.50
C MET B 258 -8.05 4.32 -12.16
N TYR B 259 -8.40 5.09 -13.19
CA TYR B 259 -9.59 4.78 -13.95
C TYR B 259 -9.45 3.41 -14.61
N ASP B 260 -8.37 3.20 -15.36
CA ASP B 260 -8.14 1.91 -15.99
C ASP B 260 -8.04 0.80 -14.97
N ALA B 261 -7.44 1.08 -13.81
CA ALA B 261 -7.23 0.02 -12.82
C ALA B 261 -8.56 -0.45 -12.25
N ASN B 262 -9.44 0.48 -11.87
CA ASN B 262 -10.75 0.09 -11.36
C ASN B 262 -11.53 -0.72 -12.39
N VAL B 263 -11.47 -0.34 -13.66
CA VAL B 263 -12.20 -1.07 -14.69
C VAL B 263 -11.65 -2.49 -14.82
N LEU B 264 -10.33 -2.63 -14.83
CA LEU B 264 -9.73 -3.95 -15.05
C LEU B 264 -9.87 -4.84 -13.83
N ALA B 265 -9.96 -4.25 -12.63
CA ALA B 265 -10.22 -5.04 -11.43
C ALA B 265 -11.60 -5.70 -11.50
N VAL B 266 -12.61 -4.96 -11.98
CA VAL B 266 -13.92 -5.56 -12.19
C VAL B 266 -13.83 -6.65 -13.25
N LEU B 267 -13.07 -6.40 -14.31
CA LEU B 267 -12.94 -7.38 -15.38
C LEU B 267 -12.39 -8.71 -14.87
N SER B 268 -11.39 -8.66 -13.99
CA SER B 268 -10.83 -9.91 -13.49
C SER B 268 -11.84 -10.67 -12.63
N GLU B 269 -12.82 -9.98 -12.06
CA GLU B 269 -13.89 -10.66 -11.32
C GLU B 269 -14.86 -11.34 -12.28
N VAL B 270 -15.29 -10.63 -13.32
CA VAL B 270 -16.14 -11.22 -14.34
C VAL B 270 -15.43 -12.39 -15.02
N LEU B 271 -14.18 -12.15 -15.44
CA LEU B 271 -13.43 -13.19 -16.16
C LEU B 271 -13.22 -14.43 -15.30
N SER B 272 -13.09 -14.26 -13.99
CA SER B 272 -12.99 -15.42 -13.11
C SER B 272 -14.25 -16.25 -13.14
N ALA B 273 -15.41 -15.61 -13.28
CA ALA B 273 -16.67 -16.34 -13.35
C ALA B 273 -16.81 -17.09 -14.67
N ILE B 274 -16.39 -16.47 -15.77
CA ILE B 274 -16.45 -17.15 -17.06
C ILE B 274 -15.46 -18.30 -17.10
N PHE B 275 -14.32 -18.12 -16.48
CA PHE B 275 -13.35 -19.21 -16.32
C PHE B 275 -14.00 -20.42 -15.66
N CYS B 276 -14.77 -20.19 -14.58
CA CYS B 276 -15.44 -21.30 -13.91
C CYS B 276 -16.44 -21.98 -14.83
N GLU B 277 -17.15 -21.19 -15.64
CA GLU B 277 -18.15 -21.78 -16.55
C GLU B 277 -17.50 -22.72 -17.54
N VAL B 278 -16.47 -22.25 -18.25
CA VAL B 278 -15.85 -23.07 -19.28
C VAL B 278 -15.04 -24.20 -18.67
N MET B 279 -14.65 -24.09 -17.40
CA MET B 279 -13.91 -25.14 -16.73
C MET B 279 -14.80 -26.20 -16.09
N ASN B 280 -16.11 -25.97 -16.05
CA ASN B 280 -17.03 -26.83 -15.33
C ASN B 280 -16.65 -26.93 -13.85
N GLY B 281 -16.25 -25.81 -13.27
CA GLY B 281 -15.94 -25.77 -11.87
C GLY B 281 -17.19 -25.84 -11.00
N LYS B 282 -16.98 -26.15 -9.74
CA LYS B 282 -18.08 -26.17 -8.78
C LYS B 282 -18.33 -24.76 -8.26
N PRO B 283 -19.54 -24.19 -8.46
CA PRO B 283 -19.78 -22.80 -8.07
C PRO B 283 -19.87 -22.57 -6.56
N GLU B 284 -19.73 -23.62 -5.74
CA GLU B 284 -19.88 -23.44 -4.30
C GLU B 284 -18.85 -22.47 -3.73
N TYR B 285 -17.69 -22.35 -4.40
CA TYR B 285 -16.63 -21.50 -3.87
C TYR B 285 -17.06 -20.04 -3.73
N THR B 286 -18.19 -19.64 -4.31
CA THR B 286 -18.68 -18.27 -4.21
C THR B 286 -19.73 -18.09 -3.12
N ASP B 287 -20.00 -19.13 -2.34
CA ASP B 287 -21.08 -19.06 -1.36
C ASP B 287 -20.81 -17.97 -0.34
N HIS B 288 -21.84 -17.16 -0.05
CA HIS B 288 -21.66 -15.98 0.79
C HIS B 288 -21.08 -16.34 2.14
N LEU B 289 -21.55 -17.43 2.74
CA LEU B 289 -21.09 -17.77 4.09
C LEU B 289 -19.57 -17.86 4.15
N THR B 290 -18.97 -18.53 3.16
CA THR B 290 -17.52 -18.69 3.15
C THR B 290 -16.80 -17.36 3.32
N HIS B 291 -17.29 -16.32 2.66
CA HIS B 291 -16.59 -15.05 2.62
C HIS B 291 -17.05 -14.10 3.71
N LYS B 292 -18.31 -14.21 4.14
CA LYS B 292 -18.76 -13.43 5.28
C LYS B 292 -17.97 -13.78 6.54
N LEU B 293 -17.57 -15.04 6.69
CA LEU B 293 -16.84 -15.47 7.88
C LEU B 293 -15.41 -14.92 7.92
N LYS B 294 -14.93 -14.31 6.83
CA LYS B 294 -13.63 -13.65 6.85
C LYS B 294 -13.74 -12.13 6.87
N HIS B 295 -14.94 -11.57 6.75
CA HIS B 295 -15.19 -10.15 6.99
C HIS B 295 -14.68 -9.23 5.88
N HIS B 296 -13.70 -9.67 5.10
CA HIS B 296 -13.07 -8.79 4.12
C HIS B 296 -14.08 -8.36 3.07
N PRO B 297 -14.42 -7.06 2.97
CA PRO B 297 -15.45 -6.66 2.00
C PRO B 297 -15.04 -6.85 0.55
N GLY B 298 -13.74 -6.79 0.24
CA GLY B 298 -13.32 -6.98 -1.14
C GLY B 298 -13.66 -8.36 -1.66
N SER B 299 -13.38 -9.39 -0.86
CA SER B 299 -13.69 -10.76 -1.28
C SER B 299 -15.18 -11.04 -1.22
N ILE B 300 -15.90 -10.40 -0.31
CA ILE B 300 -17.35 -10.58 -0.24
C ILE B 300 -18.00 -10.06 -1.52
N GLU B 301 -17.61 -8.87 -1.97
CA GLU B 301 -18.17 -8.34 -3.21
C GLU B 301 -17.68 -9.13 -4.41
N ALA B 302 -16.41 -9.53 -4.44
CA ALA B 302 -15.90 -10.34 -5.53
C ALA B 302 -16.68 -11.64 -5.66
N ALA B 303 -16.92 -12.32 -4.53
CA ALA B 303 -17.64 -13.59 -4.56
C ALA B 303 -19.09 -13.40 -4.99
N ALA B 304 -19.75 -12.36 -4.50
CA ALA B 304 -21.13 -12.11 -4.89
C ALA B 304 -21.24 -11.78 -6.38
N ILE B 305 -20.24 -11.11 -6.94
CA ILE B 305 -20.24 -10.78 -8.36
C ILE B 305 -20.14 -12.06 -9.19
N MET B 306 -19.21 -12.94 -8.82
CA MET B 306 -19.08 -14.20 -9.54
C MET B 306 -20.31 -15.06 -9.33
N GLU B 307 -20.84 -15.09 -8.10
CA GLU B 307 -22.03 -15.87 -7.80
C GLU B 307 -23.20 -15.45 -8.68
N HIS B 308 -23.32 -14.15 -8.95
CA HIS B 308 -24.42 -13.66 -9.79
C HIS B 308 -24.30 -14.19 -11.21
N ILE B 309 -23.12 -14.04 -11.81
CA ILE B 309 -22.89 -14.55 -13.16
C ILE B 309 -23.16 -16.05 -13.22
N LEU B 310 -22.58 -16.80 -12.28
CA LEU B 310 -22.74 -18.25 -12.29
C LEU B 310 -24.19 -18.66 -12.01
N ASP B 311 -24.92 -17.88 -11.24
CA ASP B 311 -26.33 -18.18 -10.95
C ASP B 311 -27.22 -18.00 -12.18
N GLY B 312 -26.74 -17.33 -13.23
CA GLY B 312 -27.48 -17.18 -14.45
C GLY B 312 -26.78 -17.81 -15.63
N SER B 313 -26.00 -18.86 -15.37
CA SER B 313 -25.17 -19.49 -16.39
C SER B 313 -25.81 -20.80 -16.86
N ALA B 314 -25.99 -20.91 -18.18
CA ALA B 314 -26.47 -22.18 -18.73
C ALA B 314 -25.40 -23.27 -18.62
N PHE B 315 -24.12 -22.90 -18.58
CA PHE B 315 -23.07 -23.89 -18.41
C PHE B 315 -23.20 -24.60 -17.08
N MET B 316 -23.60 -23.87 -16.04
CA MET B 316 -23.63 -24.43 -14.70
C MET B 316 -24.85 -25.33 -14.50
N LYS B 317 -26.00 -24.97 -15.07
CA LYS B 317 -27.14 -25.88 -15.07
C LYS B 317 -26.79 -27.18 -15.80
N HIS B 318 -25.96 -27.09 -16.84
CA HIS B 318 -25.50 -28.27 -17.56
C HIS B 318 -24.49 -29.06 -16.74
N ALA B 319 -23.66 -28.38 -15.94
CA ALA B 319 -22.62 -29.07 -15.18
C ALA B 319 -23.19 -29.81 -13.98
N LYS B 320 -24.32 -29.34 -13.42
CA LYS B 320 -24.96 -30.08 -12.33
C LYS B 320 -25.66 -31.33 -12.87
N LYS B 321 -26.10 -31.30 -14.13
CA LYS B 321 -26.65 -32.51 -14.74
C LYS B 321 -25.59 -33.60 -14.84
N VAL B 322 -24.31 -33.21 -14.93
CA VAL B 322 -23.23 -34.19 -14.92
C VAL B 322 -22.88 -34.63 -13.51
N ASN B 323 -23.30 -33.87 -12.49
CA ASN B 323 -23.08 -34.26 -11.11
C ASN B 323 -23.92 -35.46 -10.68
N GLU B 324 -24.95 -35.81 -11.45
CA GLU B 324 -25.84 -36.91 -11.12
C GLU B 324 -25.31 -38.27 -11.56
N LEU B 325 -24.51 -38.31 -12.63
CA LEU B 325 -24.00 -39.56 -13.19
C LEU B 325 -22.50 -39.47 -13.43
N ASP B 326 -21.76 -39.14 -12.38
CA ASP B 326 -20.30 -39.07 -12.46
C ASP B 326 -19.66 -40.28 -11.81
N LEU B 329 -16.61 -42.15 -7.82
CA LEU B 329 -16.20 -41.01 -7.01
C LEU B 329 -14.69 -40.81 -7.09
N LYS B 330 -14.18 -40.66 -8.32
CA LYS B 330 -12.76 -40.44 -8.57
C LYS B 330 -12.47 -39.01 -8.99
N PRO B 331 -13.35 -38.06 -8.66
CA PRO B 331 -13.19 -36.69 -9.08
C PRO B 331 -12.20 -35.94 -8.18
N LYS B 332 -11.84 -34.74 -8.61
CA LYS B 332 -10.84 -33.93 -7.93
C LYS B 332 -11.35 -32.52 -7.72
N GLN B 333 -10.83 -31.86 -6.69
CA GLN B 333 -11.22 -30.51 -6.33
C GLN B 333 -10.60 -29.49 -7.28
N ASP B 334 -11.23 -28.33 -7.37
CA ASP B 334 -10.75 -27.28 -8.25
C ASP B 334 -9.48 -26.65 -7.71
N ARG B 335 -8.66 -26.14 -8.62
CA ARG B 335 -7.38 -25.55 -8.25
C ARG B 335 -7.58 -24.11 -7.76
N TYR B 336 -6.50 -23.55 -7.19
CA TYR B 336 -6.60 -22.29 -6.46
C TYR B 336 -6.96 -21.12 -7.36
N ALA B 337 -6.41 -21.09 -8.58
CA ALA B 337 -6.71 -19.98 -9.49
C ALA B 337 -8.22 -19.79 -9.64
N LEU B 338 -8.98 -20.86 -9.48
CA LEU B 338 -10.44 -20.83 -9.52
C LEU B 338 -11.05 -20.70 -8.13
N ARG B 339 -10.66 -21.60 -7.22
CA ARG B 339 -11.37 -21.73 -5.95
C ARG B 339 -11.08 -20.59 -4.99
N THR B 340 -9.90 -19.96 -5.08
CA THR B 340 -9.54 -18.87 -4.17
C THR B 340 -9.55 -17.50 -4.85
N SER B 341 -10.07 -17.38 -6.06
CA SER B 341 -9.99 -16.10 -6.76
C SER B 341 -10.71 -14.96 -6.05
N PRO B 342 -11.82 -15.18 -5.33
CA PRO B 342 -12.36 -14.06 -4.54
C PRO B 342 -11.43 -13.66 -3.41
N GLN B 343 -10.86 -14.62 -2.68
CA GLN B 343 -9.93 -14.30 -1.62
C GLN B 343 -8.68 -13.60 -2.17
N TRP B 344 -8.32 -13.89 -3.41
CA TRP B 344 -7.12 -13.29 -4.00
C TRP B 344 -7.39 -11.87 -4.49
N LEU B 345 -8.52 -11.65 -5.15
CA LEU B 345 -8.81 -10.35 -5.76
C LEU B 345 -9.32 -9.32 -4.75
N GLY B 346 -9.94 -9.77 -3.67
CA GLY B 346 -10.58 -8.87 -2.74
C GLY B 346 -9.64 -7.84 -2.14
N PRO B 347 -8.51 -8.31 -1.60
CA PRO B 347 -7.53 -7.36 -1.03
C PRO B 347 -6.91 -6.45 -2.08
N GLN B 348 -6.79 -6.89 -3.34
CA GLN B 348 -6.31 -5.99 -4.38
C GLN B 348 -7.30 -4.86 -4.61
N ILE B 349 -8.59 -5.18 -4.60
CA ILE B 349 -9.62 -4.17 -4.88
C ILE B 349 -9.69 -3.17 -3.73
N GLU B 350 -9.56 -3.65 -2.49
CA GLU B 350 -9.55 -2.74 -1.35
C GLU B 350 -8.41 -1.73 -1.47
N VAL B 351 -7.22 -2.19 -1.84
CA VAL B 351 -6.09 -1.29 -2.01
C VAL B 351 -6.36 -0.29 -3.15
N LEU B 352 -6.93 -0.78 -4.26
CA LEU B 352 -7.18 0.10 -5.39
C LEU B 352 -8.19 1.18 -5.05
N ARG B 353 -9.19 0.86 -4.22
CA ARG B 353 -10.16 1.88 -3.83
C ARG B 353 -9.51 2.96 -2.98
N ALA B 354 -8.69 2.57 -2.01
CA ALA B 354 -8.03 3.57 -1.16
C ALA B 354 -7.10 4.46 -1.96
N ALA B 355 -6.42 3.89 -2.95
CA ALA B 355 -5.52 4.69 -3.78
C ALA B 355 -6.31 5.67 -4.64
N THR B 356 -7.49 5.25 -5.12
CA THR B 356 -8.33 6.15 -5.91
C THR B 356 -8.75 7.36 -5.10
N LYS B 357 -9.17 7.15 -3.86
CA LYS B 357 -9.59 8.26 -3.02
C LYS B 357 -8.42 9.18 -2.70
N SER B 358 -7.26 8.60 -2.41
CA SER B 358 -6.07 9.41 -2.14
C SER B 358 -5.78 10.32 -3.32
N ILE B 359 -5.77 9.76 -4.53
CA ILE B 359 -5.51 10.53 -5.74
C ILE B 359 -6.60 11.56 -5.97
N GLU B 360 -7.87 11.19 -5.74
CA GLU B 360 -8.95 12.14 -5.97
C GLU B 360 -8.88 13.32 -5.00
N ARG B 361 -8.44 13.08 -3.77
CA ARG B 361 -8.17 14.21 -2.87
C ARG B 361 -7.05 15.09 -3.43
N GLU B 362 -6.00 14.47 -3.98
CA GLU B 362 -4.85 15.23 -4.43
C GLU B 362 -5.15 16.12 -5.62
N VAL B 363 -6.03 15.68 -6.53
CA VAL B 363 -6.39 16.52 -7.68
C VAL B 363 -7.42 17.58 -7.32
N ASN B 364 -7.90 17.61 -6.09
CA ASN B 364 -8.77 18.67 -5.60
C ASN B 364 -8.11 19.45 -4.46
N SER B 365 -6.78 19.45 -4.41
CA SER B 365 -6.03 20.05 -3.31
C SER B 365 -5.35 21.34 -3.75
N VAL B 366 -5.03 22.17 -2.76
CA VAL B 366 -4.15 23.32 -2.97
C VAL B 366 -2.73 22.83 -2.69
N ASN B 367 -1.89 22.79 -3.72
CA ASN B 367 -0.54 22.27 -3.59
C ASN B 367 0.50 23.24 -4.15
N ASP B 368 0.19 24.54 -4.19
CA ASP B 368 1.15 25.57 -4.57
C ASP B 368 1.46 26.43 -3.36
N ASN B 369 2.72 26.83 -3.23
CA ASN B 369 3.23 27.45 -2.02
C ASN B 369 3.85 28.81 -2.33
N PRO B 370 3.62 29.82 -1.48
CA PRO B 370 2.81 29.83 -0.25
C PRO B 370 1.31 29.93 -0.50
N VAL B 371 0.54 29.58 0.53
CA VAL B 371 -0.90 29.70 0.50
C VAL B 371 -1.28 31.14 0.82
N ILE B 372 -2.19 31.70 0.03
CA ILE B 372 -2.63 33.10 0.19
C ILE B 372 -3.93 33.06 0.98
N ASP B 373 -3.85 33.40 2.26
CA ASP B 373 -4.99 33.34 3.17
C ASP B 373 -5.50 34.78 3.38
N VAL B 374 -6.47 35.19 2.56
CA VAL B 374 -6.97 36.56 2.64
C VAL B 374 -7.74 36.78 3.93
N HIS B 375 -8.46 35.76 4.40
CA HIS B 375 -9.25 35.91 5.61
C HIS B 375 -8.40 36.38 6.78
N ARG B 376 -7.23 35.77 6.96
CA ARG B 376 -6.31 36.18 8.02
C ARG B 376 -5.21 37.11 7.54
N GLY B 377 -5.11 37.35 6.23
CA GLY B 377 -4.23 38.36 5.69
C GLY B 377 -2.74 38.04 5.74
N LYS B 378 -2.37 36.82 5.38
CA LYS B 378 -0.96 36.43 5.41
C LYS B 378 -0.69 35.37 4.36
N ALA B 379 0.56 35.34 3.89
CA ALA B 379 1.05 34.28 3.04
C ALA B 379 1.61 33.17 3.92
N LEU B 380 1.02 31.98 3.83
CA LEU B 380 1.31 30.88 4.74
C LEU B 380 2.21 29.87 4.04
N HIS B 381 3.47 29.79 4.48
CA HIS B 381 4.41 28.87 3.88
C HIS B 381 4.28 27.47 4.50
N GLY B 382 4.59 26.46 3.69
CA GLY B 382 4.49 25.09 4.15
C GLY B 382 5.05 24.09 3.15
N GLY B 383 4.44 22.92 3.09
CA GLY B 383 4.91 21.87 2.21
C GLY B 383 3.82 21.20 1.40
N ASN B 384 2.79 21.95 1.01
CA ASN B 384 1.67 21.37 0.28
C ASN B 384 2.08 20.86 -1.11
N PHE B 385 3.31 21.09 -1.53
CA PHE B 385 3.83 20.61 -2.80
C PHE B 385 4.41 19.19 -2.73
N GLN B 386 4.39 18.57 -1.55
CA GLN B 386 5.01 17.25 -1.35
C GLN B 386 3.99 16.19 -1.74
N GLY B 387 4.17 15.59 -2.91
CA GLY B 387 3.19 14.70 -3.48
C GLY B 387 3.24 13.27 -2.98
N THR B 388 3.54 13.09 -1.71
CA THR B 388 3.60 11.76 -1.11
C THR B 388 2.38 10.90 -1.42
N PRO B 389 1.15 11.40 -1.35
CA PRO B 389 0.00 10.55 -1.66
C PRO B 389 0.06 9.94 -3.05
N ILE B 390 0.67 10.64 -4.00
CA ILE B 390 0.76 10.11 -5.36
C ILE B 390 1.73 8.93 -5.40
N GLY B 391 2.88 9.06 -4.75
CA GLY B 391 3.86 8.00 -4.78
C GLY B 391 3.45 6.78 -3.99
N VAL B 392 2.85 7.01 -2.82
CA VAL B 392 2.35 5.90 -2.02
C VAL B 392 1.24 5.16 -2.76
N SER B 393 0.27 5.90 -3.31
CA SER B 393 -0.86 5.28 -3.98
C SER B 393 -0.44 4.53 -5.25
N MET B 394 0.48 5.12 -6.02
CA MET B 394 0.93 4.46 -7.25
C MET B 394 1.75 3.21 -6.95
N ASP B 395 2.60 3.25 -5.92
CA ASP B 395 3.34 2.06 -5.55
C ASP B 395 2.40 0.96 -5.08
N ASN B 396 1.40 1.30 -4.27
CA ASN B 396 0.46 0.30 -3.78
C ASN B 396 -0.40 -0.24 -4.92
N ALA B 397 -0.91 0.63 -5.78
CA ALA B 397 -1.75 0.19 -6.87
C ALA B 397 -0.98 -0.64 -7.87
N ARG B 398 0.31 -0.35 -8.06
CA ARG B 398 1.09 -1.11 -9.02
C ARG B 398 1.28 -2.54 -8.56
N LEU B 399 1.48 -2.74 -7.27
CA LEU B 399 1.64 -4.10 -6.74
C LEU B 399 0.32 -4.86 -6.77
N ALA B 400 -0.80 -4.16 -6.52
CA ALA B 400 -2.11 -4.80 -6.63
C ALA B 400 -2.39 -5.21 -8.07
N ILE B 401 -2.03 -4.34 -9.02
CA ILE B 401 -2.19 -4.66 -10.44
C ILE B 401 -1.40 -5.91 -10.81
N ALA B 402 -0.18 -6.03 -10.29
CA ALA B 402 0.63 -7.21 -10.59
C ALA B 402 0.03 -8.48 -10.01
N ASN B 403 -0.60 -8.39 -8.84
CA ASN B 403 -1.23 -9.57 -8.26
C ASN B 403 -2.47 -9.97 -9.06
N ILE B 404 -3.22 -9.00 -9.58
CA ILE B 404 -4.33 -9.31 -10.48
C ILE B 404 -3.82 -10.01 -11.72
N GLY B 405 -2.74 -9.49 -12.30
CA GLY B 405 -2.16 -10.11 -13.49
C GLY B 405 -1.69 -11.53 -13.24
N LYS B 406 -1.09 -11.78 -12.07
CA LYS B 406 -0.64 -13.13 -11.74
C LYS B 406 -1.81 -14.11 -11.70
N LEU B 407 -2.97 -13.66 -11.23
CA LEU B 407 -4.14 -14.52 -11.20
C LEU B 407 -4.61 -14.86 -12.62
N MET B 408 -4.60 -13.86 -13.51
CA MET B 408 -5.00 -14.13 -14.88
C MET B 408 -4.03 -15.11 -15.56
N PHE B 409 -2.74 -15.00 -15.25
CA PHE B 409 -1.78 -15.94 -15.80
C PHE B 409 -2.05 -17.36 -15.31
N ALA B 410 -2.38 -17.52 -14.03
CA ALA B 410 -2.62 -18.85 -13.49
C ALA B 410 -3.91 -19.45 -14.02
N GLN B 411 -4.97 -18.63 -14.14
CA GLN B 411 -6.19 -19.10 -14.77
C GLN B 411 -5.93 -19.47 -16.23
N PHE B 412 -5.24 -18.60 -16.96
CA PHE B 412 -4.87 -18.90 -18.34
C PHE B 412 -4.12 -20.22 -18.42
N SER B 413 -3.16 -20.43 -17.52
CA SER B 413 -2.31 -21.63 -17.58
C SER B 413 -3.14 -22.91 -17.38
N GLU B 414 -4.11 -22.88 -16.46
CA GLU B 414 -5.00 -24.02 -16.29
C GLU B 414 -5.85 -24.25 -17.53
N LEU B 415 -6.35 -23.17 -18.12
CA LEU B 415 -7.36 -23.29 -19.17
C LEU B 415 -6.81 -23.95 -20.43
N VAL B 416 -5.54 -23.74 -20.76
CA VAL B 416 -4.96 -24.26 -22.00
C VAL B 416 -4.21 -25.58 -21.79
N ASN B 417 -4.24 -26.13 -20.59
CA ASN B 417 -3.51 -27.35 -20.27
C ASN B 417 -4.51 -28.51 -20.22
N GLU B 418 -4.26 -29.52 -21.05
CA GLU B 418 -5.18 -30.65 -21.14
C GLU B 418 -5.30 -31.40 -19.81
N PHE B 419 -4.22 -31.48 -19.03
CA PHE B 419 -4.27 -32.14 -17.74
C PHE B 419 -5.19 -31.44 -16.75
N TYR B 420 -5.52 -30.17 -16.99
CA TYR B 420 -6.18 -29.35 -15.98
C TYR B 420 -7.52 -28.75 -16.40
N ASN B 421 -7.85 -28.73 -17.70
CA ASN B 421 -9.02 -27.98 -18.16
C ASN B 421 -10.26 -28.86 -18.36
N ASN B 422 -10.28 -30.05 -17.79
CA ASN B 422 -11.51 -30.85 -17.64
C ASN B 422 -12.18 -31.09 -19.01
N GLY B 423 -11.42 -31.69 -19.92
CA GLY B 423 -11.98 -32.19 -21.16
C GLY B 423 -11.82 -31.28 -22.36
N LEU B 424 -11.31 -30.05 -22.18
CA LEU B 424 -11.03 -29.22 -23.34
C LEU B 424 -9.76 -29.72 -24.03
N THR B 425 -9.55 -29.24 -25.25
CA THR B 425 -8.44 -29.73 -26.05
C THR B 425 -7.11 -29.18 -25.53
N SER B 426 -6.04 -29.90 -25.86
CA SER B 426 -4.70 -29.40 -25.62
C SER B 426 -4.51 -28.07 -26.35
N ASN B 427 -4.01 -27.08 -25.63
CA ASN B 427 -3.73 -25.76 -26.19
C ASN B 427 -4.99 -25.05 -26.69
N LEU B 428 -6.17 -25.53 -26.32
CA LEU B 428 -7.43 -25.03 -26.88
C LEU B 428 -7.42 -25.06 -28.41
N ALA B 429 -6.76 -26.05 -28.99
CA ALA B 429 -6.80 -26.23 -30.43
C ALA B 429 -8.21 -26.62 -30.88
N GLY B 430 -8.61 -26.13 -32.05
CA GLY B 430 -9.97 -26.33 -32.52
C GLY B 430 -10.10 -27.20 -33.76
N SER B 431 -8.98 -27.60 -34.35
CA SER B 431 -9.01 -28.29 -35.63
C SER B 431 -9.30 -29.78 -35.45
N ARG B 432 -9.82 -30.38 -36.53
CA ARG B 432 -10.07 -31.82 -36.53
C ARG B 432 -8.80 -32.60 -36.20
N ASN B 433 -7.66 -32.13 -36.71
CA ASN B 433 -6.37 -32.81 -36.53
C ASN B 433 -5.50 -32.01 -35.58
N PRO B 434 -5.36 -32.41 -34.32
CA PRO B 434 -4.50 -31.65 -33.39
C PRO B 434 -3.02 -31.72 -33.73
N SER B 435 -2.60 -32.61 -34.63
CA SER B 435 -1.21 -32.64 -35.04
C SER B 435 -0.83 -31.41 -35.85
N LEU B 436 -1.81 -30.77 -36.50
CA LEU B 436 -1.59 -29.56 -37.27
C LEU B 436 -2.32 -28.37 -36.66
N ASP B 437 -2.48 -28.35 -35.34
CA ASP B 437 -3.09 -27.21 -34.65
C ASP B 437 -2.55 -27.16 -33.23
N TYR B 438 -1.66 -26.22 -32.97
CA TYR B 438 -1.11 -26.03 -31.63
C TYR B 438 -1.74 -24.85 -30.92
N GLY B 439 -2.93 -24.44 -31.37
CA GLY B 439 -3.78 -23.52 -30.64
C GLY B 439 -3.10 -22.31 -30.03
N PHE B 440 -3.23 -22.19 -28.71
CA PHE B 440 -2.79 -21.00 -27.97
C PHE B 440 -1.42 -21.19 -27.33
N LYS B 441 -0.66 -22.20 -27.78
CA LYS B 441 0.67 -22.42 -27.25
C LYS B 441 1.53 -21.16 -27.38
N GLY B 442 1.44 -20.46 -28.51
CA GLY B 442 2.21 -19.25 -28.68
C GLY B 442 1.76 -18.14 -27.76
N THR B 443 0.44 -17.93 -27.66
CA THR B 443 -0.07 -16.91 -26.74
C THR B 443 0.29 -17.23 -25.30
N GLU B 444 0.36 -18.52 -24.95
CA GLU B 444 0.72 -18.92 -23.59
C GLU B 444 2.13 -18.45 -23.25
N ILE B 445 3.08 -18.68 -24.18
CA ILE B 445 4.42 -18.15 -24.02
C ILE B 445 4.37 -16.64 -23.82
N ALA B 446 3.59 -15.96 -24.65
CA ALA B 446 3.49 -14.51 -24.55
C ALA B 446 2.86 -14.08 -23.23
N MET B 447 1.95 -14.89 -22.69
CA MET B 447 1.37 -14.56 -21.39
C MET B 447 2.40 -14.64 -20.27
N ALA B 448 3.35 -15.57 -20.38
CA ALA B 448 4.41 -15.66 -19.37
C ALA B 448 5.33 -14.45 -19.44
N SER B 449 5.65 -13.98 -20.66
CA SER B 449 6.49 -12.80 -20.78
C SER B 449 5.79 -11.57 -20.24
N TYR B 450 4.48 -11.46 -20.47
CA TYR B 450 3.71 -10.37 -19.86
C TYR B 450 3.78 -10.46 -18.34
N CYS B 451 3.51 -11.65 -17.80
CA CYS B 451 3.43 -11.79 -16.35
C CYS B 451 4.76 -11.48 -15.68
N SER B 452 5.86 -11.94 -16.27
CA SER B 452 7.18 -11.72 -15.68
C SER B 452 7.50 -10.22 -15.61
N GLU B 453 7.31 -9.51 -16.72
CA GLU B 453 7.59 -8.07 -16.71
C GLU B 453 6.65 -7.34 -15.77
N LEU B 454 5.40 -7.80 -15.66
CA LEU B 454 4.45 -7.18 -14.74
C LEU B 454 4.89 -7.37 -13.29
N GLN B 455 5.36 -8.58 -12.93
CA GLN B 455 5.87 -8.78 -11.57
C GLN B 455 7.04 -7.85 -11.29
N TYR B 456 7.89 -7.62 -12.30
CA TYR B 456 9.01 -6.71 -12.15
C TYR B 456 8.51 -5.29 -11.86
N LEU B 457 7.51 -4.83 -12.61
CA LEU B 457 6.96 -3.50 -12.39
C LEU B 457 6.30 -3.37 -11.02
N GLY B 458 5.94 -4.48 -10.38
CA GLY B 458 5.35 -4.42 -9.06
C GLY B 458 6.26 -3.86 -7.99
N ASN B 459 7.57 -3.80 -8.25
CA ASN B 459 8.48 -3.18 -7.31
C ASN B 459 8.20 -1.69 -7.19
N PRO B 460 8.39 -1.11 -6.00
CA PRO B 460 8.07 0.29 -5.78
C PRO B 460 9.21 1.23 -6.15
N ILE B 461 8.87 2.50 -6.27
CA ILE B 461 9.86 3.53 -6.58
C ILE B 461 10.15 4.45 -5.40
N THR B 462 9.27 4.52 -4.39
CA THR B 462 9.45 5.48 -3.31
C THR B 462 10.54 5.07 -2.32
N ASN B 463 11.10 3.86 -2.44
CA ASN B 463 12.27 3.50 -1.67
C ASN B 463 13.57 3.79 -2.41
N HIS B 464 13.53 4.65 -3.43
CA HIS B 464 14.71 5.11 -4.15
C HIS B 464 14.84 6.63 -4.11
N VAL B 465 14.33 7.25 -3.04
CA VAL B 465 14.38 8.70 -2.91
C VAL B 465 15.81 9.15 -2.70
N GLN B 466 16.23 10.13 -3.49
CA GLN B 466 17.55 10.73 -3.37
C GLN B 466 17.44 12.07 -2.66
N SER B 467 18.48 12.43 -1.92
CA SER B 467 18.56 13.75 -1.29
C SER B 467 18.89 14.76 -2.38
N ALA B 468 17.96 15.67 -2.67
CA ALA B 468 18.00 16.45 -3.90
C ALA B 468 18.07 17.96 -3.63
N GLU B 469 18.56 18.68 -4.65
CA GLU B 469 18.58 20.14 -4.71
C GLU B 469 19.30 20.74 -3.50
N GLN B 470 20.61 20.60 -3.51
CA GLN B 470 21.47 21.07 -2.42
C GLN B 470 21.06 20.46 -1.09
N HIS B 471 20.42 19.30 -1.12
CA HIS B 471 19.90 18.64 0.08
C HIS B 471 18.79 19.44 0.76
N ASN B 472 18.16 20.37 0.03
CA ASN B 472 16.96 21.01 0.53
C ASN B 472 15.74 20.10 0.40
N GLN B 473 15.71 19.28 -0.65
CA GLN B 473 14.61 18.33 -0.86
C GLN B 473 15.11 16.93 -0.50
N ASP B 474 15.39 16.76 0.80
CA ASP B 474 15.97 15.50 1.27
C ASP B 474 14.93 14.39 1.41
N VAL B 475 13.65 14.71 1.30
CA VAL B 475 12.61 13.74 0.97
C VAL B 475 11.84 14.29 -0.22
N ASN B 476 11.44 13.40 -1.13
CA ASN B 476 10.62 13.80 -2.27
C ASN B 476 9.86 12.57 -2.75
N SER B 477 8.65 12.82 -3.28
CA SER B 477 7.65 11.77 -3.41
C SER B 477 7.86 10.89 -4.63
N LEU B 478 8.52 11.39 -5.67
CA LEU B 478 8.68 10.66 -6.93
C LEU B 478 7.34 10.24 -7.53
N GLY B 479 6.31 11.07 -7.34
CA GLY B 479 4.96 10.66 -7.72
C GLY B 479 4.81 10.36 -9.20
N LEU B 480 5.28 11.27 -10.05
CA LEU B 480 5.11 11.07 -11.49
C LEU B 480 5.90 9.87 -11.99
N VAL B 481 7.12 9.67 -11.49
CA VAL B 481 7.88 8.49 -11.87
C VAL B 481 7.11 7.23 -11.50
N SER B 482 6.54 7.21 -10.29
CA SER B 482 5.74 6.06 -9.89
C SER B 482 4.51 5.91 -10.78
N ALA B 483 3.81 7.00 -11.06
CA ALA B 483 2.64 6.94 -11.91
C ALA B 483 2.98 6.38 -13.29
N ARG B 484 4.14 6.76 -13.82
CA ARG B 484 4.54 6.27 -15.14
C ARG B 484 4.73 4.75 -15.14
N LYS B 485 5.32 4.22 -14.07
CA LYS B 485 5.51 2.77 -14.00
C LYS B 485 4.19 2.04 -13.83
N THR B 486 3.25 2.64 -13.09
CA THR B 486 1.94 2.02 -12.95
C THR B 486 1.15 2.06 -14.27
N ALA B 487 1.35 3.10 -15.06
CA ALA B 487 0.72 3.15 -16.38
C ALA B 487 1.26 2.04 -17.28
N GLU B 488 2.56 1.79 -17.23
CA GLU B 488 3.14 0.68 -17.98
C GLU B 488 2.59 -0.65 -17.48
N ALA B 489 2.37 -0.76 -16.17
CA ALA B 489 1.79 -1.97 -15.61
C ALA B 489 0.36 -2.18 -16.10
N ILE B 490 -0.43 -1.10 -16.16
CA ILE B 490 -1.79 -1.19 -16.70
C ILE B 490 -1.74 -1.65 -18.16
N ASP B 491 -0.76 -1.17 -18.92
CA ASP B 491 -0.64 -1.59 -20.31
C ASP B 491 -0.47 -3.10 -20.43
N ILE B 492 0.42 -3.66 -19.61
CA ILE B 492 0.68 -5.10 -19.68
C ILE B 492 -0.55 -5.88 -19.21
N LEU B 493 -1.26 -5.37 -18.20
CA LEU B 493 -2.47 -6.04 -17.77
C LEU B 493 -3.53 -6.04 -18.86
N LYS B 494 -3.58 -4.99 -19.69
CA LYS B 494 -4.48 -4.99 -20.83
C LYS B 494 -4.05 -6.00 -21.90
N LEU B 495 -2.75 -6.20 -22.07
CA LEU B 495 -2.28 -7.25 -22.97
C LEU B 495 -2.68 -8.62 -22.48
N MET B 496 -2.56 -8.86 -21.17
CA MET B 496 -2.96 -10.15 -20.61
C MET B 496 -4.46 -10.33 -20.68
N SER B 497 -5.23 -9.27 -20.48
CA SER B 497 -6.68 -9.38 -20.55
C SER B 497 -7.15 -9.72 -21.95
N SER B 498 -6.58 -9.05 -22.96
CA SER B 498 -6.99 -9.30 -24.34
C SER B 498 -6.74 -10.75 -24.72
N THR B 499 -5.55 -11.25 -24.44
CA THR B 499 -5.21 -12.62 -24.80
C THR B 499 -6.07 -13.61 -24.01
N TYR B 500 -6.29 -13.33 -22.73
CA TYR B 500 -7.14 -14.19 -21.91
C TYR B 500 -8.56 -14.22 -22.44
N ILE B 501 -9.10 -13.06 -22.83
CA ILE B 501 -10.47 -13.01 -23.31
C ILE B 501 -10.64 -13.85 -24.57
N VAL B 502 -9.66 -13.79 -25.48
CA VAL B 502 -9.73 -14.59 -26.71
C VAL B 502 -9.72 -16.07 -26.38
N ALA B 503 -8.90 -16.48 -25.42
CA ALA B 503 -8.85 -17.88 -25.02
C ALA B 503 -10.16 -18.34 -24.38
N LEU B 504 -10.83 -17.45 -23.64
CA LEU B 504 -12.09 -17.82 -22.99
C LEU B 504 -13.19 -18.04 -24.01
N CYS B 505 -13.25 -17.18 -25.04
CA CYS B 505 -14.24 -17.37 -26.11
C CYS B 505 -13.92 -18.61 -26.93
N GLN B 506 -12.63 -18.90 -27.12
CA GLN B 506 -12.25 -20.16 -27.73
C GLN B 506 -12.75 -21.35 -26.90
N ALA B 507 -12.61 -21.26 -25.58
CA ALA B 507 -13.08 -22.34 -24.71
C ALA B 507 -14.59 -22.49 -24.79
N ILE B 508 -15.31 -21.38 -24.81
CA ILE B 508 -16.76 -21.42 -24.98
C ILE B 508 -17.13 -22.19 -26.24
N ASP B 509 -16.48 -21.85 -27.36
CA ASP B 509 -16.81 -22.51 -28.61
C ASP B 509 -16.43 -23.99 -28.59
N LEU B 510 -15.35 -24.34 -27.90
CA LEU B 510 -14.97 -25.74 -27.79
C LEU B 510 -15.97 -26.54 -26.97
N ARG B 511 -16.55 -25.92 -25.93
CA ARG B 511 -17.61 -26.59 -25.18
C ARG B 511 -18.86 -26.78 -26.03
N HIS B 512 -19.18 -25.78 -26.86
CA HIS B 512 -20.31 -25.91 -27.78
C HIS B 512 -20.08 -27.05 -28.76
N LEU B 513 -18.86 -27.13 -29.31
CA LEU B 513 -18.53 -28.23 -30.22
C LEU B 513 -18.53 -29.56 -29.49
N GLU B 514 -17.98 -29.58 -28.27
CA GLU B 514 -17.95 -30.82 -27.48
C GLU B 514 -19.35 -31.38 -27.29
N GLU B 515 -20.29 -30.52 -26.89
CA GLU B 515 -21.63 -31.00 -26.57
C GLU B 515 -22.31 -31.62 -27.79
N ASN B 516 -22.16 -31.00 -28.96
CA ASN B 516 -22.83 -31.50 -30.15
C ASN B 516 -22.21 -32.81 -30.63
N ILE B 517 -20.89 -32.95 -30.51
CA ILE B 517 -20.25 -34.20 -30.89
C ILE B 517 -20.71 -35.33 -29.98
N LYS B 518 -20.76 -35.08 -28.67
CA LYS B 518 -21.17 -36.13 -27.74
C LYS B 518 -22.61 -36.55 -28.00
N THR B 519 -23.49 -35.59 -28.29
CA THR B 519 -24.87 -35.91 -28.61
C THR B 519 -24.96 -36.79 -29.84
N SER B 520 -24.19 -36.46 -30.89
CA SER B 520 -24.24 -37.23 -32.12
C SER B 520 -23.69 -38.64 -31.92
N VAL B 521 -22.67 -38.80 -31.06
CA VAL B 521 -22.12 -40.12 -30.81
C VAL B 521 -23.12 -40.98 -30.04
N LYS B 522 -23.86 -40.37 -29.12
CA LYS B 522 -24.84 -41.12 -28.33
C LYS B 522 -25.99 -41.61 -29.20
N ASN B 523 -26.59 -40.71 -29.97
CA ASN B 523 -27.64 -41.12 -30.90
C ASN B 523 -27.16 -42.20 -31.84
N THR B 524 -25.95 -42.05 -32.36
CA THR B 524 -25.43 -43.00 -33.35
C THR B 524 -25.17 -44.36 -32.74
N VAL B 525 -24.61 -44.40 -31.54
CA VAL B 525 -24.37 -45.68 -30.88
C VAL B 525 -25.70 -46.34 -30.54
N THR B 526 -26.62 -45.58 -29.94
CA THR B 526 -27.94 -46.12 -29.62
C THR B 526 -28.58 -46.75 -30.85
N GLN B 527 -28.50 -46.07 -31.99
CA GLN B 527 -29.13 -46.55 -33.21
C GLN B 527 -28.52 -47.88 -33.66
N VAL B 528 -27.19 -47.93 -33.74
CA VAL B 528 -26.53 -49.15 -34.21
C VAL B 528 -26.77 -50.30 -33.25
N ALA B 529 -26.76 -50.02 -31.94
CA ALA B 529 -26.96 -51.09 -30.96
C ALA B 529 -28.34 -51.71 -31.11
N LYS B 530 -29.38 -50.89 -31.21
CA LYS B 530 -30.74 -51.42 -31.37
C LYS B 530 -30.88 -52.22 -32.66
N LYS B 531 -30.14 -51.84 -33.70
CA LYS B 531 -30.21 -52.54 -34.98
C LYS B 531 -29.41 -53.83 -34.99
N VAL B 532 -28.41 -53.97 -34.12
CA VAL B 532 -27.52 -55.12 -34.12
C VAL B 532 -27.73 -55.99 -32.89
N LEU B 533 -27.92 -55.39 -31.72
CA LEU B 533 -27.90 -56.10 -30.45
C LEU B 533 -29.31 -56.28 -29.88
N THR B 534 -30.29 -56.49 -30.74
CA THR B 534 -31.67 -56.64 -30.30
C THR B 534 -31.86 -57.99 -29.59
N SER B 547 -28.33 -53.80 -23.59
CA SER B 547 -28.16 -52.93 -22.43
C SER B 547 -27.68 -51.54 -22.86
N GLU B 548 -28.59 -50.77 -23.48
CA GLU B 548 -28.21 -49.45 -23.97
C GLU B 548 -27.78 -48.54 -22.83
N LYS B 549 -28.48 -48.60 -21.70
CA LYS B 549 -28.23 -47.63 -20.63
C LYS B 549 -26.77 -47.61 -20.21
N GLU B 550 -26.06 -48.73 -20.32
CA GLU B 550 -24.66 -48.77 -19.92
C GLU B 550 -23.70 -48.46 -21.06
N LEU B 551 -24.16 -48.53 -22.31
CA LEU B 551 -23.37 -48.00 -23.41
C LEU B 551 -23.35 -46.48 -23.37
N ILE B 552 -24.51 -45.87 -23.14
CA ILE B 552 -24.58 -44.42 -22.95
C ILE B 552 -23.64 -44.00 -21.83
N THR B 553 -23.67 -44.74 -20.72
CA THR B 553 -22.85 -44.38 -19.57
C THR B 553 -21.37 -44.40 -19.92
N ALA B 554 -20.93 -45.42 -20.66
CA ALA B 554 -19.52 -45.49 -21.04
C ALA B 554 -19.10 -44.29 -21.87
N ILE B 555 -20.04 -43.69 -22.60
CA ILE B 555 -19.72 -42.53 -23.43
C ILE B 555 -19.55 -41.28 -22.58
N ASP B 556 -20.35 -41.14 -21.51
CA ASP B 556 -20.23 -39.97 -20.66
C ASP B 556 -18.86 -39.91 -20.00
N ARG B 557 -18.31 -41.06 -19.61
CA ARG B 557 -17.08 -41.10 -18.84
C ARG B 557 -15.83 -40.80 -19.66
N GLU B 558 -15.94 -40.69 -20.98
CA GLU B 558 -14.80 -40.44 -21.84
C GLU B 558 -14.91 -39.04 -22.42
N GLY B 559 -13.80 -38.30 -22.39
CA GLY B 559 -13.79 -36.96 -22.96
C GLY B 559 -13.85 -37.02 -24.48
N VAL B 560 -14.76 -36.23 -25.06
CA VAL B 560 -14.96 -36.24 -26.51
C VAL B 560 -13.63 -36.09 -27.24
N PHE B 561 -12.86 -35.08 -26.86
CA PHE B 561 -11.67 -34.75 -27.65
C PHE B 561 -10.55 -35.76 -27.50
N THR B 562 -10.72 -36.81 -26.71
CA THR B 562 -9.74 -37.91 -26.72
C THR B 562 -9.97 -38.87 -27.87
N TYR B 563 -11.08 -38.75 -28.60
CA TYR B 563 -11.34 -39.63 -29.74
C TYR B 563 -11.97 -38.93 -30.94
N ALA B 564 -12.39 -37.66 -30.83
CA ALA B 564 -13.16 -37.03 -31.89
C ALA B 564 -12.38 -36.85 -33.19
N GLU B 565 -11.05 -36.86 -33.15
CA GLU B 565 -10.28 -36.73 -34.38
C GLU B 565 -10.43 -37.96 -35.26
N ASP B 566 -10.54 -39.14 -34.64
CA ASP B 566 -10.68 -40.39 -35.38
C ASP B 566 -11.59 -41.31 -34.58
N PRO B 567 -12.89 -41.02 -34.55
CA PRO B 567 -13.77 -41.73 -33.61
C PRO B 567 -13.84 -43.23 -33.84
N ALA B 568 -13.61 -43.70 -35.07
CA ALA B 568 -13.69 -45.12 -35.37
C ALA B 568 -12.42 -45.88 -35.03
N SER B 569 -11.36 -45.19 -34.63
CA SER B 569 -10.10 -45.87 -34.34
C SER B 569 -10.26 -46.85 -33.19
N ALA B 570 -9.75 -48.06 -33.36
CA ALA B 570 -9.84 -49.09 -32.34
C ALA B 570 -8.85 -48.88 -31.20
N SER B 571 -7.84 -48.04 -31.38
CA SER B 571 -6.87 -47.76 -30.33
C SER B 571 -7.23 -46.52 -29.52
N LEU B 572 -8.27 -45.78 -29.90
CA LEU B 572 -8.69 -44.63 -29.14
C LEU B 572 -9.81 -45.00 -28.18
N PRO B 573 -10.07 -44.15 -27.18
CA PRO B 573 -10.91 -44.59 -26.05
C PRO B 573 -12.31 -45.03 -26.44
N LEU B 574 -12.95 -44.37 -27.42
CA LEU B 574 -14.35 -44.67 -27.69
C LEU B 574 -14.56 -46.13 -28.06
N MET B 575 -13.87 -46.60 -29.12
CA MET B 575 -14.03 -47.99 -29.53
C MET B 575 -13.50 -48.93 -28.45
N THR B 576 -12.43 -48.55 -27.77
CA THR B 576 -11.83 -49.45 -26.79
C THR B 576 -12.77 -49.69 -25.62
N LYS B 577 -13.49 -48.65 -25.18
CA LYS B 577 -14.34 -48.78 -24.00
C LYS B 577 -15.68 -49.43 -24.36
N LEU B 578 -16.22 -49.12 -25.55
CA LEU B 578 -17.43 -49.80 -25.99
C LEU B 578 -17.20 -51.30 -26.12
N ARG B 579 -16.06 -51.70 -26.71
CA ARG B 579 -15.73 -53.12 -26.77
C ARG B 579 -15.64 -53.73 -25.37
N ALA B 580 -14.95 -53.04 -24.47
CA ALA B 580 -14.74 -53.58 -23.13
C ALA B 580 -16.07 -53.80 -22.41
N VAL B 581 -17.01 -52.87 -22.58
CA VAL B 581 -18.35 -53.05 -22.01
C VAL B 581 -18.94 -54.38 -22.45
N LEU B 582 -18.99 -54.61 -23.76
CA LEU B 582 -19.63 -55.82 -24.28
C LEU B 582 -18.88 -57.07 -23.88
N VAL B 583 -17.54 -57.02 -23.93
CA VAL B 583 -16.75 -58.19 -23.53
C VAL B 583 -17.02 -58.53 -22.07
N ASP B 584 -17.16 -57.52 -21.22
CA ASP B 584 -17.45 -57.78 -19.80
C ASP B 584 -18.78 -58.51 -19.64
N HIS B 585 -19.83 -57.99 -20.29
CA HIS B 585 -21.14 -58.63 -20.19
C HIS B 585 -21.08 -60.07 -20.66
N ALA B 586 -20.39 -60.32 -21.78
CA ALA B 586 -20.32 -61.67 -22.32
C ALA B 586 -19.54 -62.60 -21.41
N LEU B 587 -18.36 -62.17 -20.95
CA LEU B 587 -17.52 -63.06 -20.16
C LEU B 587 -18.20 -63.46 -18.86
N SER B 588 -18.87 -62.52 -18.20
CA SER B 588 -19.58 -62.86 -16.98
C SER B 588 -20.72 -63.84 -17.25
N SER B 589 -21.67 -63.44 -18.09
CA SER B 589 -22.85 -64.23 -18.39
C SER B 589 -22.92 -64.57 -19.88
N GLY B 590 -23.39 -65.77 -20.18
CA GLY B 590 -23.57 -66.18 -21.56
C GLY B 590 -22.30 -66.75 -22.19
N ASP B 591 -22.01 -68.01 -21.90
CA ASP B 591 -20.82 -68.69 -22.43
C ASP B 591 -20.63 -68.39 -23.92
N GLU B 593 -20.48 -70.52 -26.79
CA GLU B 593 -21.29 -70.02 -27.90
C GLU B 593 -22.31 -69.02 -27.40
N ARG B 594 -23.25 -69.50 -26.58
CA ARG B 594 -24.28 -68.67 -25.96
C ARG B 594 -24.88 -67.70 -26.97
N GLU B 595 -25.38 -68.28 -28.06
CA GLU B 595 -25.98 -67.52 -29.16
C GLU B 595 -24.93 -66.71 -29.93
N PRO B 596 -23.72 -67.25 -30.05
CA PRO B 596 -22.63 -66.60 -30.79
C PRO B 596 -22.49 -65.14 -30.37
N SER B 597 -22.32 -64.93 -29.06
CA SER B 597 -22.28 -63.58 -28.52
C SER B 597 -21.12 -62.79 -29.13
N VAL B 598 -19.92 -63.37 -29.14
CA VAL B 598 -18.75 -62.64 -29.62
C VAL B 598 -18.93 -62.19 -31.07
N PHE B 599 -19.50 -63.05 -31.92
CA PHE B 599 -19.67 -62.69 -33.32
C PHE B 599 -20.57 -61.46 -33.48
N SER B 600 -21.53 -61.28 -32.58
CA SER B 600 -22.40 -60.11 -32.65
C SER B 600 -21.66 -58.85 -32.21
N LYS B 601 -20.68 -58.98 -31.31
CA LYS B 601 -19.89 -57.82 -30.91
C LYS B 601 -18.98 -57.37 -32.04
N ILE B 602 -18.09 -58.26 -32.51
CA ILE B 602 -17.09 -57.88 -33.50
C ILE B 602 -17.77 -57.50 -34.80
N THR B 603 -18.41 -58.47 -35.44
CA THR B 603 -18.86 -58.27 -36.81
C THR B 603 -19.80 -57.08 -36.85
N LYS B 604 -21.06 -57.31 -36.50
CA LYS B 604 -22.08 -56.31 -36.77
C LYS B 604 -21.78 -55.01 -36.06
N PHE B 605 -21.66 -55.03 -34.74
CA PHE B 605 -21.65 -53.76 -34.00
C PHE B 605 -20.46 -52.90 -34.39
N GLU B 606 -19.24 -53.43 -34.27
CA GLU B 606 -18.06 -52.61 -34.56
C GLU B 606 -18.01 -52.21 -36.02
N GLU B 607 -18.23 -53.15 -36.94
CA GLU B 607 -18.24 -52.81 -38.36
C GLU B 607 -19.26 -51.72 -38.64
N GLU B 608 -20.47 -51.87 -38.10
CA GLU B 608 -21.51 -50.87 -38.34
C GLU B 608 -21.08 -49.51 -37.79
N LEU B 609 -20.46 -49.48 -36.62
CA LEU B 609 -20.05 -48.22 -36.02
C LEU B 609 -18.95 -47.55 -36.85
N ARG B 610 -17.91 -48.29 -37.22
CA ARG B 610 -16.84 -47.72 -38.02
C ARG B 610 -17.37 -47.12 -39.32
N ALA B 611 -18.46 -47.68 -39.85
CA ALA B 611 -18.99 -47.21 -41.12
C ALA B 611 -19.81 -45.93 -40.98
N VAL B 612 -20.51 -45.75 -39.87
CA VAL B 612 -21.45 -44.64 -39.74
C VAL B 612 -20.86 -43.54 -38.84
N LEU B 613 -20.02 -43.91 -37.89
CA LEU B 613 -19.64 -42.98 -36.83
C LEU B 613 -18.85 -41.79 -37.37
N PRO B 614 -17.81 -41.96 -38.19
CA PRO B 614 -17.07 -40.78 -38.67
C PRO B 614 -17.92 -39.79 -39.45
N ARG B 615 -18.92 -40.25 -40.21
CA ARG B 615 -19.75 -39.29 -40.95
C ARG B 615 -20.65 -38.49 -40.01
N GLU B 616 -21.06 -39.09 -38.89
CA GLU B 616 -21.96 -38.40 -37.97
C GLU B 616 -21.23 -37.31 -37.20
N VAL B 617 -20.04 -37.63 -36.70
CA VAL B 617 -19.22 -36.62 -36.03
C VAL B 617 -18.94 -35.47 -36.98
N GLU B 618 -18.48 -35.78 -38.20
CA GLU B 618 -18.19 -34.75 -39.18
C GLU B 618 -19.41 -33.88 -39.43
N ALA B 619 -20.59 -34.50 -39.52
CA ALA B 619 -21.81 -33.72 -39.72
C ALA B 619 -22.12 -32.85 -38.52
N ALA B 620 -21.73 -33.27 -37.32
CA ALA B 620 -21.89 -32.44 -36.15
C ALA B 620 -20.93 -31.25 -36.18
N ARG B 621 -19.68 -31.49 -36.57
CA ARG B 621 -18.73 -30.39 -36.71
C ARG B 621 -19.21 -29.38 -37.74
N VAL B 622 -19.81 -29.84 -38.83
CA VAL B 622 -20.29 -28.93 -39.86
C VAL B 622 -21.48 -28.11 -39.35
N ALA B 623 -22.41 -28.76 -38.67
CA ALA B 623 -23.56 -28.03 -38.13
C ALA B 623 -23.10 -26.92 -37.19
N VAL B 624 -22.12 -27.20 -36.33
CA VAL B 624 -21.59 -26.18 -35.43
C VAL B 624 -21.00 -25.03 -36.22
N ALA B 625 -20.17 -25.34 -37.21
CA ALA B 625 -19.46 -24.29 -37.94
C ALA B 625 -20.41 -23.35 -38.66
N GLU B 626 -21.55 -23.86 -39.14
CA GLU B 626 -22.51 -23.05 -39.88
C GLU B 626 -23.56 -22.39 -39.00
N GLY B 627 -23.49 -22.58 -37.69
CA GLY B 627 -24.46 -21.98 -36.79
C GLY B 627 -25.79 -22.70 -36.73
N THR B 628 -25.85 -23.96 -37.19
CA THR B 628 -27.09 -24.71 -37.23
C THR B 628 -27.00 -25.97 -36.36
N ALA B 629 -26.29 -25.89 -35.25
CA ALA B 629 -26.08 -27.05 -34.41
C ALA B 629 -27.39 -27.45 -33.73
N PRO B 630 -27.66 -28.75 -33.57
CA PRO B 630 -28.87 -29.15 -32.83
C PRO B 630 -28.87 -28.69 -31.37
N VAL B 631 -27.72 -28.65 -30.72
CA VAL B 631 -27.60 -28.17 -29.35
C VAL B 631 -27.02 -26.76 -29.39
N ALA B 632 -27.83 -25.77 -29.02
CA ALA B 632 -27.40 -24.39 -29.11
C ALA B 632 -26.26 -24.11 -28.14
N ASN B 633 -25.44 -23.12 -28.49
CA ASN B 633 -24.32 -22.72 -27.64
C ASN B 633 -24.86 -22.15 -26.33
N ARG B 634 -24.41 -22.72 -25.22
CA ARG B 634 -24.93 -22.32 -23.92
C ARG B 634 -24.58 -20.89 -23.54
N ILE B 635 -23.67 -20.24 -24.27
CA ILE B 635 -23.35 -18.85 -23.95
C ILE B 635 -24.55 -17.95 -24.20
N ALA B 636 -25.37 -18.28 -25.20
CA ALA B 636 -26.51 -17.43 -25.54
C ALA B 636 -27.50 -17.32 -24.41
N ASP B 637 -27.52 -18.28 -23.48
CA ASP B 637 -28.44 -18.29 -22.37
C ASP B 637 -27.77 -17.96 -21.05
N SER B 638 -26.62 -17.28 -21.09
CA SER B 638 -25.84 -17.00 -19.90
C SER B 638 -25.66 -15.51 -19.73
N ARG B 639 -25.49 -15.08 -18.48
CA ARG B 639 -25.28 -13.68 -18.19
C ARG B 639 -23.94 -13.17 -18.72
N SER B 640 -22.98 -14.06 -18.96
CA SER B 640 -21.70 -13.67 -19.53
C SER B 640 -21.75 -13.42 -21.04
N PHE B 641 -22.91 -13.63 -21.66
CA PHE B 641 -23.03 -13.49 -23.10
C PHE B 641 -22.50 -12.16 -23.64
N PRO B 642 -22.79 -11.01 -23.04
CA PRO B 642 -22.38 -9.73 -23.66
C PRO B 642 -20.90 -9.65 -24.00
N LEU B 643 -20.02 -10.35 -23.27
CA LEU B 643 -18.61 -10.33 -23.61
C LEU B 643 -18.30 -11.23 -24.81
N TYR B 644 -18.93 -12.39 -24.88
CA TYR B 644 -18.78 -13.24 -26.06
C TYR B 644 -19.30 -12.52 -27.30
N ARG B 645 -20.48 -11.90 -27.19
CA ARG B 645 -21.02 -11.11 -28.29
C ARG B 645 -20.04 -10.02 -28.72
N PHE B 646 -19.51 -9.27 -27.75
CA PHE B 646 -18.62 -8.16 -28.06
C PHE B 646 -17.41 -8.64 -28.87
N VAL B 647 -16.86 -9.81 -28.52
CA VAL B 647 -15.67 -10.30 -29.20
C VAL B 647 -16.02 -10.89 -30.55
N ARG B 648 -17.11 -11.65 -30.62
CA ARG B 648 -17.42 -12.40 -31.83
C ARG B 648 -18.15 -11.55 -32.86
N GLU B 649 -19.07 -10.70 -32.42
CA GLU B 649 -19.89 -9.90 -33.34
C GLU B 649 -19.36 -8.48 -33.50
N GLU B 650 -19.24 -7.74 -32.39
CA GLU B 650 -18.81 -6.35 -32.50
C GLU B 650 -17.39 -6.24 -33.03
N LEU B 651 -16.48 -7.11 -32.57
CA LEU B 651 -15.09 -7.06 -33.00
C LEU B 651 -14.76 -8.03 -34.12
N GLY B 652 -15.61 -9.02 -34.37
CA GLY B 652 -15.40 -9.91 -35.49
C GLY B 652 -14.30 -10.93 -35.33
N CYS B 653 -13.91 -11.27 -34.11
CA CYS B 653 -12.97 -12.36 -33.90
C CYS B 653 -13.66 -13.70 -34.14
N VAL B 654 -12.95 -14.64 -34.75
CA VAL B 654 -13.52 -15.92 -35.14
C VAL B 654 -12.82 -17.04 -34.39
N PHE B 655 -13.51 -18.17 -34.28
CA PHE B 655 -12.93 -19.37 -33.70
C PHE B 655 -11.62 -19.71 -34.41
N LEU B 656 -10.59 -20.02 -33.63
CA LEU B 656 -9.24 -20.21 -34.15
C LEU B 656 -8.98 -21.68 -34.41
N THR B 657 -8.43 -21.98 -35.59
CA THR B 657 -8.20 -23.35 -36.00
C THR B 657 -7.08 -23.37 -37.02
N GLY B 658 -6.22 -24.39 -36.91
CA GLY B 658 -5.16 -24.59 -37.89
C GLY B 658 -5.65 -24.91 -39.28
N GLU B 659 -6.95 -25.13 -39.46
CA GLU B 659 -7.51 -25.36 -40.78
C GLU B 659 -7.65 -24.08 -41.58
N LYS B 660 -7.57 -22.93 -40.91
CA LYS B 660 -7.60 -21.62 -41.53
C LYS B 660 -6.23 -20.95 -41.33
N LEU B 661 -6.12 -19.69 -41.73
CA LEU B 661 -4.83 -19.00 -41.69
C LEU B 661 -4.75 -17.92 -40.62
N LYS B 662 -5.87 -17.49 -40.06
CA LYS B 662 -5.85 -16.45 -39.04
C LYS B 662 -4.99 -16.86 -37.86
N SER B 663 -4.18 -15.90 -37.35
CA SER B 663 -3.33 -16.15 -36.20
C SER B 663 -3.95 -15.57 -34.93
N PRO B 664 -3.62 -16.12 -33.76
CA PRO B 664 -4.19 -15.58 -32.52
C PRO B 664 -3.82 -14.13 -32.25
N GLY B 665 -2.64 -13.68 -32.68
CA GLY B 665 -2.25 -12.30 -32.44
C GLY B 665 -3.21 -11.31 -33.07
N GLU B 666 -3.71 -11.61 -34.26
CA GLU B 666 -4.65 -10.71 -34.93
C GLU B 666 -5.90 -10.51 -34.09
N GLU B 667 -6.41 -11.57 -33.47
CA GLU B 667 -7.59 -11.45 -32.64
C GLU B 667 -7.26 -10.81 -31.30
N CYS B 668 -6.12 -11.17 -30.70
CA CYS B 668 -5.69 -10.48 -29.49
C CYS B 668 -5.54 -8.99 -29.74
N THR B 669 -5.01 -8.61 -30.91
CA THR B 669 -4.81 -7.20 -31.21
C THR B 669 -6.14 -6.46 -31.34
N LYS B 670 -7.14 -7.11 -31.92
CA LYS B 670 -8.45 -6.46 -32.07
C LYS B 670 -9.10 -6.22 -30.71
N VAL B 671 -8.98 -7.18 -29.80
CA VAL B 671 -9.53 -7.00 -28.46
C VAL B 671 -8.78 -5.92 -27.72
N PHE B 672 -7.44 -5.99 -27.74
CA PHE B 672 -6.63 -4.99 -27.08
C PHE B 672 -7.02 -3.57 -27.51
N ASN B 673 -7.17 -3.35 -28.80
CA ASN B 673 -7.55 -2.03 -29.28
C ASN B 673 -8.98 -1.69 -28.85
N GLY B 674 -9.87 -2.69 -28.84
CA GLY B 674 -11.19 -2.46 -28.30
C GLY B 674 -11.15 -1.95 -26.87
N ILE B 675 -10.28 -2.55 -26.05
CA ILE B 675 -10.18 -2.14 -24.64
C ILE B 675 -9.66 -0.71 -24.54
N ASN B 676 -8.65 -0.36 -25.32
CA ASN B 676 -8.10 1.00 -25.24
C ASN B 676 -9.10 2.04 -25.68
N GLN B 677 -9.93 1.72 -26.66
CA GLN B 677 -10.96 2.64 -27.13
C GLN B 677 -12.19 2.68 -26.23
N GLY B 678 -12.19 1.94 -25.13
CA GLY B 678 -13.31 1.98 -24.20
C GLY B 678 -14.49 1.13 -24.58
N LYS B 679 -14.32 0.18 -25.49
CA LYS B 679 -15.45 -0.58 -26.01
C LYS B 679 -15.80 -1.80 -25.17
N LEU B 680 -15.00 -2.16 -24.17
CA LEU B 680 -15.29 -3.32 -23.34
C LEU B 680 -16.05 -2.98 -22.07
N VAL B 681 -16.08 -1.71 -21.67
CA VAL B 681 -16.72 -1.34 -20.42
C VAL B 681 -18.19 -1.72 -20.43
N ASP B 682 -18.92 -1.31 -21.47
CA ASP B 682 -20.36 -1.60 -21.52
C ASP B 682 -20.66 -3.09 -21.47
N PRO B 683 -20.06 -3.94 -22.32
CA PRO B 683 -20.38 -5.37 -22.22
C PRO B 683 -19.90 -6.01 -20.93
N MET B 684 -18.85 -5.48 -20.31
CA MET B 684 -18.42 -5.99 -19.00
C MET B 684 -19.51 -5.74 -17.96
N LEU B 685 -19.97 -4.50 -17.87
CA LEU B 685 -21.02 -4.16 -16.91
C LEU B 685 -22.35 -4.77 -17.30
N GLU B 686 -22.55 -5.10 -18.58
CA GLU B 686 -23.80 -5.72 -18.99
C GLU B 686 -23.94 -7.12 -18.40
N CYS B 687 -22.82 -7.81 -18.16
CA CYS B 687 -22.85 -9.10 -17.48
C CYS B 687 -23.51 -9.01 -16.12
N LEU B 688 -23.57 -7.83 -15.50
CA LEU B 688 -24.07 -7.67 -14.15
C LEU B 688 -25.30 -6.76 -14.08
N LYS B 689 -25.96 -6.51 -15.21
CA LYS B 689 -27.07 -5.58 -15.23
C LYS B 689 -28.25 -6.02 -14.37
N GLU B 690 -28.39 -7.32 -14.11
CA GLU B 690 -29.48 -7.83 -13.29
C GLU B 690 -29.14 -7.92 -11.81
N TRP B 691 -27.95 -7.50 -11.40
CA TRP B 691 -27.48 -7.70 -10.03
C TRP B 691 -27.95 -6.57 -9.14
N ASP B 692 -28.48 -6.94 -7.96
CA ASP B 692 -28.98 -5.98 -6.99
C ASP B 692 -27.93 -5.53 -5.98
N GLY B 693 -26.67 -5.88 -6.19
CA GLY B 693 -25.62 -5.53 -5.27
C GLY B 693 -25.59 -6.34 -3.99
N LYS B 694 -26.39 -7.39 -3.87
CA LYS B 694 -26.45 -8.19 -2.66
C LYS B 694 -25.97 -9.60 -2.93
N PRO B 695 -25.37 -10.27 -1.94
CA PRO B 695 -25.11 -11.70 -2.07
C PRO B 695 -26.41 -12.48 -1.98
N LEU B 696 -26.37 -13.69 -2.51
CA LEU B 696 -27.55 -14.57 -2.41
C LEU B 696 -27.73 -14.99 -0.94
N PRO B 697 -28.97 -15.00 -0.45
CA PRO B 697 -29.20 -15.28 0.98
C PRO B 697 -28.72 -16.66 1.39
N ILE B 698 -28.26 -16.76 2.64
CA ILE B 698 -27.82 -18.03 3.21
C ILE B 698 -28.56 -18.41 4.48
N ASN B 699 -29.28 -17.48 5.12
CA ASN B 699 -29.75 -17.69 6.48
C ASN B 699 -30.47 -19.03 6.66
N VAL B 700 -31.12 -19.52 5.62
CA VAL B 700 -31.78 -20.81 5.70
C VAL B 700 -32.06 -21.31 4.27
#